data_3VPH
#
_entry.id   3VPH
#
_cell.length_a   146.738
_cell.length_b   67.843
_cell.length_c   147.343
_cell.angle_alpha   90.00
_cell.angle_beta   94.02
_cell.angle_gamma   90.00
#
_symmetry.space_group_name_H-M   'C 1 2 1'
#
loop_
_entity.id
_entity.type
_entity.pdbx_description
1 polymer 'L-lactate dehydrogenase'
2 non-polymer 'OXAMIC ACID'
3 non-polymer 1,6-di-O-phosphono-beta-D-fructofuranose
4 non-polymer NICOTINAMIDE-ADENINE-DINUCLEOTIDE
5 non-polymer GLYCEROL
6 water water
#
_entity_poly.entity_id   1
_entity_poly.type   'polypeptide(L)'
_entity_poly.pdbx_seq_one_letter_code
;MKVGIVGSGMVGSATAYALALLGVAREVVLVDLDRKLAQAHAEDILHATPFAHPVWVRAGSYGDLEGARAVVLAAGVAQR
PGETRLQLLDRNAQVFAQVVPRVLEAAPEAVLLVATNPVDVMTQVAYRLSALPPGRVVGSGTILDTARFRALLAEHLRVA
PQSVHAYVLGEHGDSEVLVWSSAQVGGVPLLEFAEARGRALSPEDRARIDEGVRRAAYRIIEGKGATYYGIGAGLARLVR
AILTDEKGVYTVSAFTPEVEGVLEVSLSLPRILGAGGVEGTVYPSLSPEEREALRRSAEILKEAAFALGF
;
_entity_poly.pdbx_strand_id   A,B,C,D
#
loop_
_chem_comp.id
_chem_comp.type
_chem_comp.name
_chem_comp.formula
FBP D-saccharide, beta linking 1,6-di-O-phosphono-beta-D-fructofuranose 'C6 H14 O12 P2'
GOL non-polymer GLYCEROL 'C3 H8 O3'
NAD non-polymer NICOTINAMIDE-ADENINE-DINUCLEOTIDE 'C21 H27 N7 O14 P2'
OXM non-polymer 'OXAMIC ACID' 'C2 H3 N O3'
#
# COMPACT_ATOMS: atom_id res chain seq x y z
N MET A 1 12.82 7.16 -10.06
CA MET A 1 12.16 8.28 -10.79
C MET A 1 12.07 9.56 -9.97
N LYS A 2 12.10 10.68 -10.67
CA LYS A 2 12.06 11.98 -10.03
C LYS A 2 10.85 12.83 -10.43
N VAL A 3 10.29 13.52 -9.44
CA VAL A 3 9.16 14.42 -9.68
C VAL A 3 9.55 15.80 -9.18
N GLY A 4 9.23 16.83 -9.96
CA GLY A 4 9.53 18.18 -9.53
C GLY A 4 8.25 18.90 -9.18
N ILE A 5 8.33 19.84 -8.23
CA ILE A 5 7.19 20.63 -7.82
C ILE A 5 7.63 22.08 -7.72
N VAL A 6 7.11 22.94 -8.59
CA VAL A 6 7.46 24.36 -8.56
C VAL A 6 6.35 25.09 -7.82
N GLY A 7 6.73 25.76 -6.74
CA GLY A 7 5.77 26.45 -5.91
C GLY A 7 5.62 25.56 -4.68
N SER A 8 6.29 25.93 -3.60
CA SER A 8 6.27 25.15 -2.37
C SER A 8 5.38 25.75 -1.28
N GLY A 9 4.17 26.13 -1.66
CA GLY A 9 3.21 26.66 -0.72
C GLY A 9 2.43 25.49 -0.15
N MET A 10 1.21 25.74 0.33
CA MET A 10 0.39 24.67 0.90
C MET A 10 0.05 23.57 -0.11
N VAL A 11 -0.30 23.97 -1.34
CA VAL A 11 -0.64 23.00 -2.39
C VAL A 11 0.59 22.19 -2.83
N GLY A 12 1.68 22.88 -3.17
CA GLY A 12 2.87 22.17 -3.58
C GLY A 12 3.40 21.25 -2.48
N SER A 13 3.40 21.74 -1.24
CA SER A 13 3.92 20.94 -0.13
C SER A 13 3.00 19.78 0.23
N ALA A 14 1.69 20.01 0.22
CA ALA A 14 0.75 18.93 0.54
C ALA A 14 0.89 17.85 -0.54
N THR A 15 1.19 18.27 -1.76
CA THR A 15 1.37 17.33 -2.86
C THR A 15 2.60 16.46 -2.61
N ALA A 16 3.72 17.09 -2.23
CA ALA A 16 4.97 16.36 -1.94
C ALA A 16 4.75 15.38 -0.79
N TYR A 17 3.96 15.82 0.20
CA TYR A 17 3.66 15.00 1.37
C TYR A 17 2.92 13.74 0.93
N ALA A 18 1.95 13.89 0.03
CA ALA A 18 1.18 12.74 -0.47
C ALA A 18 2.10 11.80 -1.24
N LEU A 19 2.90 12.36 -2.14
CA LEU A 19 3.82 11.56 -2.92
C LEU A 19 4.75 10.78 -2.00
N ALA A 20 5.22 11.42 -0.93
CA ALA A 20 6.11 10.77 0.02
C ALA A 20 5.44 9.61 0.75
N LEU A 21 4.28 9.90 1.36
CA LEU A 21 3.53 8.90 2.11
C LEU A 21 3.15 7.68 1.27
N LEU A 22 2.88 7.91 -0.01
CA LEU A 22 2.48 6.83 -0.90
C LEU A 22 3.64 6.22 -1.68
N GLY A 23 4.84 6.79 -1.49
CA GLY A 23 6.03 6.30 -2.17
C GLY A 23 5.94 6.25 -3.69
N VAL A 24 5.35 7.28 -4.28
CA VAL A 24 5.18 7.35 -5.73
C VAL A 24 6.50 7.45 -6.49
N ALA A 25 7.45 8.21 -5.95
CA ALA A 25 8.73 8.39 -6.62
C ALA A 25 9.89 8.38 -5.63
N ARG A 26 11.06 7.94 -6.08
CA ARG A 26 12.25 7.85 -5.23
C ARG A 26 12.83 9.22 -4.91
N GLU A 27 12.51 10.22 -5.73
CA GLU A 27 13.03 11.57 -5.50
C GLU A 27 12.00 12.65 -5.78
N VAL A 28 11.90 13.63 -4.87
CA VAL A 28 10.97 14.73 -5.02
C VAL A 28 11.74 16.03 -4.78
N VAL A 29 11.66 16.94 -5.74
CA VAL A 29 12.38 18.22 -5.66
C VAL A 29 11.40 19.39 -5.61
N LEU A 30 11.53 20.22 -4.57
CA LEU A 30 10.69 21.39 -4.37
C LEU A 30 11.44 22.68 -4.74
N VAL A 31 10.81 23.51 -5.56
CA VAL A 31 11.43 24.75 -5.99
C VAL A 31 10.49 25.92 -5.68
N ASP A 32 11.04 26.96 -5.06
CA ASP A 32 10.24 28.13 -4.73
C ASP A 32 11.10 29.39 -4.70
N LEU A 33 10.48 30.53 -5.01
CA LEU A 33 11.18 31.81 -5.00
C LEU A 33 11.78 32.01 -3.62
N ASP A 34 11.03 31.56 -2.61
CA ASP A 34 11.46 31.66 -1.23
C ASP A 34 12.19 30.34 -0.95
N ARG A 35 13.51 30.33 -1.16
CA ARG A 35 14.30 29.12 -0.97
C ARG A 35 14.20 28.52 0.43
N LYS A 36 14.10 29.37 1.44
CA LYS A 36 14.02 28.93 2.82
C LYS A 36 12.70 28.21 3.07
N LEU A 37 11.65 28.65 2.38
CA LEU A 37 10.34 28.03 2.51
C LEU A 37 10.39 26.60 1.96
N ALA A 38 10.94 26.46 0.74
CA ALA A 38 11.05 25.14 0.12
C ALA A 38 11.95 24.22 0.92
N GLN A 39 13.02 24.75 1.49
CA GLN A 39 13.94 23.91 2.27
C GLN A 39 13.25 23.40 3.53
N ALA A 40 12.50 24.27 4.19
CA ALA A 40 11.77 23.89 5.39
C ALA A 40 10.72 22.81 5.10
N HIS A 41 9.90 23.01 4.08
CA HIS A 41 8.89 22.01 3.76
C HIS A 41 9.59 20.69 3.40
N ALA A 42 10.67 20.79 2.63
CA ALA A 42 11.40 19.60 2.19
C ALA A 42 11.98 18.78 3.35
N GLU A 43 12.54 19.45 4.35
CA GLU A 43 13.09 18.75 5.51
C GLU A 43 11.94 18.16 6.33
N ASP A 44 10.88 18.93 6.48
CA ASP A 44 9.72 18.49 7.25
C ASP A 44 9.17 17.20 6.61
N ILE A 45 9.13 17.14 5.28
CA ILE A 45 8.61 15.97 4.60
C ILE A 45 9.62 14.81 4.59
N LEU A 46 10.91 15.14 4.48
CA LEU A 46 11.95 14.11 4.52
C LEU A 46 11.87 13.34 5.85
N HIS A 47 11.57 14.07 6.92
CA HIS A 47 11.49 13.48 8.26
C HIS A 47 10.32 12.52 8.42
N ALA A 48 9.40 12.56 7.48
CA ALA A 48 8.26 11.66 7.53
C ALA A 48 8.60 10.34 6.86
N THR A 49 9.59 10.34 5.98
CA THR A 49 9.91 9.14 5.22
C THR A 49 10.27 7.86 5.96
N PRO A 50 10.93 7.94 7.13
CA PRO A 50 11.26 6.68 7.83
C PRO A 50 9.99 5.94 8.26
N PHE A 51 8.89 6.67 8.37
CA PHE A 51 7.60 6.08 8.76
C PHE A 51 6.88 5.48 7.56
N ALA A 52 7.37 5.74 6.35
CA ALA A 52 6.69 5.26 5.16
C ALA A 52 7.55 4.59 4.08
N HIS A 53 8.07 5.39 3.17
CA HIS A 53 8.89 4.83 2.08
C HIS A 53 10.14 5.67 1.88
N PRO A 54 11.23 5.04 1.43
CA PRO A 54 12.44 5.83 1.21
C PRO A 54 12.22 6.79 0.05
N VAL A 55 12.40 8.07 0.31
CA VAL A 55 12.23 9.10 -0.72
C VAL A 55 13.23 10.22 -0.45
N TRP A 56 14.01 10.58 -1.47
CA TRP A 56 14.97 11.67 -1.34
C TRP A 56 14.19 12.96 -1.60
N VAL A 57 13.79 13.65 -0.53
CA VAL A 57 13.04 14.90 -0.66
C VAL A 57 14.00 16.06 -0.42
N ARG A 58 14.08 16.98 -1.37
CA ARG A 58 14.97 18.13 -1.22
C ARG A 58 14.46 19.39 -1.93
N ALA A 59 15.01 20.53 -1.53
CA ALA A 59 14.66 21.82 -2.14
C ALA A 59 15.73 22.08 -3.20
N GLY A 60 15.38 22.84 -4.22
CA GLY A 60 16.36 23.11 -5.27
C GLY A 60 16.01 24.24 -6.21
N SER A 61 16.78 24.34 -7.28
CA SER A 61 16.57 25.36 -8.29
C SER A 61 15.98 24.67 -9.50
N TYR A 62 15.61 25.43 -10.52
CA TYR A 62 15.05 24.82 -11.73
C TYR A 62 15.99 23.77 -12.28
N GLY A 63 17.28 24.05 -12.25
CA GLY A 63 18.26 23.11 -12.75
C GLY A 63 18.19 21.77 -12.06
N ASP A 64 17.74 21.77 -10.81
CA ASP A 64 17.63 20.53 -10.05
C ASP A 64 16.44 19.67 -10.51
N LEU A 65 15.64 20.23 -11.43
CA LEU A 65 14.49 19.51 -11.97
C LEU A 65 14.91 18.55 -13.08
N GLU A 66 16.19 18.62 -13.47
CA GLU A 66 16.70 17.75 -14.52
C GLU A 66 16.30 16.30 -14.32
N GLY A 67 15.83 15.67 -15.39
CA GLY A 67 15.43 14.27 -15.34
C GLY A 67 14.06 13.95 -14.77
N ALA A 68 13.32 14.97 -14.34
CA ALA A 68 11.99 14.75 -13.76
C ALA A 68 10.99 14.25 -14.82
N ARG A 69 10.27 13.18 -14.52
CA ARG A 69 9.28 12.67 -15.47
C ARG A 69 8.01 13.53 -15.46
N ALA A 70 7.81 14.25 -14.37
CA ALA A 70 6.65 15.12 -14.23
C ALA A 70 7.01 16.29 -13.31
N VAL A 71 6.45 17.45 -13.63
CA VAL A 71 6.68 18.64 -12.83
C VAL A 71 5.34 19.30 -12.57
N VAL A 72 5.00 19.45 -11.30
CA VAL A 72 3.76 20.07 -10.88
C VAL A 72 3.96 21.57 -10.74
N LEU A 73 3.12 22.34 -11.42
CA LEU A 73 3.19 23.79 -11.34
C LEU A 73 2.13 24.24 -10.34
N ALA A 74 2.58 24.56 -9.13
CA ALA A 74 1.68 24.98 -8.06
C ALA A 74 2.12 26.35 -7.52
N ALA A 75 2.76 27.13 -8.38
CA ALA A 75 3.24 28.46 -8.01
C ALA A 75 2.14 29.48 -8.27
N GLY A 76 1.94 30.38 -7.31
CA GLY A 76 0.92 31.40 -7.47
C GLY A 76 1.25 32.66 -6.71
N VAL A 77 0.59 33.75 -7.07
CA VAL A 77 0.82 35.02 -6.40
C VAL A 77 -0.08 35.11 -5.17
N ALA A 78 0.46 35.67 -4.10
CA ALA A 78 -0.28 35.82 -2.85
C ALA A 78 -1.45 36.78 -3.03
N GLN A 79 -2.62 36.38 -2.56
CA GLN A 79 -3.83 37.21 -2.67
C GLN A 79 -3.83 38.28 -1.59
N ARG A 80 -4.38 39.45 -1.92
CA ARG A 80 -4.45 40.55 -0.98
C ARG A 80 -5.85 41.18 -0.94
N PRO A 81 -6.16 41.91 0.14
CA PRO A 81 -7.47 42.55 0.27
C PRO A 81 -7.71 43.60 -0.82
N GLY A 82 -8.58 43.26 -1.77
CA GLY A 82 -8.87 44.17 -2.86
C GLY A 82 -8.19 43.76 -4.15
N GLU A 83 -8.40 42.52 -4.56
CA GLU A 83 -7.80 41.99 -5.77
C GLU A 83 -8.83 41.22 -6.61
N THR A 84 -9.33 41.85 -7.67
CA THR A 84 -10.32 41.22 -8.54
C THR A 84 -9.75 39.92 -9.11
N ARG A 85 -10.64 39.07 -9.61
CA ARG A 85 -10.24 37.79 -10.19
C ARG A 85 -9.33 37.96 -11.41
N LEU A 86 -9.56 39.02 -12.18
CA LEU A 86 -8.76 39.27 -13.39
C LEU A 86 -7.34 39.68 -13.01
N GLN A 87 -7.21 40.54 -12.00
CA GLN A 87 -5.91 40.99 -11.55
C GLN A 87 -5.02 39.79 -11.19
N LEU A 88 -5.63 38.79 -10.54
CA LEU A 88 -4.90 37.59 -10.17
C LEU A 88 -4.44 36.87 -11.43
N LEU A 89 -5.38 36.65 -12.35
CA LEU A 89 -5.11 35.97 -13.60
C LEU A 89 -3.89 36.54 -14.33
N ASP A 90 -3.83 37.86 -14.46
CA ASP A 90 -2.72 38.50 -15.15
C ASP A 90 -1.39 38.24 -14.44
N ARG A 91 -1.40 38.40 -13.12
CA ARG A 91 -0.20 38.19 -12.31
C ARG A 91 0.32 36.76 -12.43
N ASN A 92 -0.58 35.78 -12.35
CA ASN A 92 -0.15 34.39 -12.46
C ASN A 92 0.35 34.04 -13.85
N ALA A 93 -0.21 34.68 -14.87
CA ALA A 93 0.23 34.44 -16.24
C ALA A 93 1.67 34.94 -16.36
N GLN A 94 1.98 36.03 -15.66
CA GLN A 94 3.34 36.58 -15.69
C GLN A 94 4.26 35.54 -15.04
N VAL A 95 3.80 34.97 -13.93
CA VAL A 95 4.58 33.95 -13.23
C VAL A 95 4.89 32.76 -14.14
N PHE A 96 3.88 32.31 -14.89
CA PHE A 96 4.07 31.17 -15.77
C PHE A 96 5.00 31.47 -16.95
N ALA A 97 4.95 32.71 -17.44
CA ALA A 97 5.82 33.11 -18.55
C ALA A 97 7.28 32.92 -18.14
N GLN A 98 7.53 32.99 -16.82
CA GLN A 98 8.88 32.80 -16.28
C GLN A 98 9.14 31.33 -15.98
N VAL A 99 8.22 30.71 -15.26
CA VAL A 99 8.35 29.30 -14.86
C VAL A 99 8.39 28.24 -15.98
N VAL A 100 7.45 28.32 -16.92
CA VAL A 100 7.38 27.31 -17.97
C VAL A 100 8.67 27.10 -18.76
N PRO A 101 9.24 28.17 -19.32
CA PRO A 101 10.47 27.96 -20.08
C PRO A 101 11.62 27.49 -19.18
N ARG A 102 11.66 27.98 -17.95
CA ARG A 102 12.72 27.57 -17.03
C ARG A 102 12.61 26.08 -16.66
N VAL A 103 11.39 25.60 -16.52
CA VAL A 103 11.18 24.19 -16.18
C VAL A 103 11.56 23.29 -17.36
N LEU A 104 11.09 23.66 -18.54
CA LEU A 104 11.35 22.90 -19.75
C LEU A 104 12.82 22.93 -20.20
N GLU A 105 13.55 23.95 -19.78
CA GLU A 105 14.95 24.04 -20.14
C GLU A 105 15.71 22.96 -19.38
N ALA A 106 15.29 22.72 -18.13
CA ALA A 106 15.93 21.73 -17.27
C ALA A 106 15.39 20.30 -17.48
N ALA A 107 14.10 20.20 -17.75
CA ALA A 107 13.47 18.89 -17.97
C ALA A 107 12.56 18.95 -19.19
N PRO A 108 13.17 18.99 -20.39
CA PRO A 108 12.51 19.05 -21.71
C PRO A 108 11.49 17.95 -21.97
N GLU A 109 11.71 16.79 -21.37
CA GLU A 109 10.82 15.65 -21.55
C GLU A 109 9.78 15.47 -20.45
N ALA A 110 9.70 16.42 -19.53
CA ALA A 110 8.74 16.29 -18.44
C ALA A 110 7.30 16.59 -18.84
N VAL A 111 6.37 15.89 -18.20
CA VAL A 111 4.96 16.13 -18.42
C VAL A 111 4.65 17.24 -17.41
N LEU A 112 3.93 18.27 -17.83
CA LEU A 112 3.60 19.37 -16.92
C LEU A 112 2.21 19.16 -16.34
N LEU A 113 2.11 19.26 -15.02
CA LEU A 113 0.83 19.10 -14.32
C LEU A 113 0.53 20.44 -13.67
N VAL A 114 -0.44 21.14 -14.25
CA VAL A 114 -0.84 22.46 -13.78
C VAL A 114 -1.87 22.46 -12.66
N ALA A 115 -1.55 23.18 -11.58
CA ALA A 115 -2.46 23.29 -10.43
C ALA A 115 -2.89 24.73 -10.17
N THR A 116 -1.98 25.68 -10.43
CA THR A 116 -2.27 27.10 -10.22
C THR A 116 -3.64 27.52 -10.78
N ASN A 117 -4.36 28.32 -10.00
CA ASN A 117 -5.67 28.80 -10.42
C ASN A 117 -5.57 30.15 -11.13
N PRO A 118 -6.49 30.43 -12.07
CA PRO A 118 -7.61 29.57 -12.51
C PRO A 118 -6.99 28.44 -13.33
N VAL A 119 -7.04 27.21 -12.81
CA VAL A 119 -6.40 26.08 -13.45
C VAL A 119 -6.64 25.89 -14.96
N ASP A 120 -7.86 26.10 -15.43
CA ASP A 120 -8.13 25.94 -16.86
C ASP A 120 -7.41 26.98 -17.71
N VAL A 121 -7.46 28.23 -17.29
CA VAL A 121 -6.79 29.30 -18.03
C VAL A 121 -5.27 29.13 -17.93
N MET A 122 -4.78 28.76 -16.74
CA MET A 122 -3.34 28.57 -16.58
C MET A 122 -2.85 27.39 -17.38
N THR A 123 -3.72 26.38 -17.55
CA THR A 123 -3.32 25.23 -18.36
C THR A 123 -3.18 25.69 -19.81
N GLN A 124 -4.05 26.60 -20.24
CA GLN A 124 -3.99 27.11 -21.60
C GLN A 124 -2.68 27.91 -21.80
N VAL A 125 -2.38 28.75 -20.82
CA VAL A 125 -1.15 29.54 -20.86
C VAL A 125 0.07 28.61 -20.93
N ALA A 126 0.11 27.61 -20.05
CA ALA A 126 1.22 26.65 -20.02
C ALA A 126 1.35 25.98 -21.37
N TYR A 127 0.21 25.56 -21.93
CA TYR A 127 0.21 24.90 -23.23
C TYR A 127 0.81 25.79 -24.32
N ARG A 128 0.29 27.01 -24.45
CA ARG A 128 0.76 27.96 -25.46
C ARG A 128 2.26 28.24 -25.33
N LEU A 129 2.71 28.52 -24.11
CA LEU A 129 4.12 28.81 -23.87
C LEU A 129 5.05 27.62 -24.03
N SER A 130 4.57 26.41 -23.72
CA SER A 130 5.40 25.21 -23.79
C SER A 130 5.79 24.68 -25.16
N ALA A 131 4.93 24.90 -26.15
CA ALA A 131 5.20 24.42 -27.51
C ALA A 131 5.46 22.92 -27.50
N LEU A 132 4.66 22.19 -26.72
CA LEU A 132 4.78 20.74 -26.63
C LEU A 132 3.48 20.13 -27.15
N PRO A 133 3.50 18.83 -27.44
CA PRO A 133 2.26 18.22 -27.93
C PRO A 133 1.19 18.51 -26.87
N PRO A 134 -0.06 18.81 -27.29
CA PRO A 134 -1.18 19.12 -26.40
C PRO A 134 -1.31 18.28 -25.14
N GLY A 135 -1.08 16.97 -25.28
CA GLY A 135 -1.19 16.06 -24.15
C GLY A 135 -0.12 16.12 -23.07
N ARG A 136 1.01 16.77 -23.37
CA ARG A 136 2.09 16.89 -22.41
C ARG A 136 1.81 17.92 -21.32
N VAL A 137 0.75 18.71 -21.49
CA VAL A 137 0.39 19.74 -20.52
C VAL A 137 -0.99 19.45 -19.93
N VAL A 138 -1.01 18.92 -18.71
CA VAL A 138 -2.28 18.57 -18.06
C VAL A 138 -2.60 19.44 -16.86
N GLY A 139 -3.87 19.85 -16.76
CA GLY A 139 -4.31 20.65 -15.64
C GLY A 139 -5.18 19.78 -14.73
N SER A 140 -5.10 19.98 -13.42
CA SER A 140 -5.89 19.17 -12.51
C SER A 140 -7.38 19.26 -12.88
N GLY A 141 -7.80 20.43 -13.34
CA GLY A 141 -9.18 20.61 -13.77
C GLY A 141 -10.23 20.24 -12.75
N THR A 142 -11.23 19.46 -13.17
CA THR A 142 -12.30 19.07 -12.27
C THR A 142 -12.06 17.74 -11.55
N ILE A 143 -10.80 17.28 -11.51
CA ILE A 143 -10.55 16.00 -10.85
C ILE A 143 -10.96 16.10 -9.38
N LEU A 144 -10.76 17.27 -8.78
CA LEU A 144 -11.12 17.49 -7.39
C LEU A 144 -12.63 17.68 -7.23
N ASP A 145 -13.27 18.32 -8.21
CA ASP A 145 -14.72 18.53 -8.14
C ASP A 145 -15.42 17.18 -8.27
N THR A 146 -14.88 16.32 -9.14
CA THR A 146 -15.44 14.98 -9.34
C THR A 146 -15.34 14.20 -8.02
N ALA A 147 -14.20 14.35 -7.35
CA ALA A 147 -14.00 13.68 -6.05
C ALA A 147 -15.03 14.20 -5.06
N ARG A 148 -15.23 15.51 -5.03
CA ARG A 148 -16.19 16.11 -4.12
C ARG A 148 -17.60 15.58 -4.38
N PHE A 149 -17.96 15.51 -5.66
CA PHE A 149 -19.27 15.01 -6.09
C PHE A 149 -19.45 13.56 -5.61
N ARG A 150 -18.41 12.74 -5.79
CA ARG A 150 -18.47 11.34 -5.37
C ARG A 150 -18.51 11.21 -3.85
N ALA A 151 -17.78 12.07 -3.15
CA ALA A 151 -17.74 12.01 -1.69
C ALA A 151 -19.08 12.39 -1.08
N LEU A 152 -19.75 13.41 -1.65
CA LEU A 152 -21.04 13.83 -1.12
C LEU A 152 -22.11 12.79 -1.42
N LEU A 153 -22.03 12.18 -2.59
CA LEU A 153 -22.98 11.14 -2.95
C LEU A 153 -22.73 9.92 -2.05
N ALA A 154 -21.46 9.61 -1.80
CA ALA A 154 -21.09 8.48 -0.94
C ALA A 154 -21.67 8.65 0.47
N GLU A 155 -21.56 9.86 1.01
CA GLU A 155 -22.10 10.13 2.34
C GLU A 155 -23.61 9.94 2.35
N HIS A 156 -24.27 10.39 1.29
CA HIS A 156 -25.73 10.23 1.19
C HIS A 156 -26.14 8.77 0.98
N LEU A 157 -25.35 8.01 0.22
CA LEU A 157 -25.67 6.62 -0.08
C LEU A 157 -25.07 5.59 0.88
N ARG A 158 -24.09 6.02 1.68
CA ARG A 158 -23.39 5.13 2.60
C ARG A 158 -22.71 4.03 1.79
N VAL A 159 -22.02 4.45 0.73
CA VAL A 159 -21.28 3.55 -0.13
C VAL A 159 -19.92 4.19 -0.38
N ALA A 160 -18.90 3.37 -0.64
CA ALA A 160 -17.55 3.87 -0.90
C ALA A 160 -17.56 4.77 -2.13
N PRO A 161 -16.86 5.92 -2.06
CA PRO A 161 -16.77 6.90 -3.17
C PRO A 161 -16.33 6.28 -4.47
N GLN A 162 -15.40 5.32 -4.38
CA GLN A 162 -14.88 4.65 -5.56
C GLN A 162 -15.89 3.76 -6.30
N SER A 163 -17.05 3.54 -5.69
CA SER A 163 -18.09 2.73 -6.34
C SER A 163 -19.11 3.66 -7.00
N VAL A 164 -18.93 4.97 -6.82
CA VAL A 164 -19.85 5.96 -7.37
C VAL A 164 -19.28 6.56 -8.65
N HIS A 165 -19.79 6.10 -9.79
CA HIS A 165 -19.28 6.58 -11.06
C HIS A 165 -20.03 7.80 -11.57
N ALA A 166 -19.60 8.94 -11.03
CA ALA A 166 -20.18 10.24 -11.35
C ALA A 166 -19.04 11.18 -11.74
N TYR A 167 -19.31 12.09 -12.67
CA TYR A 167 -18.29 13.03 -13.13
C TYR A 167 -18.73 14.48 -13.11
N VAL A 168 -17.74 15.36 -13.04
CA VAL A 168 -17.95 16.80 -13.11
C VAL A 168 -17.06 17.18 -14.29
N LEU A 169 -17.59 17.98 -15.21
CA LEU A 169 -16.85 18.38 -16.41
C LEU A 169 -16.86 19.89 -16.62
N GLY A 170 -16.06 20.34 -17.60
CA GLY A 170 -16.00 21.75 -17.91
C GLY A 170 -15.00 22.55 -17.10
N GLU A 171 -15.41 23.73 -16.65
CA GLU A 171 -14.57 24.63 -15.87
C GLU A 171 -14.46 24.23 -14.40
N HIS A 172 -13.24 24.29 -13.86
CA HIS A 172 -13.04 24.01 -12.45
C HIS A 172 -13.49 25.31 -11.80
N GLY A 173 -14.79 25.43 -11.57
CA GLY A 173 -15.32 26.66 -11.00
C GLY A 173 -16.83 26.78 -11.10
N ASP A 174 -17.32 28.01 -11.01
CA ASP A 174 -18.75 28.30 -11.03
C ASP A 174 -19.60 27.67 -12.14
N SER A 175 -19.05 27.57 -13.34
CA SER A 175 -19.82 27.02 -14.46
C SER A 175 -19.64 25.52 -14.69
N GLU A 176 -18.98 24.84 -13.75
CA GLU A 176 -18.74 23.40 -13.89
C GLU A 176 -20.02 22.59 -14.10
N VAL A 177 -19.90 21.47 -14.80
CA VAL A 177 -21.05 20.63 -15.09
C VAL A 177 -21.11 19.29 -14.36
N LEU A 178 -22.08 19.15 -13.46
CA LEU A 178 -22.28 17.90 -12.74
C LEU A 178 -23.09 17.00 -13.66
N VAL A 179 -22.48 15.92 -14.13
CA VAL A 179 -23.14 15.00 -15.04
C VAL A 179 -24.05 14.00 -14.33
N TRP A 180 -25.23 14.47 -13.93
CA TRP A 180 -26.19 13.61 -13.26
C TRP A 180 -26.74 12.56 -14.23
N SER A 181 -26.96 12.95 -15.48
CA SER A 181 -27.55 12.06 -16.48
C SER A 181 -26.98 10.64 -16.58
N SER A 182 -25.67 10.51 -16.71
CA SER A 182 -25.06 9.19 -16.83
C SER A 182 -24.40 8.66 -15.57
N ALA A 183 -24.62 9.32 -14.44
CA ALA A 183 -24.04 8.87 -13.17
C ALA A 183 -24.58 7.48 -12.87
N GLN A 184 -23.70 6.56 -12.48
CA GLN A 184 -24.12 5.19 -12.18
C GLN A 184 -23.37 4.55 -11.02
N VAL A 185 -24.02 3.56 -10.41
CA VAL A 185 -23.46 2.79 -9.31
C VAL A 185 -23.91 1.34 -9.55
N GLY A 186 -22.97 0.40 -9.58
CA GLY A 186 -23.33 -0.99 -9.81
C GLY A 186 -23.99 -1.21 -11.16
N GLY A 187 -23.73 -0.32 -12.12
CA GLY A 187 -24.30 -0.47 -13.44
C GLY A 187 -25.72 0.05 -13.59
N VAL A 188 -26.25 0.70 -12.57
CA VAL A 188 -27.61 1.23 -12.63
C VAL A 188 -27.63 2.75 -12.46
N PRO A 189 -28.65 3.41 -13.03
CA PRO A 189 -28.76 4.87 -12.92
C PRO A 189 -28.73 5.31 -11.46
N LEU A 190 -27.91 6.33 -11.17
CA LEU A 190 -27.74 6.85 -9.82
C LEU A 190 -29.04 7.01 -9.03
N LEU A 191 -30.01 7.72 -9.59
CA LEU A 191 -31.27 7.93 -8.89
C LEU A 191 -31.97 6.62 -8.56
N GLU A 192 -31.91 5.68 -9.49
CA GLU A 192 -32.50 4.36 -9.32
C GLU A 192 -31.73 3.57 -8.25
N PHE A 193 -30.41 3.75 -8.19
CA PHE A 193 -29.60 3.06 -7.19
C PHE A 193 -29.96 3.60 -5.81
N ALA A 194 -30.04 4.92 -5.70
CA ALA A 194 -30.38 5.58 -4.45
C ALA A 194 -31.70 5.07 -3.87
N GLU A 195 -32.71 4.91 -4.73
CA GLU A 195 -34.00 4.42 -4.28
C GLU A 195 -33.88 3.00 -3.75
N ALA A 196 -33.19 2.15 -4.49
CA ALA A 196 -32.99 0.77 -4.08
C ALA A 196 -32.31 0.73 -2.73
N ARG A 197 -31.41 1.69 -2.49
CA ARG A 197 -30.67 1.75 -1.23
C ARG A 197 -31.52 2.25 -0.07
N GLY A 198 -32.67 2.82 -0.37
CA GLY A 198 -33.53 3.34 0.67
C GLY A 198 -33.01 4.71 1.08
N ARG A 199 -32.19 5.30 0.22
CA ARG A 199 -31.61 6.61 0.47
C ARG A 199 -31.75 7.42 -0.82
N ALA A 200 -32.98 7.54 -1.28
CA ALA A 200 -33.32 8.26 -2.50
C ALA A 200 -32.76 9.67 -2.53
N LEU A 201 -32.44 10.14 -3.72
CA LEU A 201 -31.91 11.49 -3.90
C LEU A 201 -33.04 12.39 -4.40
N SER A 202 -33.66 13.11 -3.47
CA SER A 202 -34.75 14.02 -3.82
C SER A 202 -34.20 15.25 -4.54
N PRO A 203 -35.08 16.02 -5.21
CA PRO A 203 -34.63 17.22 -5.92
C PRO A 203 -33.95 18.18 -4.93
N GLU A 204 -34.41 18.14 -3.68
CA GLU A 204 -33.85 18.98 -2.63
C GLU A 204 -32.43 18.49 -2.32
N ASP A 205 -32.28 17.16 -2.24
CA ASP A 205 -30.99 16.56 -1.96
C ASP A 205 -30.00 16.86 -3.07
N ARG A 206 -30.47 16.79 -4.31
CA ARG A 206 -29.62 17.04 -5.45
C ARG A 206 -29.15 18.48 -5.51
N ALA A 207 -30.04 19.43 -5.18
CA ALA A 207 -29.68 20.83 -5.19
C ALA A 207 -28.67 21.12 -4.09
N ARG A 208 -28.82 20.42 -2.97
CA ARG A 208 -27.93 20.57 -1.84
C ARG A 208 -26.54 20.02 -2.20
N ILE A 209 -26.52 18.89 -2.88
CA ILE A 209 -25.26 18.28 -3.28
C ILE A 209 -24.56 19.17 -4.31
N ASP A 210 -25.35 19.77 -5.21
CA ASP A 210 -24.79 20.65 -6.22
C ASP A 210 -24.05 21.80 -5.52
N GLU A 211 -24.70 22.38 -4.50
CA GLU A 211 -24.12 23.47 -3.74
C GLU A 211 -22.85 23.01 -3.04
N GLY A 212 -22.89 21.81 -2.48
CA GLY A 212 -21.73 21.27 -1.77
C GLY A 212 -20.51 21.19 -2.65
N VAL A 213 -20.70 20.83 -3.91
CA VAL A 213 -19.59 20.72 -4.86
C VAL A 213 -19.14 22.10 -5.32
N ARG A 214 -20.13 22.87 -5.77
CA ARG A 214 -19.93 24.22 -6.30
C ARG A 214 -19.35 25.20 -5.29
N ARG A 215 -19.77 25.08 -4.03
CA ARG A 215 -19.28 25.98 -3.00
C ARG A 215 -18.26 25.31 -2.08
N ALA A 216 -17.76 24.14 -2.49
CA ALA A 216 -16.79 23.40 -1.68
C ALA A 216 -15.58 24.21 -1.22
N ALA A 217 -14.88 24.81 -2.17
CA ALA A 217 -13.70 25.61 -1.87
C ALA A 217 -14.04 26.79 -0.97
N TYR A 218 -15.08 27.54 -1.33
CA TYR A 218 -15.47 28.70 -0.55
C TYR A 218 -15.65 28.32 0.92
N ARG A 219 -16.38 27.24 1.18
CA ARG A 219 -16.63 26.80 2.54
C ARG A 219 -15.35 26.38 3.28
N ILE A 220 -14.43 25.71 2.59
CA ILE A 220 -13.19 25.29 3.23
C ILE A 220 -12.34 26.52 3.54
N ILE A 221 -12.25 27.46 2.60
CA ILE A 221 -11.47 28.68 2.80
C ILE A 221 -12.03 29.48 3.98
N GLU A 222 -13.35 29.48 4.11
CA GLU A 222 -13.97 30.20 5.22
C GLU A 222 -13.57 29.62 6.56
N GLY A 223 -13.30 28.32 6.59
CA GLY A 223 -12.93 27.68 7.84
C GLY A 223 -11.45 27.60 8.13
N LYS A 224 -10.61 27.48 7.09
CA LYS A 224 -9.18 27.36 7.30
C LYS A 224 -8.30 28.25 6.42
N GLY A 225 -8.93 29.11 5.62
CA GLY A 225 -8.17 30.03 4.78
C GLY A 225 -7.71 29.59 3.40
N ALA A 226 -7.69 28.29 3.14
CA ALA A 226 -7.24 27.77 1.84
C ALA A 226 -7.45 26.26 1.81
N THR A 227 -7.51 25.69 0.60
CA THR A 227 -7.68 24.25 0.47
C THR A 227 -6.35 23.70 -0.03
N TYR A 228 -6.01 22.48 0.39
CA TYR A 228 -4.77 21.87 -0.06
C TYR A 228 -4.67 20.35 0.09
N TYR A 229 -5.35 19.78 1.08
CA TYR A 229 -5.27 18.33 1.23
C TYR A 229 -5.94 17.60 0.05
N GLY A 230 -7.15 18.04 -0.31
CA GLY A 230 -7.84 17.42 -1.43
C GLY A 230 -7.05 17.45 -2.73
N ILE A 231 -6.66 18.65 -3.16
CA ILE A 231 -5.91 18.80 -4.41
C ILE A 231 -4.55 18.10 -4.31
N GLY A 232 -3.92 18.18 -3.14
CA GLY A 232 -2.63 17.53 -2.97
C GLY A 232 -2.70 16.04 -3.32
N ALA A 233 -3.74 15.38 -2.86
CA ALA A 233 -3.92 13.95 -3.13
C ALA A 233 -4.29 13.70 -4.60
N GLY A 234 -5.09 14.61 -5.17
CA GLY A 234 -5.49 14.47 -6.57
C GLY A 234 -4.30 14.63 -7.48
N LEU A 235 -3.43 15.61 -7.17
CA LEU A 235 -2.22 15.84 -7.95
C LEU A 235 -1.29 14.63 -7.82
N ALA A 236 -1.12 14.12 -6.60
CA ALA A 236 -0.25 12.97 -6.39
C ALA A 236 -0.75 11.74 -7.17
N ARG A 237 -2.06 11.55 -7.19
CA ARG A 237 -2.67 10.44 -7.90
C ARG A 237 -2.40 10.54 -9.41
N LEU A 238 -2.50 11.76 -9.94
CA LEU A 238 -2.24 11.98 -11.36
C LEU A 238 -0.75 11.75 -11.64
N VAL A 239 0.11 12.20 -10.72
CA VAL A 239 1.55 11.99 -10.90
C VAL A 239 1.85 10.50 -10.97
N ARG A 240 1.23 9.71 -10.09
CA ARG A 240 1.46 8.26 -10.10
C ARG A 240 0.96 7.63 -11.41
N ALA A 241 -0.20 8.08 -11.89
CA ALA A 241 -0.75 7.55 -13.14
C ALA A 241 0.26 7.78 -14.27
N ILE A 242 0.90 8.94 -14.25
CA ILE A 242 1.89 9.29 -15.27
C ILE A 242 3.18 8.49 -15.14
N LEU A 243 3.76 8.44 -13.94
CA LEU A 243 5.01 7.69 -13.76
C LEU A 243 4.86 6.19 -13.98
N THR A 244 3.67 5.64 -13.71
CA THR A 244 3.46 4.21 -13.88
C THR A 244 2.85 3.84 -15.23
N ASP A 245 2.57 4.84 -16.06
CA ASP A 245 1.95 4.62 -17.37
C ASP A 245 0.71 3.78 -17.13
N GLU A 246 -0.10 4.27 -16.21
CA GLU A 246 -1.32 3.62 -15.79
C GLU A 246 -2.38 3.44 -16.86
N LYS A 247 -2.60 4.50 -17.64
CA LYS A 247 -3.62 4.51 -18.69
C LYS A 247 -4.99 4.41 -18.01
N GLY A 248 -5.13 5.22 -16.96
CA GLY A 248 -6.36 5.29 -16.20
C GLY A 248 -7.15 6.49 -16.68
N VAL A 249 -8.47 6.45 -16.50
CA VAL A 249 -9.35 7.52 -16.94
C VAL A 249 -9.69 8.50 -15.80
N TYR A 250 -9.43 9.78 -16.03
CA TYR A 250 -9.71 10.83 -15.06
C TYR A 250 -10.27 12.07 -15.76
N THR A 251 -11.05 12.87 -15.04
CA THR A 251 -11.57 14.10 -15.60
C THR A 251 -10.53 15.19 -15.31
N VAL A 252 -9.72 15.52 -16.31
CA VAL A 252 -8.68 16.54 -16.15
C VAL A 252 -8.73 17.54 -17.31
N SER A 253 -8.10 18.68 -17.12
CA SER A 253 -8.09 19.75 -18.11
C SER A 253 -6.93 19.62 -19.08
N ALA A 254 -7.18 19.95 -20.34
CA ALA A 254 -6.17 19.89 -21.39
C ALA A 254 -6.68 20.68 -22.61
N PHE A 255 -5.77 21.13 -23.46
CA PHE A 255 -6.15 21.89 -24.65
C PHE A 255 -7.10 21.06 -25.51
N THR A 256 -8.29 21.59 -25.75
CA THR A 256 -9.30 20.87 -26.54
C THR A 256 -9.57 21.61 -27.86
N PRO A 257 -9.37 20.93 -29.00
CA PRO A 257 -9.60 21.54 -30.32
C PRO A 257 -11.02 22.11 -30.50
N GLU A 258 -12.02 21.32 -30.11
CA GLU A 258 -13.41 21.75 -30.24
C GLU A 258 -14.33 21.04 -29.26
N VAL A 259 -15.19 21.81 -28.61
CA VAL A 259 -16.16 21.27 -27.66
C VAL A 259 -17.43 22.10 -27.73
N GLU A 260 -18.53 21.46 -28.14
CA GLU A 260 -19.80 22.16 -28.28
C GLU A 260 -19.67 23.40 -29.18
N GLY A 261 -18.84 23.30 -30.20
CA GLY A 261 -18.67 24.43 -31.10
C GLY A 261 -17.66 25.49 -30.65
N VAL A 262 -17.11 25.34 -29.45
CA VAL A 262 -16.11 26.29 -28.96
C VAL A 262 -14.73 25.74 -29.29
N LEU A 263 -13.91 26.56 -29.94
CA LEU A 263 -12.59 26.10 -30.36
C LEU A 263 -11.40 26.50 -29.49
N GLU A 264 -10.36 25.67 -29.54
CA GLU A 264 -9.11 25.90 -28.83
C GLU A 264 -9.29 26.44 -27.42
N VAL A 265 -9.77 25.58 -26.53
CA VAL A 265 -10.02 25.95 -25.15
C VAL A 265 -9.64 24.82 -24.21
N SER A 266 -9.15 25.16 -23.02
CA SER A 266 -8.76 24.17 -22.05
C SER A 266 -9.87 24.02 -21.02
N LEU A 267 -10.33 22.79 -20.84
CA LEU A 267 -11.37 22.46 -19.86
C LEU A 267 -11.30 20.96 -19.61
N SER A 268 -12.08 20.47 -18.64
CA SER A 268 -12.03 19.06 -18.29
C SER A 268 -13.05 18.15 -18.97
N LEU A 269 -12.55 16.99 -19.39
CA LEU A 269 -13.32 15.92 -20.01
C LEU A 269 -12.63 14.64 -19.56
N PRO A 270 -13.33 13.49 -19.60
CA PRO A 270 -12.70 12.24 -19.17
C PRO A 270 -11.55 11.96 -20.13
N ARG A 271 -10.37 11.64 -19.60
CA ARG A 271 -9.23 11.38 -20.45
C ARG A 271 -8.38 10.25 -19.93
N ILE A 272 -7.56 9.68 -20.81
CA ILE A 272 -6.68 8.58 -20.46
C ILE A 272 -5.32 9.16 -20.08
N LEU A 273 -4.87 8.83 -18.86
CA LEU A 273 -3.60 9.32 -18.34
C LEU A 273 -2.53 8.25 -18.34
N GLY A 274 -1.39 8.58 -18.95
CA GLY A 274 -0.26 7.66 -19.02
C GLY A 274 1.08 8.38 -19.03
N ALA A 275 2.13 7.67 -19.42
CA ALA A 275 3.48 8.22 -19.47
C ALA A 275 3.65 9.53 -20.25
N GLY A 276 2.85 9.72 -21.30
CA GLY A 276 2.97 10.94 -22.08
C GLY A 276 1.98 12.01 -21.67
N GLY A 277 1.32 11.83 -20.53
CA GLY A 277 0.32 12.80 -20.10
C GLY A 277 -1.02 12.32 -20.63
N VAL A 278 -1.84 13.24 -21.15
CA VAL A 278 -3.14 12.84 -21.68
C VAL A 278 -2.93 12.22 -23.07
N GLU A 279 -3.40 10.99 -23.25
CA GLU A 279 -3.25 10.32 -24.53
C GLU A 279 -4.58 9.87 -25.14
N GLY A 280 -5.66 10.52 -24.71
CA GLY A 280 -6.97 10.16 -25.24
C GLY A 280 -8.05 10.98 -24.56
N THR A 281 -8.97 11.51 -25.36
CA THR A 281 -10.06 12.31 -24.82
C THR A 281 -11.40 11.70 -25.22
N VAL A 282 -12.29 11.58 -24.23
CA VAL A 282 -13.60 10.99 -24.43
C VAL A 282 -14.66 12.07 -24.27
N TYR A 283 -15.72 11.97 -25.08
CA TYR A 283 -16.82 12.94 -24.99
C TYR A 283 -18.06 12.13 -24.57
N PRO A 284 -18.33 12.09 -23.26
CA PRO A 284 -19.42 11.40 -22.57
C PRO A 284 -20.88 11.64 -22.97
N SER A 285 -21.75 10.88 -22.31
CA SER A 285 -23.19 10.93 -22.52
C SER A 285 -23.79 12.11 -21.78
N LEU A 286 -24.13 13.16 -22.53
CA LEU A 286 -24.68 14.35 -21.92
C LEU A 286 -26.11 14.60 -22.34
N SER A 287 -26.90 15.08 -21.38
CA SER A 287 -28.29 15.43 -21.64
C SER A 287 -28.28 16.79 -22.31
N PRO A 288 -29.43 17.24 -22.81
CA PRO A 288 -29.42 18.57 -23.46
C PRO A 288 -28.99 19.68 -22.50
N GLU A 289 -29.54 19.66 -21.28
CA GLU A 289 -29.23 20.67 -20.28
C GLU A 289 -27.73 20.69 -19.96
N GLU A 290 -27.12 19.51 -19.97
CA GLU A 290 -25.68 19.38 -19.69
C GLU A 290 -24.85 19.89 -20.88
N ARG A 291 -25.28 19.58 -22.10
CA ARG A 291 -24.55 20.06 -23.27
C ARG A 291 -24.57 21.60 -23.27
N GLU A 292 -25.72 22.16 -22.89
CA GLU A 292 -25.88 23.62 -22.81
C GLU A 292 -24.93 24.17 -21.75
N ALA A 293 -24.88 23.51 -20.60
CA ALA A 293 -24.01 23.93 -19.51
C ALA A 293 -22.56 23.87 -19.98
N LEU A 294 -22.19 22.78 -20.66
CA LEU A 294 -20.82 22.62 -21.14
C LEU A 294 -20.44 23.71 -22.14
N ARG A 295 -21.36 24.05 -23.06
CA ARG A 295 -21.08 25.09 -24.05
C ARG A 295 -20.80 26.42 -23.36
N ARG A 296 -21.68 26.77 -22.43
CA ARG A 296 -21.54 28.01 -21.70
C ARG A 296 -20.23 28.05 -20.92
N SER A 297 -19.89 26.93 -20.29
CA SER A 297 -18.65 26.84 -19.52
C SER A 297 -17.45 27.07 -20.42
N ALA A 298 -17.49 26.46 -21.61
CA ALA A 298 -16.41 26.56 -22.59
C ALA A 298 -16.26 27.98 -23.13
N GLU A 299 -17.39 28.65 -23.34
CA GLU A 299 -17.34 30.02 -23.86
C GLU A 299 -16.75 30.95 -22.81
N ILE A 300 -17.06 30.69 -21.54
CA ILE A 300 -16.52 31.51 -20.46
C ILE A 300 -15.00 31.39 -20.45
N LEU A 301 -14.49 30.16 -20.49
CA LEU A 301 -13.05 29.95 -20.49
C LEU A 301 -12.37 30.46 -21.76
N LYS A 302 -13.05 30.36 -22.90
CA LYS A 302 -12.48 30.82 -24.16
C LYS A 302 -12.24 32.33 -24.13
N GLU A 303 -13.21 33.07 -23.63
CA GLU A 303 -13.11 34.53 -23.55
C GLU A 303 -12.13 35.02 -22.51
N ALA A 304 -11.98 34.26 -21.43
CA ALA A 304 -11.05 34.64 -20.38
C ALA A 304 -9.65 34.47 -20.93
N ALA A 305 -9.44 33.38 -21.65
CA ALA A 305 -8.14 33.10 -22.25
C ALA A 305 -7.82 34.10 -23.36
N PHE A 306 -8.80 34.35 -24.22
CA PHE A 306 -8.64 35.28 -25.33
C PHE A 306 -8.26 36.68 -24.85
N ALA A 307 -8.98 37.18 -23.85
CA ALA A 307 -8.70 38.50 -23.32
C ALA A 307 -7.25 38.62 -22.86
N LEU A 308 -6.68 37.50 -22.41
CA LEU A 308 -5.30 37.47 -21.93
C LEU A 308 -4.28 37.32 -23.04
N GLY A 309 -4.70 36.82 -24.19
CA GLY A 309 -3.78 36.66 -25.30
C GLY A 309 -3.40 35.21 -25.59
N PHE A 310 -4.13 34.26 -25.00
CA PHE A 310 -3.84 32.85 -25.21
C PHE A 310 -5.04 32.11 -25.80
N MET B 1 -12.95 0.50 12.02
CA MET B 1 -12.39 1.13 13.24
C MET B 1 -12.43 2.65 13.11
N LYS B 2 -12.44 3.32 14.26
CA LYS B 2 -12.51 4.78 14.32
C LYS B 2 -11.35 5.38 15.09
N VAL B 3 -10.83 6.50 14.58
CA VAL B 3 -9.74 7.22 15.24
C VAL B 3 -10.22 8.65 15.48
N GLY B 4 -9.94 9.17 16.68
CA GLY B 4 -10.33 10.52 17.00
C GLY B 4 -9.10 11.42 17.11
N ILE B 5 -9.26 12.69 16.74
CA ILE B 5 -8.17 13.65 16.83
C ILE B 5 -8.71 14.94 17.43
N VAL B 6 -8.26 15.26 18.66
CA VAL B 6 -8.69 16.47 19.34
C VAL B 6 -7.61 17.52 19.12
N GLY B 7 -7.98 18.61 18.45
CA GLY B 7 -7.02 19.65 18.12
C GLY B 7 -6.85 19.58 16.62
N SER B 8 -7.60 20.41 15.90
CA SER B 8 -7.57 20.41 14.44
C SER B 8 -6.69 21.46 13.78
N GLY B 9 -5.48 21.62 14.30
CA GLY B 9 -4.55 22.59 13.72
C GLY B 9 -3.75 21.88 12.63
N MET B 10 -2.56 22.39 12.34
CA MET B 10 -1.73 21.77 11.31
C MET B 10 -1.29 20.35 11.68
N VAL B 11 -0.91 20.16 12.94
CA VAL B 11 -0.47 18.83 13.40
C VAL B 11 -1.63 17.84 13.40
N GLY B 12 -2.74 18.25 13.99
CA GLY B 12 -3.90 17.37 14.03
C GLY B 12 -4.41 17.06 12.63
N SER B 13 -4.49 18.08 11.77
CA SER B 13 -4.98 17.86 10.41
C SER B 13 -4.01 17.04 9.56
N ALA B 14 -2.71 17.32 9.69
CA ALA B 14 -1.73 16.59 8.91
C ALA B 14 -1.77 15.11 9.28
N THR B 15 -2.09 14.84 10.55
CA THR B 15 -2.18 13.47 11.04
C THR B 15 -3.39 12.79 10.40
N ALA B 16 -4.53 13.47 10.39
CA ALA B 16 -5.74 12.92 9.79
C ALA B 16 -5.52 12.66 8.31
N TYR B 17 -4.74 13.54 7.66
CA TYR B 17 -4.43 13.42 6.25
C TYR B 17 -3.61 12.14 5.97
N ALA B 18 -2.60 11.89 6.79
CA ALA B 18 -1.77 10.68 6.62
C ALA B 18 -2.67 9.45 6.85
N LEU B 19 -3.48 9.49 7.89
CA LEU B 19 -4.36 8.37 8.19
C LEU B 19 -5.30 8.06 7.01
N ALA B 20 -5.86 9.11 6.41
CA ALA B 20 -6.77 8.93 5.27
C ALA B 20 -6.06 8.36 4.06
N LEU B 21 -4.95 8.97 3.68
CA LEU B 21 -4.18 8.50 2.53
C LEU B 21 -3.72 7.07 2.65
N LEU B 22 -3.39 6.64 3.87
CA LEU B 22 -2.92 5.28 4.09
C LEU B 22 -4.03 4.30 4.44
N GLY B 23 -5.26 4.80 4.51
CA GLY B 23 -6.40 3.96 4.83
C GLY B 23 -6.30 3.20 6.15
N VAL B 24 -5.68 3.83 7.14
CA VAL B 24 -5.50 3.22 8.46
C VAL B 24 -6.81 2.88 9.18
N ALA B 25 -7.77 3.78 9.12
CA ALA B 25 -9.07 3.56 9.78
C ALA B 25 -10.22 3.93 8.86
N ARG B 26 -11.37 3.28 9.05
CA ARG B 26 -12.55 3.54 8.23
C ARG B 26 -13.20 4.87 8.60
N GLU B 27 -12.94 5.35 9.82
CA GLU B 27 -13.52 6.60 10.26
C GLU B 27 -12.54 7.45 11.08
N VAL B 28 -12.47 8.74 10.76
CA VAL B 28 -11.61 9.69 11.45
C VAL B 28 -12.44 10.88 11.87
N VAL B 29 -12.45 11.16 13.17
CA VAL B 29 -13.22 12.29 13.71
C VAL B 29 -12.31 13.38 14.24
N LEU B 30 -12.49 14.61 13.74
CA LEU B 30 -11.71 15.77 14.17
C LEU B 30 -12.53 16.64 15.13
N VAL B 31 -12.02 16.86 16.34
CA VAL B 31 -12.70 17.67 17.34
C VAL B 31 -11.90 18.92 17.66
N ASP B 32 -12.53 20.09 17.58
CA ASP B 32 -11.84 21.35 17.88
C ASP B 32 -12.81 22.40 18.42
N LEU B 33 -12.31 23.24 19.32
CA LEU B 33 -13.09 24.32 19.89
C LEU B 33 -13.60 25.19 18.74
N ASP B 34 -12.73 25.41 17.76
CA ASP B 34 -13.07 26.19 16.58
C ASP B 34 -13.77 25.22 15.62
N ARG B 35 -15.09 25.11 15.74
CA ARG B 35 -15.88 24.19 14.91
C ARG B 35 -15.66 24.32 13.41
N LYS B 36 -15.59 25.55 12.91
CA LYS B 36 -15.41 25.78 11.47
C LYS B 36 -14.05 25.30 10.99
N LEU B 37 -13.04 25.43 11.84
CA LEU B 37 -11.70 25.00 11.49
C LEU B 37 -11.72 23.48 11.28
N ALA B 38 -12.29 22.75 12.25
CA ALA B 38 -12.36 21.30 12.15
C ALA B 38 -13.22 20.84 10.97
N GLN B 39 -14.32 21.54 10.69
CA GLN B 39 -15.18 21.13 9.57
C GLN B 39 -14.46 21.33 8.23
N ALA B 40 -13.76 22.45 8.09
CA ALA B 40 -13.03 22.77 6.88
C ALA B 40 -11.90 21.75 6.63
N HIS B 41 -11.16 21.39 7.67
CA HIS B 41 -10.08 20.42 7.49
C HIS B 41 -10.68 19.06 7.15
N ALA B 42 -11.77 18.70 7.82
CA ALA B 42 -12.41 17.42 7.56
C ALA B 42 -12.92 17.31 6.12
N GLU B 43 -13.52 18.36 5.60
CA GLU B 43 -14.03 18.34 4.23
C GLU B 43 -12.88 18.24 3.25
N ASP B 44 -11.85 19.04 3.47
CA ASP B 44 -10.67 19.06 2.60
C ASP B 44 -10.06 17.65 2.54
N ILE B 45 -9.99 16.96 3.67
CA ILE B 45 -9.42 15.63 3.70
C ILE B 45 -10.39 14.59 3.12
N LEU B 46 -11.68 14.77 3.38
CA LEU B 46 -12.70 13.86 2.83
C LEU B 46 -12.60 13.85 1.30
N HIS B 47 -12.35 15.02 0.74
CA HIS B 47 -12.24 15.17 -0.72
C HIS B 47 -11.04 14.45 -1.31
N ALA B 48 -10.08 14.10 -0.46
CA ALA B 48 -8.90 13.38 -0.95
C ALA B 48 -9.16 11.87 -1.00
N THR B 49 -10.18 11.41 -0.29
CA THR B 49 -10.42 9.96 -0.24
C THR B 49 -10.70 9.18 -1.52
N PRO B 50 -11.40 9.80 -2.50
CA PRO B 50 -11.69 9.06 -3.74
C PRO B 50 -10.39 8.67 -4.46
N PHE B 51 -9.31 9.39 -4.16
CA PHE B 51 -8.01 9.11 -4.77
C PHE B 51 -7.23 8.04 -4.00
N ALA B 52 -7.69 7.68 -2.80
CA ALA B 52 -6.95 6.70 -2.01
C ALA B 52 -7.77 5.54 -1.43
N HIS B 53 -8.32 5.73 -0.24
CA HIS B 53 -9.11 4.68 0.40
C HIS B 53 -10.38 5.26 0.98
N PRO B 54 -11.45 4.45 1.06
CA PRO B 54 -12.69 4.98 1.62
C PRO B 54 -12.55 5.24 3.12
N VAL B 55 -12.76 6.49 3.51
CA VAL B 55 -12.66 6.87 4.92
C VAL B 55 -13.70 7.92 5.21
N TRP B 56 -14.53 7.70 6.23
CA TRP B 56 -15.52 8.70 6.60
C TRP B 56 -14.78 9.73 7.45
N VAL B 57 -14.42 10.86 6.85
CA VAL B 57 -13.74 11.92 7.59
C VAL B 57 -14.78 12.95 8.01
N ARG B 58 -14.78 13.33 9.27
CA ARG B 58 -15.77 14.32 9.75
C ARG B 58 -15.37 15.07 11.00
N ALA B 59 -15.96 16.26 11.16
CA ALA B 59 -15.73 17.10 12.33
C ALA B 59 -16.84 16.70 13.31
N GLY B 60 -16.53 16.71 14.59
CA GLY B 60 -17.54 16.33 15.57
C GLY B 60 -17.23 16.81 16.97
N SER B 61 -18.06 16.40 17.92
CA SER B 61 -17.87 16.78 19.30
C SER B 61 -17.32 15.56 20.04
N TYR B 62 -17.04 15.71 21.34
CA TYR B 62 -16.50 14.61 22.12
C TYR B 62 -17.37 13.36 22.04
N GLY B 63 -18.69 13.55 22.07
CA GLY B 63 -19.59 12.41 21.99
C GLY B 63 -19.40 11.59 20.73
N ASP B 64 -18.86 12.23 19.69
CA ASP B 64 -18.61 11.55 18.42
C ASP B 64 -17.37 10.67 18.45
N LEU B 65 -16.67 10.65 19.58
CA LEU B 65 -15.47 9.83 19.71
C LEU B 65 -15.79 8.42 20.18
N GLU B 66 -17.08 8.16 20.45
CA GLU B 66 -17.48 6.84 20.93
C GLU B 66 -16.96 5.70 20.06
N GLY B 67 -16.40 4.69 20.73
CA GLY B 67 -15.86 3.55 20.01
C GLY B 67 -14.47 3.74 19.44
N ALA B 68 -13.92 4.94 19.55
CA ALA B 68 -12.58 5.19 19.03
C ALA B 68 -11.55 4.30 19.74
N ARG B 69 -10.71 3.62 18.96
CA ARG B 69 -9.68 2.75 19.54
C ARG B 69 -8.46 3.58 19.93
N ALA B 70 -8.34 4.75 19.33
CA ALA B 70 -7.25 5.66 19.64
C ALA B 70 -7.68 7.11 19.42
N VAL B 71 -7.24 7.99 20.31
CA VAL B 71 -7.56 9.40 20.20
C VAL B 71 -6.27 10.20 20.35
N VAL B 72 -5.94 10.96 19.32
CA VAL B 72 -4.74 11.79 19.31
C VAL B 72 -5.04 13.12 20.00
N LEU B 73 -4.20 13.49 20.97
CA LEU B 73 -4.40 14.77 21.65
C LEU B 73 -3.43 15.80 21.12
N ALA B 74 -3.90 16.62 20.18
CA ALA B 74 -3.08 17.66 19.56
C ALA B 74 -3.68 19.04 19.82
N ALA B 75 -4.34 19.20 20.96
CA ALA B 75 -4.98 20.45 21.32
C ALA B 75 -4.01 21.39 22.02
N GLY B 76 -4.19 22.68 21.80
CA GLY B 76 -3.34 23.68 22.41
C GLY B 76 -3.81 25.08 22.08
N VAL B 77 -3.56 26.02 22.98
CA VAL B 77 -3.98 27.40 22.77
C VAL B 77 -2.95 28.14 21.92
N ALA B 78 -3.38 29.18 21.20
CA ALA B 78 -2.46 29.95 20.38
C ALA B 78 -1.61 30.79 21.33
N GLN B 79 -0.29 30.75 21.12
CA GLN B 79 0.64 31.50 21.96
C GLN B 79 0.50 33.00 21.77
N ARG B 80 0.47 33.72 22.88
CA ARG B 80 0.33 35.17 22.87
C ARG B 80 1.66 35.86 22.60
N PRO B 81 1.61 37.05 21.96
CA PRO B 81 2.84 37.79 21.66
C PRO B 81 3.59 38.20 22.94
N GLY B 82 4.83 37.73 23.05
CA GLY B 82 5.64 38.03 24.22
C GLY B 82 5.56 36.98 25.31
N GLU B 83 4.63 36.03 25.16
CA GLU B 83 4.46 34.96 26.14
C GLU B 83 5.63 33.96 26.07
N THR B 84 6.06 33.47 27.23
CA THR B 84 7.17 32.50 27.25
C THR B 84 6.65 31.06 27.15
N ARG B 85 7.53 30.13 26.83
CA ARG B 85 7.14 28.72 26.71
C ARG B 85 6.52 28.23 28.00
N LEU B 86 7.12 28.60 29.13
CA LEU B 86 6.62 28.19 30.44
C LEU B 86 5.22 28.74 30.71
N GLN B 87 4.99 29.98 30.31
CA GLN B 87 3.66 30.57 30.51
C GLN B 87 2.67 29.81 29.61
N LEU B 88 3.10 29.47 28.39
CA LEU B 88 2.23 28.73 27.48
C LEU B 88 1.93 27.34 28.05
N LEU B 89 2.93 26.73 28.67
CA LEU B 89 2.76 25.40 29.26
C LEU B 89 1.62 25.38 30.29
N ASP B 90 1.58 26.41 31.15
CA ASP B 90 0.53 26.47 32.15
C ASP B 90 -0.84 26.46 31.50
N ARG B 91 -0.99 27.25 30.44
CA ARG B 91 -2.26 27.33 29.73
C ARG B 91 -2.63 26.02 29.05
N ASN B 92 -1.65 25.36 28.43
CA ASN B 92 -1.94 24.08 27.76
C ASN B 92 -2.26 22.97 28.74
N ALA B 93 -1.72 23.05 29.96
CA ALA B 93 -2.00 22.02 30.96
C ALA B 93 -3.48 22.17 31.37
N GLN B 94 -3.96 23.41 31.42
CA GLN B 94 -5.35 23.66 31.77
C GLN B 94 -6.24 23.08 30.68
N VAL B 95 -5.82 23.21 29.43
CA VAL B 95 -6.60 22.64 28.33
C VAL B 95 -6.72 21.14 28.55
N PHE B 96 -5.60 20.48 28.86
CA PHE B 96 -5.65 19.04 29.08
C PHE B 96 -6.58 18.66 30.24
N ALA B 97 -6.58 19.46 31.30
CA ALA B 97 -7.45 19.16 32.44
C ALA B 97 -8.91 19.05 31.97
N GLN B 98 -9.26 19.79 30.93
CA GLN B 98 -10.61 19.75 30.39
C GLN B 98 -10.78 18.69 29.31
N VAL B 99 -9.81 18.61 28.41
CA VAL B 99 -9.86 17.65 27.30
C VAL B 99 -9.82 16.16 27.71
N VAL B 100 -8.88 15.78 28.56
CA VAL B 100 -8.73 14.39 28.94
C VAL B 100 -10.00 13.71 29.49
N PRO B 101 -10.65 14.32 30.51
CA PRO B 101 -11.86 13.66 31.01
C PRO B 101 -12.99 13.54 29.98
N ARG B 102 -13.13 14.53 29.10
CA ARG B 102 -14.17 14.48 28.07
C ARG B 102 -13.93 13.33 27.11
N VAL B 103 -12.68 13.17 26.69
CA VAL B 103 -12.32 12.09 25.78
C VAL B 103 -12.65 10.73 26.40
N LEU B 104 -12.15 10.50 27.61
CA LEU B 104 -12.38 9.23 28.27
C LEU B 104 -13.85 9.01 28.62
N GLU B 105 -14.61 10.08 28.79
CA GLU B 105 -16.03 9.94 29.08
C GLU B 105 -16.71 9.30 27.86
N ALA B 106 -16.32 9.76 26.67
CA ALA B 106 -16.89 9.24 25.42
C ALA B 106 -16.24 7.94 24.94
N ALA B 107 -14.92 7.80 25.13
CA ALA B 107 -14.20 6.59 24.69
C ALA B 107 -13.30 6.04 25.80
N PRO B 108 -13.90 5.40 26.81
CA PRO B 108 -13.22 4.81 27.97
C PRO B 108 -12.11 3.81 27.67
N GLU B 109 -12.20 3.07 26.57
CA GLU B 109 -11.20 2.07 26.25
C GLU B 109 -10.17 2.52 25.21
N ALA B 110 -10.19 3.79 24.84
CA ALA B 110 -9.25 4.27 23.84
C ALA B 110 -7.82 4.45 24.37
N VAL B 111 -6.85 4.29 23.47
CA VAL B 111 -5.47 4.55 23.81
C VAL B 111 -5.32 6.05 23.53
N LEU B 112 -4.70 6.78 24.45
CA LEU B 112 -4.50 8.22 24.24
C LEU B 112 -3.10 8.42 23.69
N LEU B 113 -2.99 9.12 22.56
CA LEU B 113 -1.69 9.40 21.94
C LEU B 113 -1.47 10.90 22.02
N VAL B 114 -0.53 11.30 22.86
CA VAL B 114 -0.23 12.71 23.09
C VAL B 114 0.74 13.35 22.10
N ALA B 115 0.34 14.50 21.56
CA ALA B 115 1.17 15.22 20.60
C ALA B 115 1.51 16.63 21.08
N THR B 116 0.59 17.29 21.79
CA THR B 116 0.84 18.65 22.27
C THR B 116 2.19 18.76 22.99
N ASN B 117 2.95 19.82 22.69
CA ASN B 117 4.26 20.03 23.32
C ASN B 117 4.19 20.92 24.55
N PRO B 118 5.17 20.78 25.48
CA PRO B 118 6.31 19.85 25.45
C PRO B 118 5.72 18.47 25.64
N VAL B 119 5.85 17.61 24.63
CA VAL B 119 5.22 16.29 24.68
C VAL B 119 5.47 15.40 25.91
N ASP B 120 6.69 15.38 26.44
CA ASP B 120 6.94 14.55 27.62
C ASP B 120 6.16 15.06 28.83
N VAL B 121 6.16 16.37 29.03
CA VAL B 121 5.44 16.93 30.15
C VAL B 121 3.93 16.73 29.98
N MET B 122 3.42 16.97 28.77
CA MET B 122 1.99 16.80 28.52
C MET B 122 1.58 15.33 28.63
N THR B 123 2.51 14.42 28.34
CA THR B 123 2.21 13.00 28.45
C THR B 123 2.04 12.65 29.92
N GLN B 124 2.92 13.21 30.76
CA GLN B 124 2.87 13.01 32.20
C GLN B 124 1.53 13.57 32.71
N VAL B 125 1.16 14.75 32.22
CA VAL B 125 -0.11 15.36 32.63
C VAL B 125 -1.27 14.46 32.20
N ALA B 126 -1.28 14.06 30.94
CA ALA B 126 -2.34 13.20 30.45
C ALA B 126 -2.44 11.96 31.34
N TYR B 127 -1.27 11.38 31.64
CA TYR B 127 -1.21 10.19 32.49
C TYR B 127 -1.82 10.39 33.88
N ARG B 128 -1.42 11.45 34.57
CA ARG B 128 -1.94 11.73 35.92
C ARG B 128 -3.45 11.96 35.91
N LEU B 129 -3.94 12.73 34.94
CA LEU B 129 -5.36 13.03 34.85
C LEU B 129 -6.22 11.87 34.37
N SER B 130 -5.63 10.97 33.59
CA SER B 130 -6.37 9.83 33.03
C SER B 130 -6.80 8.72 33.96
N ALA B 131 -5.91 8.33 34.88
CA ALA B 131 -6.21 7.25 35.82
C ALA B 131 -6.36 5.92 35.07
N LEU B 132 -5.58 5.75 34.01
CA LEU B 132 -5.61 4.52 33.21
C LEU B 132 -4.30 3.78 33.46
N PRO B 133 -4.19 2.54 32.97
CA PRO B 133 -2.91 1.85 33.19
C PRO B 133 -1.83 2.67 32.48
N PRO B 134 -0.60 2.73 33.04
CA PRO B 134 0.51 3.49 32.44
C PRO B 134 0.70 3.38 30.92
N GLY B 135 0.58 2.16 30.39
CA GLY B 135 0.75 1.95 28.97
C GLY B 135 -0.33 2.48 28.05
N ARG B 136 -1.48 2.85 28.61
CA ARG B 136 -2.60 3.37 27.82
C ARG B 136 -2.43 4.82 27.40
N VAL B 137 -1.41 5.50 27.94
CA VAL B 137 -1.15 6.90 27.61
C VAL B 137 0.23 6.99 26.98
N VAL B 138 0.26 7.22 25.68
CA VAL B 138 1.50 7.29 24.93
C VAL B 138 1.76 8.66 24.31
N GLY B 139 3.00 9.10 24.37
CA GLY B 139 3.36 10.39 23.79
C GLY B 139 4.26 10.16 22.59
N SER B 140 4.14 11.00 21.55
CA SER B 140 4.98 10.85 20.38
C SER B 140 6.45 10.79 20.80
N GLY B 141 6.81 11.55 21.82
CA GLY B 141 8.18 11.52 22.32
C GLY B 141 9.27 11.84 21.31
N THR B 142 10.28 10.97 21.21
CA THR B 142 11.37 11.20 20.26
C THR B 142 11.20 10.41 18.97
N ILE B 143 9.99 9.95 18.68
CA ILE B 143 9.78 9.17 17.47
C ILE B 143 10.24 10.00 16.27
N LEU B 144 9.94 11.30 16.29
CA LEU B 144 10.34 12.18 15.20
C LEU B 144 11.84 12.48 15.24
N ASP B 145 12.43 12.60 16.43
CA ASP B 145 13.88 12.87 16.50
C ASP B 145 14.64 11.65 15.97
N THR B 146 14.14 10.45 16.28
CA THR B 146 14.76 9.22 15.79
C THR B 146 14.67 9.20 14.26
N ALA B 147 13.52 9.58 13.73
CA ALA B 147 13.31 9.61 12.29
C ALA B 147 14.31 10.58 11.65
N ARG B 148 14.47 11.75 12.27
CA ARG B 148 15.39 12.76 11.78
C ARG B 148 16.83 12.25 11.77
N PHE B 149 17.23 11.62 12.87
CA PHE B 149 18.57 11.05 13.01
C PHE B 149 18.81 10.06 11.85
N ARG B 150 17.83 9.19 11.60
CA ARG B 150 17.96 8.22 10.51
C ARG B 150 17.96 8.88 9.13
N ALA B 151 17.12 9.89 8.95
CA ALA B 151 17.05 10.59 7.66
C ALA B 151 18.40 11.24 7.37
N LEU B 152 18.96 11.94 8.35
CA LEU B 152 20.24 12.59 8.14
C LEU B 152 21.36 11.58 7.87
N LEU B 153 21.34 10.46 8.58
CA LEU B 153 22.36 9.42 8.38
C LEU B 153 22.17 8.79 6.99
N ALA B 154 20.91 8.59 6.61
CA ALA B 154 20.59 7.99 5.31
C ALA B 154 21.14 8.86 4.18
N GLU B 155 20.97 10.18 4.28
CA GLU B 155 21.48 11.06 3.24
C GLU B 155 23.00 10.98 3.21
N HIS B 156 23.64 10.88 4.37
CA HIS B 156 25.10 10.81 4.41
C HIS B 156 25.62 9.48 3.85
N LEU B 157 24.93 8.39 4.20
CA LEU B 157 25.33 7.06 3.76
C LEU B 157 24.74 6.64 2.43
N ARG B 158 23.71 7.35 1.98
CA ARG B 158 23.03 7.01 0.74
C ARG B 158 22.41 5.60 0.82
N VAL B 159 21.70 5.35 1.92
CA VAL B 159 20.99 4.08 2.13
C VAL B 159 19.61 4.45 2.67
N ALA B 160 18.65 3.54 2.52
CA ALA B 160 17.29 3.78 3.02
C ALA B 160 17.31 4.00 4.53
N PRO B 161 16.54 5.00 5.02
CA PRO B 161 16.48 5.29 6.45
C PRO B 161 16.04 4.09 7.29
N GLN B 162 15.16 3.25 6.74
CA GLN B 162 14.72 2.11 7.51
C GLN B 162 15.78 1.03 7.66
N SER B 163 16.92 1.23 7.01
CA SER B 163 18.02 0.26 7.15
C SER B 163 18.99 0.76 8.22
N VAL B 164 18.73 1.98 8.71
CA VAL B 164 19.58 2.60 9.73
C VAL B 164 18.97 2.42 11.12
N HIS B 165 19.57 1.52 11.91
CA HIS B 165 19.03 1.26 13.23
C HIS B 165 19.70 2.11 14.31
N ALA B 166 19.27 3.36 14.38
CA ALA B 166 19.76 4.35 15.32
C ALA B 166 18.57 4.93 16.07
N TYR B 167 18.78 5.28 17.33
CA TYR B 167 17.71 5.82 18.16
C TYR B 167 18.06 7.14 18.83
N VAL B 168 17.02 7.84 19.26
CA VAL B 168 17.16 9.08 19.99
C VAL B 168 16.28 8.81 21.20
N LEU B 169 16.80 9.04 22.40
CA LEU B 169 16.05 8.78 23.62
C LEU B 169 15.96 9.98 24.54
N GLY B 170 15.20 9.83 25.62
CA GLY B 170 15.06 10.90 26.57
C GLY B 170 14.02 11.93 26.20
N GLU B 171 14.35 13.20 26.41
CA GLU B 171 13.45 14.32 26.12
C GLU B 171 13.32 14.65 24.64
N HIS B 172 12.12 15.01 24.23
CA HIS B 172 11.91 15.44 22.86
C HIS B 172 12.29 16.92 22.98
N GLY B 173 13.58 17.20 22.90
CA GLY B 173 14.04 18.56 23.06
C GLY B 173 15.56 18.68 23.14
N ASP B 174 16.03 19.78 23.70
CA ASP B 174 17.46 20.05 23.80
C ASP B 174 18.31 19.01 24.51
N SER B 175 17.75 18.33 25.51
CA SER B 175 18.53 17.34 26.25
C SER B 175 18.44 15.91 25.69
N GLU B 176 17.73 15.73 24.59
CA GLU B 176 17.59 14.42 23.97
C GLU B 176 18.94 13.74 23.79
N VAL B 177 18.94 12.41 23.79
CA VAL B 177 20.17 11.65 23.64
C VAL B 177 20.27 10.85 22.35
N LEU B 178 21.27 11.19 21.54
CA LEU B 178 21.51 10.47 20.29
C LEU B 178 22.37 9.25 20.65
N VAL B 179 21.80 8.06 20.50
CA VAL B 179 22.51 6.83 20.85
C VAL B 179 23.47 6.38 19.75
N TRP B 180 24.60 7.07 19.63
CA TRP B 180 25.59 6.71 18.63
C TRP B 180 26.24 5.35 18.93
N SER B 181 26.46 5.08 20.21
CA SER B 181 27.13 3.84 20.64
C SER B 181 26.62 2.53 20.06
N SER B 182 25.31 2.32 20.05
CA SER B 182 24.78 1.07 19.53
C SER B 182 24.08 1.17 18.17
N ALA B 183 24.22 2.30 17.49
CA ALA B 183 23.63 2.48 16.18
C ALA B 183 24.32 1.55 15.19
N GLN B 184 23.54 0.82 14.41
CA GLN B 184 24.12 -0.09 13.44
C GLN B 184 23.33 -0.23 12.15
N VAL B 185 24.02 -0.63 11.09
CA VAL B 185 23.43 -0.87 9.79
C VAL B 185 23.96 -2.23 9.34
N GLY B 186 23.06 -3.11 8.90
CA GLY B 186 23.48 -4.43 8.46
C GLY B 186 24.21 -5.25 9.53
N GLY B 187 23.85 -5.03 10.79
CA GLY B 187 24.49 -5.75 11.88
C GLY B 187 25.91 -5.26 12.17
N VAL B 188 26.27 -4.17 11.52
CA VAL B 188 27.60 -3.57 11.67
C VAL B 188 27.54 -2.23 12.40
N PRO B 189 28.52 -1.96 13.28
CA PRO B 189 28.50 -0.67 14.00
C PRO B 189 28.45 0.46 12.97
N LEU B 190 27.63 1.47 13.25
CA LEU B 190 27.46 2.62 12.36
C LEU B 190 28.74 3.20 11.78
N LEU B 191 29.70 3.51 12.64
CA LEU B 191 30.95 4.08 12.14
C LEU B 191 31.68 3.13 11.21
N GLU B 192 31.64 1.84 11.53
CA GLU B 192 32.27 0.82 10.71
C GLU B 192 31.54 0.70 9.38
N PHE B 193 30.21 0.74 9.42
CA PHE B 193 29.45 0.61 8.19
C PHE B 193 29.75 1.78 7.26
N ALA B 194 29.80 2.99 7.84
CA ALA B 194 30.08 4.20 7.08
C ALA B 194 31.42 4.09 6.34
N GLU B 195 32.42 3.52 7.01
CA GLU B 195 33.75 3.34 6.39
C GLU B 195 33.65 2.43 5.16
N ALA B 196 33.01 1.28 5.33
CA ALA B 196 32.85 0.32 4.24
C ALA B 196 32.14 0.94 3.04
N ARG B 197 31.07 1.68 3.32
CA ARG B 197 30.31 2.34 2.27
C ARG B 197 31.15 3.39 1.57
N GLY B 198 32.28 3.75 2.18
CA GLY B 198 33.15 4.76 1.59
C GLY B 198 32.63 6.16 1.86
N ARG B 199 31.89 6.30 2.96
CA ARG B 199 31.31 7.58 3.36
C ARG B 199 31.42 7.67 4.88
N ALA B 200 32.66 7.59 5.37
CA ALA B 200 32.93 7.63 6.79
C ALA B 200 32.29 8.83 7.47
N LEU B 201 32.00 8.65 8.76
CA LEU B 201 31.40 9.70 9.57
C LEU B 201 32.47 10.32 10.48
N SER B 202 33.02 11.45 10.03
CA SER B 202 34.06 12.17 10.78
C SER B 202 33.47 12.89 11.99
N PRO B 203 34.34 13.31 12.92
CA PRO B 203 33.89 14.02 14.12
C PRO B 203 33.06 15.24 13.72
N GLU B 204 33.50 15.90 12.64
CA GLU B 204 32.79 17.07 12.13
C GLU B 204 31.43 16.66 11.56
N ASP B 205 31.38 15.53 10.86
CA ASP B 205 30.12 15.06 10.31
C ASP B 205 29.13 14.75 11.42
N ARG B 206 29.64 14.06 12.46
CA ARG B 206 28.80 13.70 13.58
C ARG B 206 28.26 14.90 14.35
N ALA B 207 29.06 15.95 14.45
CA ALA B 207 28.64 17.15 15.16
C ALA B 207 27.55 17.87 14.34
N ARG B 208 27.74 17.88 13.03
CA ARG B 208 26.80 18.50 12.10
C ARG B 208 25.47 17.76 12.15
N ILE B 209 25.53 16.43 12.22
CA ILE B 209 24.33 15.62 12.28
C ILE B 209 23.63 15.84 13.61
N ASP B 210 24.40 15.96 14.69
CA ASP B 210 23.80 16.18 15.99
C ASP B 210 23.01 17.49 15.95
N GLU B 211 23.64 18.56 15.46
CA GLU B 211 22.98 19.85 15.36
C GLU B 211 21.79 19.76 14.40
N GLY B 212 21.96 18.95 13.35
CA GLY B 212 20.88 18.77 12.38
C GLY B 212 19.65 18.18 13.02
N VAL B 213 19.84 17.32 14.02
CA VAL B 213 18.72 16.70 14.70
C VAL B 213 18.18 17.61 15.80
N ARG B 214 19.11 18.10 16.63
CA ARG B 214 18.76 18.96 17.76
C ARG B 214 18.10 20.27 17.37
N ARG B 215 18.51 20.82 16.22
CA ARG B 215 17.96 22.10 15.75
C ARG B 215 17.00 21.96 14.57
N ALA B 216 16.55 20.73 14.30
CA ALA B 216 15.64 20.45 13.19
C ALA B 216 14.35 21.28 13.20
N ALA B 217 13.66 21.30 14.35
CA ALA B 217 12.42 22.04 14.48
C ALA B 217 12.67 23.53 14.30
N TYR B 218 13.70 24.03 14.95
CA TYR B 218 14.06 25.44 14.86
C TYR B 218 14.26 25.84 13.40
N ARG B 219 15.00 25.02 12.65
CA ARG B 219 15.30 25.31 11.26
C ARG B 219 14.07 25.27 10.34
N ILE B 220 13.14 24.36 10.61
CA ILE B 220 11.93 24.26 9.81
C ILE B 220 11.03 25.47 10.12
N ILE B 221 10.93 25.81 11.40
CA ILE B 221 10.11 26.93 11.85
C ILE B 221 10.53 28.26 11.23
N GLU B 222 11.83 28.50 11.12
CA GLU B 222 12.27 29.77 10.55
C GLU B 222 11.94 29.88 9.06
N GLY B 223 11.65 28.75 8.42
CA GLY B 223 11.32 28.79 7.01
C GLY B 223 9.83 28.61 6.72
N LYS B 224 9.15 27.85 7.57
CA LYS B 224 7.72 27.51 7.42
C LYS B 224 6.81 28.08 8.49
N GLY B 225 7.39 28.49 9.62
CA GLY B 225 6.57 29.00 10.71
C GLY B 225 6.17 27.92 11.71
N ALA B 226 6.16 26.67 11.28
CA ALA B 226 5.79 25.54 12.15
C ALA B 226 6.11 24.21 11.46
N THR B 227 6.14 23.12 12.23
CA THR B 227 6.40 21.81 11.65
C THR B 227 5.13 20.99 11.77
N TYR B 228 4.87 20.12 10.80
CA TYR B 228 3.66 19.30 10.88
C TYR B 228 3.66 18.04 10.02
N TYR B 229 4.35 18.06 8.88
CA TYR B 229 4.33 16.85 8.04
C TYR B 229 5.05 15.67 8.71
N GLY B 230 6.23 15.93 9.27
CA GLY B 230 6.98 14.88 9.91
C GLY B 230 6.22 14.25 11.06
N ILE B 231 5.75 15.07 11.99
CA ILE B 231 5.02 14.55 13.14
C ILE B 231 3.69 13.94 12.72
N GLY B 232 3.06 14.50 11.68
CA GLY B 232 1.80 13.96 11.21
C GLY B 232 1.96 12.52 10.74
N ALA B 233 3.07 12.22 10.06
CA ALA B 233 3.32 10.85 9.59
C ALA B 233 3.71 9.95 10.78
N GLY B 234 4.44 10.51 11.74
CA GLY B 234 4.84 9.73 12.90
C GLY B 234 3.63 9.37 13.76
N LEU B 235 2.74 10.33 13.99
CA LEU B 235 1.55 10.06 14.77
C LEU B 235 0.70 9.02 14.05
N ALA B 236 0.52 9.19 12.74
CA ALA B 236 -0.27 8.23 11.98
C ALA B 236 0.33 6.83 12.07
N ARG B 237 1.65 6.73 12.02
CA ARG B 237 2.32 5.42 12.09
C ARG B 237 2.02 4.75 13.44
N LEU B 238 2.07 5.54 14.51
CA LEU B 238 1.79 5.02 15.86
C LEU B 238 0.32 4.59 15.97
N VAL B 239 -0.58 5.38 15.41
CA VAL B 239 -1.99 5.03 15.45
C VAL B 239 -2.18 3.68 14.75
N ARG B 240 -1.52 3.50 13.63
CA ARG B 240 -1.62 2.25 12.88
C ARG B 240 -1.09 1.06 13.68
N ALA B 241 0.01 1.27 14.40
CA ALA B 241 0.61 0.20 15.21
C ALA B 241 -0.40 -0.25 16.27
N ILE B 242 -1.12 0.71 16.83
CA ILE B 242 -2.12 0.45 17.84
C ILE B 242 -3.34 -0.29 17.29
N LEU B 243 -3.94 0.23 16.22
CA LEU B 243 -5.13 -0.40 15.62
C LEU B 243 -4.92 -1.80 15.08
N THR B 244 -3.72 -2.09 14.59
CA THR B 244 -3.42 -3.41 14.03
C THR B 244 -2.81 -4.36 15.06
N ASP B 245 -2.54 -3.84 16.26
CA ASP B 245 -1.92 -4.62 17.33
C ASP B 245 -0.63 -5.17 16.76
N GLU B 246 0.13 -4.25 16.17
CA GLU B 246 1.39 -4.56 15.51
C GLU B 246 2.47 -5.23 16.35
N LYS B 247 2.67 -4.75 17.58
CA LYS B 247 3.73 -5.24 18.48
C LYS B 247 5.07 -4.79 17.88
N GLY B 248 5.11 -3.55 17.42
CA GLY B 248 6.35 -3.02 16.84
C GLY B 248 7.12 -2.18 17.85
N VAL B 249 8.43 -2.08 17.67
CA VAL B 249 9.27 -1.30 18.59
C VAL B 249 9.51 0.11 18.08
N TYR B 250 9.18 1.09 18.92
CA TYR B 250 9.35 2.51 18.60
C TYR B 250 9.83 3.26 19.83
N THR B 251 10.53 4.38 19.61
CA THR B 251 10.97 5.22 20.71
C THR B 251 9.86 6.24 20.96
N VAL B 252 9.07 6.01 22.00
CA VAL B 252 7.96 6.90 22.35
C VAL B 252 7.97 7.19 23.85
N SER B 253 7.27 8.27 24.23
CA SER B 253 7.21 8.69 25.63
C SER B 253 6.06 8.05 26.40
N ALA B 254 6.33 7.67 27.65
CA ALA B 254 5.34 7.07 28.53
C ALA B 254 5.82 7.19 29.97
N PHE B 255 4.92 7.01 30.93
CA PHE B 255 5.28 7.10 32.35
C PHE B 255 6.30 6.02 32.69
N THR B 256 7.46 6.43 33.21
CA THR B 256 8.52 5.49 33.55
C THR B 256 8.83 5.53 35.04
N PRO B 257 8.62 4.40 35.76
CA PRO B 257 8.87 4.32 37.20
C PRO B 257 10.28 4.75 37.60
N GLU B 258 11.31 4.24 36.90
CA GLU B 258 12.69 4.58 37.23
C GLU B 258 13.64 4.54 36.03
N VAL B 259 14.42 5.60 35.88
CA VAL B 259 15.41 5.73 34.81
C VAL B 259 16.63 6.45 35.36
N GLU B 260 17.77 5.77 35.35
CA GLU B 260 19.00 6.35 35.87
C GLU B 260 18.79 6.96 37.26
N GLY B 261 17.93 6.33 38.05
CA GLY B 261 17.70 6.81 39.40
C GLY B 261 16.67 7.92 39.54
N VAL B 262 16.04 8.30 38.44
CA VAL B 262 15.01 9.35 38.49
C VAL B 262 13.66 8.63 38.50
N LEU B 263 12.82 8.97 39.47
CA LEU B 263 11.53 8.32 39.60
C LEU B 263 10.31 9.05 39.03
N GLU B 264 9.37 8.25 38.54
CA GLU B 264 8.11 8.73 37.99
C GLU B 264 8.27 9.90 37.03
N VAL B 265 8.81 9.61 35.86
CA VAL B 265 9.03 10.62 34.85
C VAL B 265 8.62 10.08 33.48
N SER B 266 8.16 10.98 32.61
CA SER B 266 7.75 10.59 31.26
C SER B 266 8.83 11.00 30.27
N LEU B 267 9.36 10.02 29.53
CA LEU B 267 10.38 10.30 28.53
C LEU B 267 10.44 9.10 27.60
N SER B 268 11.18 9.21 26.50
CA SER B 268 11.24 8.13 25.51
C SER B 268 12.34 7.07 25.68
N LEU B 269 11.93 5.83 25.46
CA LEU B 269 12.79 4.65 25.51
C LEU B 269 12.19 3.71 24.45
N PRO B 270 12.97 2.72 23.97
CA PRO B 270 12.37 1.83 22.96
C PRO B 270 11.22 1.05 23.63
N ARG B 271 10.07 0.98 22.97
CA ARG B 271 8.91 0.27 23.54
C ARG B 271 8.11 -0.51 22.52
N ILE B 272 7.36 -1.51 22.99
CA ILE B 272 6.52 -2.35 22.12
C ILE B 272 5.13 -1.71 22.03
N LEU B 273 4.69 -1.43 20.80
CA LEU B 273 3.40 -0.80 20.57
C LEU B 273 2.36 -1.75 20.02
N GLY B 274 1.22 -1.83 20.71
CA GLY B 274 0.14 -2.71 20.28
C GLY B 274 -1.20 -2.15 20.68
N ALA B 275 -2.21 -3.01 20.66
CA ALA B 275 -3.59 -2.63 21.00
C ALA B 275 -3.78 -1.94 22.35
N GLY B 276 -2.97 -2.29 23.34
CA GLY B 276 -3.11 -1.66 24.65
C GLY B 276 -2.25 -0.43 24.85
N GLY B 277 -1.60 0.04 23.79
CA GLY B 277 -0.71 1.18 23.90
C GLY B 277 0.67 0.60 24.07
N VAL B 278 1.46 1.08 25.03
CA VAL B 278 2.79 0.51 25.22
C VAL B 278 2.64 -0.71 26.12
N GLU B 279 3.22 -1.83 25.72
CA GLU B 279 3.11 -3.05 26.51
C GLU B 279 4.46 -3.65 26.88
N GLY B 280 5.49 -2.82 26.87
CA GLY B 280 6.82 -3.31 27.21
C GLY B 280 7.81 -2.20 26.97
N THR B 281 8.80 -2.08 27.86
CA THR B 281 9.81 -1.04 27.75
C THR B 281 11.19 -1.65 27.89
N VAL B 282 12.13 -1.26 27.04
CA VAL B 282 13.49 -1.79 27.14
C VAL B 282 14.54 -0.69 27.25
N TYR B 283 15.70 -1.05 27.77
CA TYR B 283 16.80 -0.11 27.94
C TYR B 283 17.97 -0.47 27.03
N PRO B 284 18.14 0.29 25.93
CA PRO B 284 19.21 0.08 24.96
C PRO B 284 20.62 0.16 25.53
N SER B 285 21.56 -0.47 24.83
CA SER B 285 22.95 -0.45 25.25
C SER B 285 23.44 0.98 25.20
N LEU B 286 23.78 1.53 26.36
CA LEU B 286 24.23 2.91 26.44
C LEU B 286 25.65 3.02 26.97
N SER B 287 26.43 3.91 26.36
CA SER B 287 27.79 4.13 26.79
C SER B 287 27.72 4.99 28.04
N PRO B 288 28.85 5.18 28.74
CA PRO B 288 28.82 6.00 29.96
C PRO B 288 28.22 7.39 29.69
N GLU B 289 28.73 8.05 28.65
CA GLU B 289 28.29 9.39 28.27
C GLU B 289 26.80 9.46 27.96
N GLU B 290 26.26 8.42 27.35
CA GLU B 290 24.84 8.40 27.03
C GLU B 290 24.02 8.23 28.30
N ARG B 291 24.48 7.37 29.20
CA ARG B 291 23.77 7.17 30.47
C ARG B 291 23.71 8.49 31.22
N GLU B 292 24.84 9.20 31.23
CA GLU B 292 24.93 10.50 31.90
C GLU B 292 23.95 11.47 31.22
N ALA B 293 23.98 11.50 29.89
CA ALA B 293 23.08 12.37 29.14
C ALA B 293 21.62 12.05 29.46
N LEU B 294 21.29 10.75 29.50
CA LEU B 294 19.93 10.33 29.80
C LEU B 294 19.52 10.73 31.22
N ARG B 295 20.43 10.59 32.17
CA ARG B 295 20.13 10.96 33.55
C ARG B 295 19.76 12.44 33.63
N ARG B 296 20.59 13.29 33.02
CA ARG B 296 20.35 14.74 33.01
C ARG B 296 19.02 15.06 32.33
N SER B 297 18.76 14.37 31.22
CA SER B 297 17.51 14.58 30.48
C SER B 297 16.35 14.21 31.40
N ALA B 298 16.47 13.07 32.08
CA ALA B 298 15.40 12.63 32.98
C ALA B 298 15.19 13.62 34.13
N GLU B 299 16.29 14.16 34.67
CA GLU B 299 16.16 15.12 35.76
C GLU B 299 15.48 16.41 35.29
N ILE B 300 15.83 16.86 34.09
CA ILE B 300 15.22 18.06 33.55
C ILE B 300 13.71 17.88 33.41
N LEU B 301 13.29 16.71 32.95
CA LEU B 301 11.86 16.42 32.77
C LEU B 301 11.09 16.22 34.06
N LYS B 302 11.71 15.60 35.08
CA LYS B 302 10.98 15.40 36.33
C LYS B 302 10.75 16.74 37.02
N GLU B 303 11.77 17.60 36.99
CA GLU B 303 11.65 18.91 37.60
C GLU B 303 10.55 19.68 36.89
N ALA B 304 10.58 19.65 35.56
CA ALA B 304 9.57 20.35 34.77
C ALA B 304 8.17 19.88 35.13
N ALA B 305 7.96 18.57 35.18
CA ALA B 305 6.64 18.05 35.53
C ALA B 305 6.27 18.41 36.97
N PHE B 306 7.25 18.32 37.87
CA PHE B 306 7.01 18.63 39.28
C PHE B 306 6.54 20.07 39.46
N ALA B 307 7.11 20.99 38.70
CA ALA B 307 6.73 22.40 38.78
C ALA B 307 5.24 22.62 38.49
N LEU B 308 4.67 21.79 37.61
CA LEU B 308 3.26 21.88 37.25
C LEU B 308 2.35 21.20 38.26
N GLY B 309 2.92 20.34 39.07
CA GLY B 309 2.13 19.62 40.04
C GLY B 309 1.88 18.19 39.58
N PHE B 310 2.66 17.73 38.60
CA PHE B 310 2.51 16.37 38.09
C PHE B 310 3.79 15.55 38.22
N MET C 1 7.64 0.35 -16.04
CA MET C 1 8.80 -0.59 -15.93
C MET C 1 8.37 -2.04 -16.18
N LYS C 2 9.30 -2.85 -16.66
CA LYS C 2 9.03 -4.24 -16.96
C LYS C 2 9.91 -5.19 -16.15
N VAL C 3 9.31 -6.29 -15.71
CA VAL C 3 10.02 -7.31 -14.97
C VAL C 3 9.85 -8.63 -15.71
N GLY C 4 10.95 -9.36 -15.88
CA GLY C 4 10.87 -10.63 -16.58
C GLY C 4 11.11 -11.78 -15.62
N ILE C 5 10.48 -12.92 -15.89
CA ILE C 5 10.66 -14.09 -15.05
C ILE C 5 10.83 -15.31 -15.95
N VAL C 6 12.00 -15.95 -15.88
CA VAL C 6 12.25 -17.13 -16.69
C VAL C 6 12.06 -18.36 -15.82
N GLY C 7 11.05 -19.14 -16.16
CA GLY C 7 10.73 -20.33 -15.39
C GLY C 7 9.40 -20.09 -14.72
N SER C 8 8.32 -20.62 -15.30
CA SER C 8 6.98 -20.44 -14.77
C SER C 8 6.53 -21.58 -13.86
N GLY C 9 7.40 -22.02 -12.95
CA GLY C 9 7.03 -23.07 -12.04
C GLY C 9 6.28 -22.47 -10.87
N MET C 10 6.29 -23.12 -9.72
CA MET C 10 5.60 -22.59 -8.55
C MET C 10 6.33 -21.36 -8.00
N VAL C 11 7.67 -21.39 -8.05
CA VAL C 11 8.48 -20.29 -7.56
C VAL C 11 8.36 -19.07 -8.48
N GLY C 12 8.47 -19.30 -9.78
CA GLY C 12 8.36 -18.22 -10.74
C GLY C 12 7.00 -17.56 -10.74
N SER C 13 5.94 -18.36 -10.67
CA SER C 13 4.58 -17.84 -10.67
C SER C 13 4.21 -17.14 -9.37
N ALA C 14 4.69 -17.65 -8.24
CA ALA C 14 4.40 -17.04 -6.95
C ALA C 14 5.06 -15.65 -6.90
N THR C 15 6.24 -15.54 -7.50
CA THR C 15 6.95 -14.27 -7.55
C THR C 15 6.15 -13.29 -8.40
N ALA C 16 5.64 -13.76 -9.54
CA ALA C 16 4.86 -12.90 -10.42
C ALA C 16 3.58 -12.45 -9.71
N TYR C 17 2.96 -13.36 -8.99
CA TYR C 17 1.72 -13.08 -8.26
C TYR C 17 1.94 -11.98 -7.21
N ALA C 18 3.04 -12.07 -6.47
CA ALA C 18 3.34 -11.07 -5.45
C ALA C 18 3.61 -9.72 -6.13
N LEU C 19 4.37 -9.73 -7.22
CA LEU C 19 4.67 -8.50 -7.97
C LEU C 19 3.39 -7.85 -8.45
N ALA C 20 2.47 -8.65 -8.94
CA ALA C 20 1.19 -8.12 -9.44
C ALA C 20 0.36 -7.53 -8.30
N LEU C 21 0.17 -8.31 -7.24
CA LEU C 21 -0.63 -7.86 -6.10
C LEU C 21 -0.09 -6.55 -5.49
N LEU C 22 1.23 -6.42 -5.45
CA LEU C 22 1.85 -5.22 -4.87
C LEU C 22 2.08 -4.10 -5.87
N GLY C 23 1.73 -4.33 -7.14
CA GLY C 23 1.89 -3.30 -8.15
C GLY C 23 3.33 -2.80 -8.30
N VAL C 24 4.29 -3.70 -8.15
CA VAL C 24 5.70 -3.35 -8.28
C VAL C 24 6.07 -2.83 -9.68
N ALA C 25 5.56 -3.49 -10.71
CA ALA C 25 5.85 -3.08 -12.09
C ALA C 25 4.58 -3.04 -12.94
N ARG C 26 4.61 -2.22 -13.99
CA ARG C 26 3.46 -2.09 -14.89
C ARG C 26 3.33 -3.29 -15.82
N GLU C 27 4.42 -4.03 -15.99
CA GLU C 27 4.43 -5.17 -16.88
C GLU C 27 5.29 -6.31 -16.35
N VAL C 28 4.76 -7.53 -16.40
CA VAL C 28 5.46 -8.72 -15.95
C VAL C 28 5.37 -9.79 -17.04
N VAL C 29 6.51 -10.25 -17.52
CA VAL C 29 6.53 -11.25 -18.60
C VAL C 29 7.05 -12.59 -18.10
N LEU C 30 6.25 -13.63 -18.35
CA LEU C 30 6.63 -14.98 -17.94
C LEU C 30 7.16 -15.72 -19.17
N VAL C 31 8.31 -16.35 -19.01
CA VAL C 31 8.92 -17.10 -20.11
C VAL C 31 9.24 -18.53 -19.65
N ASP C 32 8.76 -19.51 -20.41
CA ASP C 32 9.00 -20.90 -20.03
C ASP C 32 8.86 -21.83 -21.24
N LEU C 33 9.78 -22.78 -21.36
CA LEU C 33 9.76 -23.75 -22.44
C LEU C 33 8.35 -24.31 -22.57
N ASP C 34 7.75 -24.64 -21.42
CA ASP C 34 6.40 -25.16 -21.37
C ASP C 34 5.50 -23.93 -21.59
N ARG C 35 5.32 -23.56 -22.86
CA ARG C 35 4.54 -22.39 -23.23
C ARG C 35 3.12 -22.34 -22.66
N LYS C 36 2.42 -23.47 -22.67
CA LYS C 36 1.06 -23.52 -22.14
C LYS C 36 1.05 -23.20 -20.66
N LEU C 37 2.07 -23.67 -19.95
CA LEU C 37 2.19 -23.44 -18.52
C LEU C 37 2.31 -21.94 -18.21
N ALA C 38 3.31 -21.31 -18.82
CA ALA C 38 3.55 -19.88 -18.62
C ALA C 38 2.30 -19.08 -18.96
N GLN C 39 1.58 -19.54 -19.97
CA GLN C 39 0.36 -18.86 -20.41
C GLN C 39 -0.74 -19.04 -19.38
N ALA C 40 -0.84 -20.24 -18.82
CA ALA C 40 -1.86 -20.54 -17.81
C ALA C 40 -1.64 -19.67 -16.57
N HIS C 41 -0.40 -19.62 -16.10
CA HIS C 41 -0.06 -18.82 -14.93
C HIS C 41 -0.26 -17.33 -15.21
N ALA C 42 0.20 -16.87 -16.36
CA ALA C 42 0.09 -15.47 -16.72
C ALA C 42 -1.37 -15.02 -16.72
N GLU C 43 -2.22 -15.88 -17.27
CA GLU C 43 -3.65 -15.60 -17.35
C GLU C 43 -4.27 -15.59 -15.95
N ASP C 44 -3.91 -16.58 -15.13
CA ASP C 44 -4.45 -16.68 -13.78
C ASP C 44 -4.09 -15.43 -12.98
N ILE C 45 -2.85 -14.96 -13.13
CA ILE C 45 -2.41 -13.76 -12.41
C ILE C 45 -3.06 -12.49 -12.98
N LEU C 46 -3.20 -12.42 -14.30
CA LEU C 46 -3.82 -11.26 -14.95
C LEU C 46 -5.22 -11.01 -14.40
N HIS C 47 -5.95 -12.10 -14.15
CA HIS C 47 -7.31 -12.03 -13.64
C HIS C 47 -7.41 -11.47 -12.23
N ALA C 48 -6.29 -11.46 -11.52
CA ALA C 48 -6.26 -10.94 -10.16
C ALA C 48 -6.02 -9.43 -10.15
N THR C 49 -5.43 -8.90 -11.21
CA THR C 49 -5.11 -7.47 -11.27
C THR C 49 -6.26 -6.50 -11.06
N PRO C 50 -7.49 -6.85 -11.48
CA PRO C 50 -8.58 -5.89 -11.25
C PRO C 50 -8.84 -5.64 -9.76
N PHE C 51 -8.34 -6.53 -8.90
CA PHE C 51 -8.54 -6.42 -7.46
C PHE C 51 -7.42 -5.63 -6.79
N ALA C 52 -6.34 -5.38 -7.52
CA ALA C 52 -5.20 -4.70 -6.95
C ALA C 52 -4.68 -3.52 -7.79
N HIS C 53 -3.70 -3.79 -8.64
CA HIS C 53 -3.10 -2.76 -9.47
C HIS C 53 -3.05 -3.16 -10.94
N PRO C 54 -3.10 -2.16 -11.83
CA PRO C 54 -3.04 -2.46 -13.26
C PRO C 54 -1.65 -2.95 -13.63
N VAL C 55 -1.56 -4.21 -14.05
CA VAL C 55 -0.27 -4.79 -14.45
C VAL C 55 -0.51 -5.65 -15.70
N TRP C 56 0.31 -5.43 -16.73
CA TRP C 56 0.19 -6.20 -17.96
C TRP C 56 0.96 -7.50 -17.76
N VAL C 57 0.24 -8.56 -17.38
CA VAL C 57 0.86 -9.86 -17.16
C VAL C 57 0.67 -10.75 -18.38
N ARG C 58 1.76 -11.34 -18.85
CA ARG C 58 1.67 -12.20 -20.01
C ARG C 58 2.84 -13.16 -20.12
N ALA C 59 2.70 -14.14 -21.00
CA ALA C 59 3.75 -15.12 -21.24
C ALA C 59 4.38 -14.69 -22.56
N GLY C 60 5.64 -15.00 -22.74
CA GLY C 60 6.30 -14.62 -23.98
C GLY C 60 7.66 -15.27 -24.14
N SER C 61 8.42 -14.79 -25.11
CA SER C 61 9.76 -15.33 -25.37
C SER C 61 10.79 -14.33 -24.86
N TYR C 62 12.06 -14.67 -25.01
CA TYR C 62 13.15 -13.80 -24.57
C TYR C 62 13.07 -12.40 -25.16
N GLY C 63 12.69 -12.32 -26.43
CA GLY C 63 12.59 -11.02 -27.08
C GLY C 63 11.58 -10.11 -26.41
N ASP C 64 10.59 -10.72 -25.74
CA ASP C 64 9.56 -9.96 -25.06
C ASP C 64 10.07 -9.37 -23.75
N LEU C 65 11.32 -9.65 -23.43
CA LEU C 65 11.95 -9.16 -22.21
C LEU C 65 12.70 -7.85 -22.41
N GLU C 66 12.71 -7.33 -23.63
CA GLU C 66 13.43 -6.09 -23.88
C GLU C 66 12.92 -4.96 -22.99
N GLY C 67 13.85 -4.23 -22.39
CA GLY C 67 13.48 -3.13 -21.52
C GLY C 67 13.33 -3.50 -20.06
N ALA C 68 13.30 -4.80 -19.78
CA ALA C 68 13.16 -5.28 -18.41
C ALA C 68 14.31 -4.79 -17.52
N ARG C 69 13.97 -4.19 -16.38
CA ARG C 69 15.00 -3.69 -15.48
C ARG C 69 15.48 -4.77 -14.54
N ALA C 70 14.74 -5.87 -14.50
CA ALA C 70 15.10 -7.01 -13.67
C ALA C 70 14.51 -8.28 -14.30
N VAL C 71 15.29 -9.35 -14.31
CA VAL C 71 14.82 -10.61 -14.83
C VAL C 71 15.14 -11.69 -13.81
N VAL C 72 14.11 -12.40 -13.35
CA VAL C 72 14.27 -13.46 -12.37
C VAL C 72 14.56 -14.80 -13.06
N LEU C 73 15.66 -15.42 -12.69
CA LEU C 73 16.03 -16.72 -13.26
C LEU C 73 15.58 -17.85 -12.33
N ALA C 74 14.44 -18.46 -12.65
CA ALA C 74 13.89 -19.54 -11.84
C ALA C 74 13.65 -20.82 -12.67
N ALA C 75 14.55 -21.12 -13.59
CA ALA C 75 14.40 -22.30 -14.43
C ALA C 75 15.50 -23.33 -14.19
N GLY C 76 15.16 -24.60 -14.39
CA GLY C 76 16.15 -25.65 -14.21
C GLY C 76 15.72 -26.93 -13.49
N VAL C 77 16.07 -27.01 -12.20
CA VAL C 77 15.78 -28.17 -11.35
C VAL C 77 14.64 -29.07 -11.81
N ALA C 78 15.01 -30.23 -12.35
CA ALA C 78 14.06 -31.23 -12.83
C ALA C 78 14.71 -32.60 -12.65
N GLN C 79 15.18 -32.86 -11.43
CA GLN C 79 15.87 -34.10 -11.08
C GLN C 79 15.18 -35.42 -11.44
N ARG C 80 15.98 -36.37 -11.90
CA ARG C 80 15.51 -37.69 -12.30
C ARG C 80 15.74 -38.65 -11.14
N PRO C 81 14.86 -39.65 -10.97
CA PRO C 81 15.02 -40.59 -9.87
C PRO C 81 16.32 -41.41 -10.01
N GLY C 82 17.19 -41.30 -9.03
CA GLY C 82 18.45 -42.03 -9.08
C GLY C 82 19.58 -41.11 -9.53
N GLU C 83 19.21 -39.94 -10.02
CA GLU C 83 20.17 -38.94 -10.49
C GLU C 83 20.94 -38.38 -9.30
N THR C 84 22.22 -38.15 -9.49
CA THR C 84 23.08 -37.62 -8.44
C THR C 84 22.97 -36.09 -8.26
N ARG C 85 23.57 -35.61 -7.17
CA ARG C 85 23.61 -34.21 -6.81
C ARG C 85 24.25 -33.38 -7.93
N LEU C 86 25.49 -33.71 -8.24
CA LEU C 86 26.24 -33.02 -9.29
C LEU C 86 25.59 -33.20 -10.65
N GLN C 87 25.17 -34.42 -10.97
CA GLN C 87 24.54 -34.68 -12.26
C GLN C 87 23.42 -33.68 -12.50
N LEU C 88 22.61 -33.43 -11.47
CA LEU C 88 21.51 -32.47 -11.61
C LEU C 88 22.08 -31.06 -11.76
N LEU C 89 23.18 -30.80 -11.06
CA LEU C 89 23.84 -29.50 -11.13
C LEU C 89 24.27 -29.21 -12.56
N ASP C 90 25.00 -30.14 -13.18
CA ASP C 90 25.45 -29.98 -14.55
C ASP C 90 24.28 -29.64 -15.49
N ARG C 91 23.18 -30.38 -15.35
CA ARG C 91 22.01 -30.14 -16.17
C ARG C 91 21.47 -28.71 -16.01
N ASN C 92 21.50 -28.19 -14.78
CA ASN C 92 21.01 -26.84 -14.54
C ASN C 92 22.01 -25.83 -15.09
N ALA C 93 23.29 -26.05 -14.83
CA ALA C 93 24.33 -25.16 -15.32
C ALA C 93 24.20 -25.02 -16.82
N GLN C 94 23.90 -26.14 -17.50
CA GLN C 94 23.74 -26.12 -18.95
C GLN C 94 22.55 -25.27 -19.36
N VAL C 95 21.45 -25.39 -18.62
CA VAL C 95 20.26 -24.60 -18.91
C VAL C 95 20.64 -23.12 -18.87
N PHE C 96 21.36 -22.74 -17.82
CA PHE C 96 21.78 -21.36 -17.63
C PHE C 96 22.67 -20.88 -18.77
N ALA C 97 23.59 -21.73 -19.21
CA ALA C 97 24.49 -21.36 -20.30
C ALA C 97 23.70 -21.00 -21.55
N GLN C 98 22.45 -21.46 -21.61
CA GLN C 98 21.59 -21.18 -22.74
C GLN C 98 20.65 -20.00 -22.45
N VAL C 99 20.21 -19.88 -21.21
CA VAL C 99 19.29 -18.81 -20.82
C VAL C 99 19.92 -17.43 -20.64
N VAL C 100 21.02 -17.38 -19.91
CA VAL C 100 21.71 -16.12 -19.62
C VAL C 100 22.02 -15.25 -20.83
N PRO C 101 22.70 -15.79 -21.85
CA PRO C 101 23.01 -14.97 -23.02
C PRO C 101 21.77 -14.52 -23.78
N ARG C 102 20.72 -15.34 -23.75
CA ARG C 102 19.50 -14.98 -24.45
C ARG C 102 18.74 -13.88 -23.73
N VAL C 103 18.83 -13.85 -22.41
CA VAL C 103 18.15 -12.81 -21.64
C VAL C 103 18.90 -11.49 -21.80
N LEU C 104 20.22 -11.53 -21.64
CA LEU C 104 21.04 -10.33 -21.75
C LEU C 104 21.02 -9.77 -23.18
N GLU C 105 20.68 -10.61 -24.14
CA GLU C 105 20.62 -10.19 -25.53
C GLU C 105 19.37 -9.35 -25.75
N ALA C 106 18.31 -9.68 -25.03
CA ALA C 106 17.05 -8.95 -25.15
C ALA C 106 17.02 -7.73 -24.22
N ALA C 107 17.63 -7.87 -23.05
CA ALA C 107 17.67 -6.79 -22.07
C ALA C 107 19.07 -6.72 -21.43
N PRO C 108 20.01 -6.08 -22.13
CA PRO C 108 21.42 -5.89 -21.73
C PRO C 108 21.63 -5.12 -20.42
N GLU C 109 20.69 -4.25 -20.08
CA GLU C 109 20.81 -3.44 -18.87
C GLU C 109 20.11 -4.06 -17.66
N ALA C 110 19.43 -5.18 -17.88
CA ALA C 110 18.70 -5.84 -16.80
C ALA C 110 19.58 -6.36 -15.67
N VAL C 111 19.02 -6.35 -14.46
CA VAL C 111 19.73 -6.88 -13.30
C VAL C 111 19.27 -8.34 -13.22
N LEU C 112 20.20 -9.26 -12.99
CA LEU C 112 19.86 -10.68 -12.92
C LEU C 112 19.68 -11.14 -11.48
N LEU C 113 18.49 -11.67 -11.19
CA LEU C 113 18.16 -12.18 -9.86
C LEU C 113 17.99 -13.70 -9.98
N VAL C 114 18.96 -14.43 -9.45
CA VAL C 114 18.95 -15.89 -9.50
C VAL C 114 18.21 -16.58 -8.36
N ALA C 115 17.32 -17.51 -8.68
CA ALA C 115 16.57 -18.25 -7.68
C ALA C 115 16.89 -19.75 -7.72
N THR C 116 17.11 -20.27 -8.93
CA THR C 116 17.41 -21.69 -9.14
C THR C 116 18.46 -22.20 -8.15
N ASN C 117 18.19 -23.33 -7.51
CA ASN C 117 19.11 -23.91 -6.54
C ASN C 117 20.07 -24.94 -7.15
N PRO C 118 21.25 -25.12 -6.54
CA PRO C 118 21.71 -24.42 -5.33
C PRO C 118 22.00 -22.97 -5.71
N VAL C 119 21.17 -22.05 -5.22
CA VAL C 119 21.27 -20.63 -5.54
C VAL C 119 22.68 -20.02 -5.54
N ASP C 120 23.49 -20.33 -4.54
CA ASP C 120 24.83 -19.78 -4.47
C ASP C 120 25.71 -20.20 -5.65
N VAL C 121 25.64 -21.48 -6.02
CA VAL C 121 26.44 -21.97 -7.13
C VAL C 121 25.89 -21.45 -8.45
N MET C 122 24.57 -21.42 -8.56
CA MET C 122 23.93 -20.95 -9.77
C MET C 122 24.15 -19.45 -9.95
N THR C 123 24.39 -18.74 -8.86
CA THR C 123 24.62 -17.29 -8.94
C THR C 123 26.03 -17.10 -9.51
N GLN C 124 26.98 -17.89 -9.02
CA GLN C 124 28.35 -17.81 -9.52
C GLN C 124 28.36 -18.15 -11.02
N VAL C 125 27.57 -19.17 -11.39
CA VAL C 125 27.48 -19.59 -12.77
C VAL C 125 26.92 -18.47 -13.66
N ALA C 126 25.84 -17.83 -13.22
CA ALA C 126 25.25 -16.75 -13.98
C ALA C 126 26.22 -15.58 -14.06
N TYR C 127 26.99 -15.40 -12.99
CA TYR C 127 27.98 -14.32 -12.94
C TYR C 127 29.07 -14.49 -14.00
N ARG C 128 29.65 -15.68 -14.06
CA ARG C 128 30.71 -15.95 -15.03
C ARG C 128 30.22 -15.79 -16.46
N LEU C 129 29.04 -16.34 -16.74
CA LEU C 129 28.45 -16.28 -18.08
C LEU C 129 27.96 -14.90 -18.53
N SER C 130 27.52 -14.08 -17.58
CA SER C 130 26.99 -12.76 -17.89
C SER C 130 27.96 -11.72 -18.44
N ALA C 131 29.20 -11.75 -17.97
CA ALA C 131 30.21 -10.80 -18.42
C ALA C 131 29.81 -9.38 -18.00
N LEU C 132 29.17 -9.27 -16.84
CA LEU C 132 28.73 -7.97 -16.32
C LEU C 132 29.47 -7.70 -15.02
N PRO C 133 29.34 -6.46 -14.48
CA PRO C 133 30.02 -6.15 -13.23
C PRO C 133 29.48 -7.11 -12.16
N PRO C 134 30.28 -7.43 -11.13
CA PRO C 134 29.88 -8.34 -10.05
C PRO C 134 28.53 -8.07 -9.39
N GLY C 135 28.13 -6.80 -9.31
CA GLY C 135 26.87 -6.45 -8.67
C GLY C 135 25.60 -6.63 -9.47
N ARG C 136 25.74 -6.78 -10.78
CA ARG C 136 24.58 -6.95 -11.66
C ARG C 136 23.93 -8.33 -11.58
N VAL C 137 24.61 -9.28 -10.91
CA VAL C 137 24.07 -10.62 -10.78
C VAL C 137 23.85 -10.93 -9.31
N VAL C 138 22.59 -10.96 -8.90
CA VAL C 138 22.24 -11.21 -7.51
C VAL C 138 21.51 -12.54 -7.33
N GLY C 139 21.80 -13.24 -6.24
CA GLY C 139 21.14 -14.50 -5.94
C GLY C 139 20.27 -14.31 -4.71
N SER C 140 19.15 -15.02 -4.63
CA SER C 140 18.26 -14.91 -3.47
C SER C 140 19.04 -15.17 -2.18
N GLY C 141 20.02 -16.06 -2.25
CA GLY C 141 20.82 -16.37 -1.09
C GLY C 141 20.04 -16.77 0.16
N THR C 142 20.44 -16.22 1.30
CA THR C 142 19.78 -16.53 2.56
C THR C 142 18.66 -15.53 2.89
N ILE C 143 18.12 -14.86 1.88
CA ILE C 143 17.07 -13.89 2.10
C ILE C 143 15.92 -14.55 2.88
N LEU C 144 15.54 -15.76 2.49
CA LEU C 144 14.46 -16.48 3.14
C LEU C 144 14.86 -17.04 4.51
N ASP C 145 16.11 -17.49 4.63
CA ASP C 145 16.59 -18.02 5.89
C ASP C 145 16.55 -16.91 6.95
N THR C 146 16.91 -15.70 6.54
CA THR C 146 16.89 -14.56 7.45
C THR C 146 15.44 -14.29 7.87
N ALA C 147 14.52 -14.34 6.92
CA ALA C 147 13.11 -14.10 7.22
C ALA C 147 12.59 -15.17 8.17
N ARG C 148 13.06 -16.40 7.99
CA ARG C 148 12.64 -17.51 8.85
C ARG C 148 13.16 -17.33 10.27
N PHE C 149 14.41 -16.87 10.39
CA PHE C 149 15.04 -16.62 11.69
C PHE C 149 14.24 -15.55 12.42
N ARG C 150 13.87 -14.48 11.71
CA ARG C 150 13.10 -13.39 12.30
C ARG C 150 11.69 -13.83 12.66
N ALA C 151 11.06 -14.60 11.77
CA ALA C 151 9.71 -15.09 12.02
C ALA C 151 9.63 -15.95 13.29
N LEU C 152 10.54 -16.91 13.43
CA LEU C 152 10.54 -17.79 14.60
C LEU C 152 10.88 -17.03 15.87
N LEU C 153 11.75 -16.03 15.78
CA LEU C 153 12.11 -15.22 16.94
C LEU C 153 10.91 -14.32 17.26
N ALA C 154 10.21 -13.90 16.22
CA ALA C 154 9.05 -13.03 16.36
C ALA C 154 7.96 -13.76 17.14
N GLU C 155 7.71 -15.02 16.77
CA GLU C 155 6.69 -15.82 17.45
C GLU C 155 7.06 -16.01 18.92
N HIS C 156 8.33 -16.30 19.19
CA HIS C 156 8.79 -16.51 20.57
C HIS C 156 8.72 -15.23 21.41
N LEU C 157 9.04 -14.09 20.80
CA LEU C 157 9.05 -12.79 21.50
C LEU C 157 7.73 -12.04 21.46
N ARG C 158 6.85 -12.45 20.57
CA ARG C 158 5.55 -11.80 20.41
C ARG C 158 5.74 -10.35 19.95
N VAL C 159 6.59 -10.15 18.94
CA VAL C 159 6.86 -8.83 18.38
C VAL C 159 6.93 -8.98 16.86
N ALA C 160 6.75 -7.87 16.15
CA ALA C 160 6.79 -7.85 14.69
C ALA C 160 8.17 -8.28 14.20
N PRO C 161 8.23 -9.17 13.19
CA PRO C 161 9.50 -9.65 12.64
C PRO C 161 10.39 -8.50 12.18
N GLN C 162 9.76 -7.47 11.64
CA GLN C 162 10.48 -6.30 11.16
C GLN C 162 11.24 -5.58 12.28
N SER C 163 10.91 -5.88 13.52
CA SER C 163 11.62 -5.24 14.65
C SER C 163 12.80 -6.12 15.11
N VAL C 164 12.85 -7.35 14.61
CA VAL C 164 13.92 -8.29 14.99
C VAL C 164 15.07 -8.17 13.99
N HIS C 165 16.18 -7.61 14.44
CA HIS C 165 17.32 -7.42 13.56
C HIS C 165 18.36 -8.51 13.71
N ALA C 166 18.06 -9.65 13.09
CA ALA C 166 18.93 -10.82 13.11
C ALA C 166 19.13 -11.30 11.68
N TYR C 167 20.31 -11.82 11.39
CA TYR C 167 20.65 -12.29 10.05
C TYR C 167 21.15 -13.73 9.99
N VAL C 168 21.10 -14.29 8.79
CA VAL C 168 21.61 -15.62 8.47
C VAL C 168 22.54 -15.32 7.30
N LEU C 169 23.78 -15.80 7.37
CA LEU C 169 24.76 -15.55 6.32
C LEU C 169 25.36 -16.84 5.74
N GLY C 170 26.20 -16.67 4.73
CA GLY C 170 26.86 -17.80 4.11
C GLY C 170 26.04 -18.51 3.04
N GLU C 171 26.15 -19.83 3.01
CA GLU C 171 25.43 -20.63 2.03
C GLU C 171 23.96 -20.80 2.36
N HIS C 172 23.14 -20.86 1.33
CA HIS C 172 21.71 -21.09 1.51
C HIS C 172 21.57 -22.60 1.57
N GLY C 173 22.08 -23.18 2.65
CA GLY C 173 22.01 -24.63 2.82
C GLY C 173 22.36 -25.04 4.23
N ASP C 174 22.82 -26.29 4.37
CA ASP C 174 23.19 -26.82 5.68
C ASP C 174 24.32 -26.06 6.36
N SER C 175 25.12 -25.36 5.57
CA SER C 175 26.24 -24.59 6.11
C SER C 175 25.88 -23.16 6.52
N GLU C 176 24.63 -22.75 6.33
CA GLU C 176 24.23 -21.38 6.70
C GLU C 176 24.58 -21.04 8.15
N VAL C 177 24.90 -19.77 8.38
CA VAL C 177 25.28 -19.31 9.72
C VAL C 177 24.25 -18.36 10.34
N LEU C 178 23.62 -18.80 11.42
CA LEU C 178 22.65 -17.97 12.13
C LEU C 178 23.48 -17.06 13.04
N VAL C 179 23.39 -15.76 12.81
CA VAL C 179 24.16 -14.81 13.60
C VAL C 179 23.48 -14.41 14.91
N TRP C 180 23.65 -15.25 15.93
CA TRP C 180 23.06 -14.98 17.24
C TRP C 180 23.82 -13.90 18.01
N SER C 181 25.13 -13.88 17.86
CA SER C 181 26.00 -12.94 18.56
C SER C 181 25.59 -11.47 18.50
N SER C 182 25.29 -10.97 17.31
CA SER C 182 24.94 -9.57 17.17
C SER C 182 23.47 -9.24 16.90
N ALA C 183 22.59 -10.24 17.00
CA ALA C 183 21.17 -10.00 16.77
C ALA C 183 20.66 -9.05 17.85
N GLN C 184 19.82 -8.09 17.46
CA GLN C 184 19.30 -7.14 18.43
C GLN C 184 17.88 -6.70 18.12
N VAL C 185 17.20 -6.20 19.16
CA VAL C 185 15.83 -5.70 19.06
C VAL C 185 15.76 -4.44 19.93
N GLY C 186 15.36 -3.33 19.32
CA GLY C 186 15.28 -2.08 20.06
C GLY C 186 16.64 -1.63 20.58
N GLY C 187 17.67 -1.92 19.79
CA GLY C 187 19.02 -1.55 20.16
C GLY C 187 19.59 -2.32 21.34
N VAL C 188 18.98 -3.47 21.64
CA VAL C 188 19.42 -4.30 22.75
C VAL C 188 19.73 -5.73 22.29
N PRO C 189 20.77 -6.35 22.86
CA PRO C 189 21.12 -7.71 22.47
C PRO C 189 19.88 -8.59 22.61
N LEU C 190 19.67 -9.48 21.64
CA LEU C 190 18.52 -10.37 21.62
C LEU C 190 18.16 -11.06 22.94
N LEU C 191 19.14 -11.76 23.53
CA LEU C 191 18.89 -12.47 24.77
C LEU C 191 18.45 -11.53 25.89
N GLU C 192 19.08 -10.37 25.94
CA GLU C 192 18.76 -9.36 26.95
C GLU C 192 17.35 -8.81 26.73
N PHE C 193 16.94 -8.71 25.47
CA PHE C 193 15.61 -8.22 25.15
C PHE C 193 14.58 -9.28 25.53
N ALA C 194 14.84 -10.52 25.12
CA ALA C 194 13.95 -11.63 25.41
C ALA C 194 13.58 -11.71 26.89
N GLU C 195 14.57 -11.56 27.75
CA GLU C 195 14.34 -11.60 29.20
C GLU C 195 13.49 -10.43 29.68
N ALA C 196 13.80 -9.23 29.20
CA ALA C 196 13.06 -8.04 29.58
C ALA C 196 11.61 -8.16 29.13
N ARG C 197 11.40 -8.90 28.06
CA ARG C 197 10.08 -9.13 27.47
C ARG C 197 9.34 -10.22 28.26
N GLY C 198 10.04 -10.85 29.22
CA GLY C 198 9.42 -11.90 29.99
C GLY C 198 9.26 -13.16 29.16
N ARG C 199 10.13 -13.33 28.16
CA ARG C 199 10.09 -14.48 27.28
C ARG C 199 11.51 -14.87 26.89
N ALA C 200 12.34 -15.12 27.90
CA ALA C 200 13.73 -15.48 27.69
C ALA C 200 13.92 -16.61 26.69
N LEU C 201 15.07 -16.59 26.02
CA LEU C 201 15.42 -17.61 25.05
C LEU C 201 16.36 -18.59 25.75
N SER C 202 15.83 -19.73 26.19
CA SER C 202 16.63 -20.74 26.87
C SER C 202 17.55 -21.43 25.87
N PRO C 203 18.60 -22.12 26.37
CA PRO C 203 19.48 -22.80 25.42
C PRO C 203 18.64 -23.79 24.61
N GLU C 204 17.56 -24.26 25.23
CA GLU C 204 16.65 -25.20 24.61
C GLU C 204 15.86 -24.50 23.51
N ASP C 205 15.36 -23.29 23.80
CA ASP C 205 14.61 -22.52 22.82
C ASP C 205 15.47 -22.22 21.60
N ARG C 206 16.69 -21.75 21.84
CA ARG C 206 17.61 -21.42 20.76
C ARG C 206 17.89 -22.59 19.84
N ALA C 207 18.21 -23.74 20.42
CA ALA C 207 18.50 -24.93 19.64
C ALA C 207 17.29 -25.26 18.77
N ARG C 208 16.10 -25.15 19.37
CA ARG C 208 14.85 -25.42 18.68
C ARG C 208 14.65 -24.46 17.51
N ILE C 209 14.84 -23.17 17.76
CA ILE C 209 14.69 -22.15 16.73
C ILE C 209 15.70 -22.37 15.62
N ASP C 210 16.94 -22.65 16.01
CA ASP C 210 18.01 -22.89 15.05
C ASP C 210 17.61 -24.02 14.13
N GLU C 211 16.98 -25.03 14.72
CA GLU C 211 16.51 -26.20 13.99
C GLU C 211 15.33 -25.83 13.07
N GLY C 212 14.46 -24.94 13.56
CA GLY C 212 13.32 -24.53 12.77
C GLY C 212 13.74 -23.79 11.51
N VAL C 213 14.87 -23.11 11.56
CA VAL C 213 15.38 -22.37 10.42
C VAL C 213 16.04 -23.32 9.42
N ARG C 214 17.00 -24.11 9.91
CA ARG C 214 17.73 -25.07 9.07
C ARG C 214 16.85 -26.11 8.38
N ARG C 215 15.86 -26.62 9.11
CA ARG C 215 14.96 -27.65 8.58
C ARG C 215 13.69 -27.07 7.96
N ALA C 216 13.62 -25.74 7.88
CA ALA C 216 12.45 -25.06 7.33
C ALA C 216 11.90 -25.67 6.03
N ALA C 217 12.71 -25.66 4.98
CA ALA C 217 12.30 -26.20 3.69
C ALA C 217 11.85 -27.66 3.80
N TYR C 218 12.69 -28.48 4.41
CA TYR C 218 12.42 -29.90 4.60
C TYR C 218 11.02 -30.11 5.18
N ARG C 219 10.72 -29.43 6.28
CA ARG C 219 9.42 -29.57 6.93
C ARG C 219 8.25 -29.13 6.08
N ILE C 220 8.44 -28.07 5.29
CA ILE C 220 7.36 -27.61 4.42
C ILE C 220 7.09 -28.63 3.31
N ILE C 221 8.16 -29.18 2.75
CA ILE C 221 8.02 -30.16 1.67
C ILE C 221 7.28 -31.40 2.16
N GLU C 222 7.57 -31.84 3.39
CA GLU C 222 6.90 -33.00 3.96
C GLU C 222 5.40 -32.79 3.91
N GLY C 223 4.99 -31.54 4.09
CA GLY C 223 3.58 -31.23 4.09
C GLY C 223 2.90 -30.93 2.77
N LYS C 224 3.61 -30.30 1.83
CA LYS C 224 2.97 -29.97 0.56
C LYS C 224 3.82 -30.16 -0.69
N GLY C 225 4.93 -30.88 -0.57
CA GLY C 225 5.76 -31.13 -1.75
C GLY C 225 6.91 -30.18 -2.04
N ALA C 226 6.67 -28.88 -1.90
CA ALA C 226 7.70 -27.88 -2.16
C ALA C 226 7.34 -26.51 -1.58
N THR C 227 8.33 -25.63 -1.44
CA THR C 227 8.10 -24.30 -0.90
C THR C 227 8.08 -23.28 -2.02
N TYR C 228 7.27 -22.24 -1.88
CA TYR C 228 7.19 -21.19 -2.89
C TYR C 228 6.62 -19.85 -2.43
N TYR C 229 5.73 -19.85 -1.45
CA TYR C 229 5.14 -18.59 -0.99
C TYR C 229 6.17 -17.69 -0.31
N GLY C 230 7.05 -18.28 0.49
CA GLY C 230 8.07 -17.53 1.19
C GLY C 230 9.10 -16.93 0.26
N ILE C 231 9.65 -17.76 -0.63
CA ILE C 231 10.65 -17.30 -1.58
C ILE C 231 10.03 -16.37 -2.64
N GLY C 232 8.79 -16.64 -3.01
CA GLY C 232 8.12 -15.79 -3.98
C GLY C 232 8.03 -14.35 -3.51
N ALA C 233 7.73 -14.17 -2.23
CA ALA C 233 7.62 -12.84 -1.64
C ALA C 233 9.01 -12.21 -1.51
N GLY C 234 9.98 -13.02 -1.12
CA GLY C 234 11.34 -12.54 -0.98
C GLY C 234 11.89 -12.04 -2.31
N LEU C 235 11.66 -12.81 -3.38
CA LEU C 235 12.13 -12.43 -4.70
C LEU C 235 11.43 -11.14 -5.12
N ALA C 236 10.11 -11.10 -4.92
CA ALA C 236 9.33 -9.93 -5.27
C ALA C 236 9.84 -8.69 -4.54
N ARG C 237 10.22 -8.86 -3.28
CA ARG C 237 10.74 -7.73 -2.48
C ARG C 237 12.07 -7.22 -3.01
N LEU C 238 12.95 -8.14 -3.40
CA LEU C 238 14.26 -7.75 -3.93
C LEU C 238 14.08 -7.05 -5.29
N VAL C 239 13.12 -7.52 -6.07
CA VAL C 239 12.85 -6.90 -7.36
C VAL C 239 12.37 -5.47 -7.13
N ARG C 240 11.52 -5.28 -6.13
CA ARG C 240 11.00 -3.96 -5.83
C ARG C 240 12.14 -3.04 -5.41
N ALA C 241 13.03 -3.54 -4.57
CA ALA C 241 14.16 -2.73 -4.12
C ALA C 241 14.99 -2.27 -5.32
N ILE C 242 15.14 -3.14 -6.31
CA ILE C 242 15.91 -2.83 -7.52
C ILE C 242 15.20 -1.82 -8.41
N LEU C 243 13.91 -2.05 -8.68
CA LEU C 243 13.18 -1.15 -9.55
C LEU C 243 13.01 0.26 -8.97
N THR C 244 12.96 0.38 -7.66
CA THR C 244 12.80 1.68 -7.00
C THR C 244 14.12 2.29 -6.55
N ASP C 245 15.23 1.62 -6.82
CA ASP C 245 16.55 2.10 -6.42
C ASP C 245 16.49 2.45 -4.94
N GLU C 246 15.98 1.50 -4.16
CA GLU C 246 15.80 1.64 -2.72
C GLU C 246 17.05 1.89 -1.87
N LYS C 247 18.14 1.18 -2.16
CA LYS C 247 19.38 1.31 -1.39
C LYS C 247 19.10 0.72 -0.02
N GLY C 248 18.32 -0.36 0.02
CA GLY C 248 18.01 -1.02 1.28
C GLY C 248 18.98 -2.17 1.53
N VAL C 249 19.17 -2.56 2.79
CA VAL C 249 20.10 -3.64 3.12
C VAL C 249 19.45 -5.01 3.25
N TYR C 250 19.97 -5.99 2.51
CA TYR C 250 19.44 -7.35 2.53
C TYR C 250 20.56 -8.39 2.49
N THR C 251 20.31 -9.58 3.05
CA THR C 251 21.31 -10.64 3.03
C THR C 251 21.08 -11.45 1.76
N VAL C 252 21.81 -11.13 0.71
CA VAL C 252 21.69 -11.82 -0.57
C VAL C 252 23.04 -12.34 -1.05
N SER C 253 23.00 -13.22 -2.05
CA SER C 253 24.22 -13.80 -2.59
C SER C 253 24.73 -13.01 -3.78
N ALA C 254 26.05 -12.94 -3.91
CA ALA C 254 26.68 -12.23 -5.02
C ALA C 254 28.13 -12.67 -5.07
N PHE C 255 28.74 -12.59 -6.26
CA PHE C 255 30.14 -12.97 -6.41
C PHE C 255 30.94 -12.13 -5.41
N THR C 256 31.74 -12.79 -4.58
CA THR C 256 32.51 -12.09 -3.56
C THR C 256 34.01 -12.32 -3.72
N PRO C 257 34.77 -11.25 -3.98
CA PRO C 257 36.23 -11.33 -4.16
C PRO C 257 36.97 -12.03 -3.02
N GLU C 258 36.54 -11.79 -1.79
CA GLU C 258 37.18 -12.40 -0.62
C GLU C 258 36.26 -12.51 0.59
N VAL C 259 36.22 -13.69 1.18
CA VAL C 259 35.38 -13.94 2.35
C VAL C 259 36.15 -14.74 3.39
N GLU C 260 36.51 -14.07 4.50
CA GLU C 260 37.25 -14.73 5.58
C GLU C 260 38.47 -15.48 5.05
N GLY C 261 38.92 -15.10 3.86
CA GLY C 261 40.07 -15.74 3.26
C GLY C 261 39.75 -16.30 1.89
N VAL C 262 38.68 -17.11 1.81
CA VAL C 262 38.27 -17.71 0.55
C VAL C 262 38.06 -16.60 -0.49
N LEU C 263 38.73 -16.74 -1.63
CA LEU C 263 38.62 -15.74 -2.69
C LEU C 263 37.69 -16.20 -3.82
N GLU C 264 37.06 -15.23 -4.47
CA GLU C 264 36.14 -15.47 -5.58
C GLU C 264 35.05 -16.51 -5.32
N VAL C 265 34.24 -16.28 -4.29
CA VAL C 265 33.17 -17.19 -3.97
C VAL C 265 31.85 -16.45 -3.80
N SER C 266 30.76 -17.06 -4.25
CA SER C 266 29.46 -16.45 -4.13
C SER C 266 28.74 -16.96 -2.88
N LEU C 267 28.26 -16.05 -2.06
CA LEU C 267 27.54 -16.40 -0.84
C LEU C 267 26.81 -15.17 -0.32
N SER C 268 26.01 -15.35 0.72
CA SER C 268 25.23 -14.24 1.27
C SER C 268 25.87 -13.42 2.40
N LEU C 269 25.78 -12.11 2.24
CA LEU C 269 26.29 -11.14 3.21
C LEU C 269 25.33 -9.95 3.10
N PRO C 270 25.26 -9.10 4.14
CA PRO C 270 24.35 -7.94 4.06
C PRO C 270 24.87 -7.02 2.96
N ARG C 271 24.00 -6.73 1.99
CA ARG C 271 24.38 -5.88 0.87
C ARG C 271 23.35 -4.79 0.57
N ILE C 272 23.82 -3.68 0.00
CA ILE C 272 22.96 -2.56 -0.37
C ILE C 272 22.39 -2.86 -1.75
N LEU C 273 21.07 -2.95 -1.84
CA LEU C 273 20.41 -3.26 -3.10
C LEU C 273 19.77 -2.03 -3.75
N GLY C 274 20.13 -1.79 -5.00
CA GLY C 274 19.59 -0.65 -5.73
C GLY C 274 19.35 -0.96 -7.19
N ALA C 275 19.16 0.08 -7.99
CA ALA C 275 18.91 -0.07 -9.42
C ALA C 275 20.00 -0.81 -10.18
N GLY C 276 21.22 -0.80 -9.66
CA GLY C 276 22.31 -1.50 -10.33
C GLY C 276 22.58 -2.87 -9.71
N GLY C 277 21.66 -3.32 -8.86
CA GLY C 277 21.83 -4.60 -8.20
C GLY C 277 22.50 -4.33 -6.87
N VAL C 278 23.46 -5.16 -6.49
CA VAL C 278 24.16 -4.93 -5.25
C VAL C 278 25.19 -3.84 -5.52
N GLU C 279 25.32 -2.90 -4.59
CA GLU C 279 26.27 -1.81 -4.76
C GLU C 279 27.04 -1.56 -3.48
N GLY C 280 27.06 -2.55 -2.60
CA GLY C 280 27.77 -2.42 -1.34
C GLY C 280 27.65 -3.70 -0.55
N THR C 281 28.77 -4.14 0.01
CA THR C 281 28.81 -5.37 0.80
C THR C 281 29.53 -5.12 2.11
N VAL C 282 28.94 -5.58 3.21
CA VAL C 282 29.54 -5.41 4.53
C VAL C 282 29.56 -6.71 5.32
N TYR C 283 30.38 -6.77 6.37
CA TYR C 283 30.49 -7.97 7.20
C TYR C 283 30.05 -7.66 8.62
N PRO C 284 28.86 -8.14 9.02
CA PRO C 284 28.37 -7.89 10.38
C PRO C 284 29.30 -8.44 11.46
N SER C 285 29.14 -7.91 12.68
CA SER C 285 29.96 -8.36 13.79
C SER C 285 29.70 -9.85 14.01
N LEU C 286 30.76 -10.65 13.93
CA LEU C 286 30.62 -12.08 14.11
C LEU C 286 31.47 -12.58 15.28
N SER C 287 31.01 -13.64 15.93
CA SER C 287 31.74 -14.23 17.04
C SER C 287 32.71 -15.24 16.43
N PRO C 288 33.80 -15.55 17.15
CA PRO C 288 34.81 -16.51 16.66
C PRO C 288 34.17 -17.76 16.06
N GLU C 289 33.17 -18.30 16.74
CA GLU C 289 32.47 -19.49 16.29
C GLU C 289 31.70 -19.26 14.99
N GLU C 290 31.10 -18.08 14.85
CA GLU C 290 30.34 -17.76 13.65
C GLU C 290 31.28 -17.44 12.50
N ARG C 291 32.37 -16.75 12.79
CA ARG C 291 33.33 -16.39 11.75
C ARG C 291 33.94 -17.65 11.13
N GLU C 292 34.25 -18.64 11.97
CA GLU C 292 34.83 -19.88 11.49
C GLU C 292 33.84 -20.68 10.65
N ALA C 293 32.60 -20.74 11.10
CA ALA C 293 31.55 -21.46 10.40
C ALA C 293 31.29 -20.83 9.04
N LEU C 294 31.48 -19.51 8.96
CA LEU C 294 31.28 -18.79 7.71
C LEU C 294 32.42 -19.14 6.76
N ARG C 295 33.63 -19.22 7.31
CA ARG C 295 34.79 -19.56 6.51
C ARG C 295 34.62 -20.94 5.89
N ARG C 296 34.17 -21.91 6.68
CA ARG C 296 33.96 -23.26 6.17
C ARG C 296 32.81 -23.25 5.17
N SER C 297 31.87 -22.33 5.35
CA SER C 297 30.75 -22.22 4.44
C SER C 297 31.30 -21.73 3.11
N ALA C 298 32.16 -20.71 3.16
CA ALA C 298 32.76 -20.16 1.95
C ALA C 298 33.61 -21.20 1.24
N GLU C 299 34.35 -22.00 2.01
CA GLU C 299 35.19 -23.06 1.46
C GLU C 299 34.37 -24.06 0.64
N ILE C 300 33.34 -24.62 1.27
CA ILE C 300 32.48 -25.59 0.62
C ILE C 300 32.02 -25.06 -0.74
N LEU C 301 31.46 -23.86 -0.74
CA LEU C 301 30.96 -23.23 -1.95
C LEU C 301 32.07 -23.02 -2.98
N LYS C 302 33.24 -22.62 -2.51
CA LYS C 302 34.39 -22.38 -3.37
C LYS C 302 34.72 -23.66 -4.14
N GLU C 303 34.82 -24.78 -3.42
CA GLU C 303 35.13 -26.06 -4.02
C GLU C 303 34.02 -26.47 -4.99
N ALA C 304 32.77 -26.29 -4.56
CA ALA C 304 31.62 -26.64 -5.36
C ALA C 304 31.59 -25.94 -6.72
N ALA C 305 31.89 -24.64 -6.70
CA ALA C 305 31.89 -23.85 -7.94
C ALA C 305 33.04 -24.27 -8.85
N PHE C 306 34.16 -24.66 -8.25
CA PHE C 306 35.31 -25.08 -9.03
C PHE C 306 35.02 -26.37 -9.79
N ALA C 307 34.70 -27.41 -9.05
CA ALA C 307 34.41 -28.72 -9.63
C ALA C 307 33.47 -28.61 -10.83
N LEU C 308 32.52 -27.69 -10.75
CA LEU C 308 31.55 -27.48 -11.82
C LEU C 308 32.17 -26.80 -13.04
N GLY C 309 33.18 -25.97 -12.79
CA GLY C 309 33.84 -25.28 -13.88
C GLY C 309 33.62 -23.77 -13.87
N PHE C 310 33.30 -23.22 -12.71
CA PHE C 310 33.07 -21.78 -12.59
C PHE C 310 33.73 -21.22 -11.34
N MET D 1 -7.27 -8.01 13.89
CA MET D 1 -8.40 -8.85 13.44
C MET D 1 -7.92 -10.21 12.94
N LYS D 2 -8.82 -11.19 12.98
CA LYS D 2 -8.50 -12.54 12.55
C LYS D 2 -9.37 -13.03 11.40
N VAL D 3 -8.74 -13.74 10.48
CA VAL D 3 -9.44 -14.30 9.33
C VAL D 3 -9.16 -15.81 9.33
N GLY D 4 -10.21 -16.59 9.12
CA GLY D 4 -10.07 -18.03 9.08
C GLY D 4 -10.27 -18.57 7.67
N ILE D 5 -9.57 -19.66 7.36
CA ILE D 5 -9.68 -20.28 6.06
C ILE D 5 -9.74 -21.79 6.24
N VAL D 6 -10.92 -22.36 5.98
CA VAL D 6 -11.13 -23.80 6.08
C VAL D 6 -10.89 -24.41 4.71
N GLY D 7 -9.88 -25.27 4.61
CA GLY D 7 -9.56 -25.87 3.33
C GLY D 7 -8.27 -25.22 2.88
N SER D 8 -7.14 -25.84 3.21
CA SER D 8 -5.84 -25.31 2.85
C SER D 8 -5.24 -25.87 1.57
N GLY D 9 -6.03 -25.89 0.51
CA GLY D 9 -5.54 -26.38 -0.78
C GLY D 9 -4.91 -25.21 -1.52
N MET D 10 -4.93 -25.24 -2.86
CA MET D 10 -4.35 -24.14 -3.62
C MET D 10 -5.14 -22.85 -3.46
N VAL D 11 -6.46 -22.95 -3.55
CA VAL D 11 -7.32 -21.79 -3.41
C VAL D 11 -7.23 -21.19 -2.02
N GLY D 12 -7.42 -22.02 -1.00
CA GLY D 12 -7.35 -21.54 0.37
C GLY D 12 -6.00 -20.92 0.73
N SER D 13 -4.92 -21.61 0.36
CA SER D 13 -3.58 -21.11 0.65
C SER D 13 -3.23 -19.88 -0.18
N ALA D 14 -3.72 -19.83 -1.41
CA ALA D 14 -3.45 -18.68 -2.26
C ALA D 14 -4.12 -17.44 -1.65
N THR D 15 -5.30 -17.64 -1.07
CA THR D 15 -6.05 -16.57 -0.44
C THR D 15 -5.28 -16.04 0.77
N ALA D 16 -4.72 -16.96 1.55
CA ALA D 16 -3.95 -16.61 2.72
C ALA D 16 -2.69 -15.84 2.34
N TYR D 17 -2.08 -16.23 1.22
CA TYR D 17 -0.87 -15.58 0.73
C TYR D 17 -1.17 -14.13 0.34
N ALA D 18 -2.29 -13.93 -0.35
CA ALA D 18 -2.69 -12.58 -0.77
C ALA D 18 -3.01 -11.74 0.47
N LEU D 19 -3.69 -12.35 1.44
CA LEU D 19 -4.06 -11.65 2.68
C LEU D 19 -2.80 -11.20 3.43
N ALA D 20 -1.79 -12.06 3.45
CA ALA D 20 -0.55 -11.73 4.13
C ALA D 20 0.22 -10.63 3.41
N LEU D 21 0.39 -10.78 2.10
CA LEU D 21 1.11 -9.80 1.30
C LEU D 21 0.49 -8.41 1.38
N LEU D 22 -0.84 -8.35 1.48
CA LEU D 22 -1.54 -7.08 1.55
C LEU D 22 -1.78 -6.61 2.97
N GLY D 23 -1.42 -7.45 3.95
CA GLY D 23 -1.58 -7.10 5.35
C GLY D 23 -3.02 -6.80 5.74
N VAL D 24 -3.96 -7.57 5.21
CA VAL D 24 -5.38 -7.36 5.51
C VAL D 24 -5.78 -7.61 6.96
N ALA D 25 -5.23 -8.65 7.57
CA ALA D 25 -5.55 -8.99 8.95
C ALA D 25 -4.29 -9.33 9.74
N ARG D 26 -4.32 -9.07 11.05
CA ARG D 26 -3.18 -9.34 11.91
C ARG D 26 -2.99 -10.83 12.14
N GLU D 27 -4.04 -11.61 11.90
CA GLU D 27 -3.95 -13.06 12.11
C GLU D 27 -4.73 -13.87 11.09
N VAL D 28 -4.10 -14.92 10.57
CA VAL D 28 -4.73 -15.80 9.58
C VAL D 28 -4.55 -17.25 10.01
N VAL D 29 -5.65 -17.95 10.20
CA VAL D 29 -5.61 -19.35 10.62
C VAL D 29 -6.11 -20.29 9.53
N LEU D 30 -5.32 -21.32 9.25
CA LEU D 30 -5.68 -22.30 8.23
C LEU D 30 -6.14 -23.58 8.92
N VAL D 31 -7.23 -24.16 8.42
CA VAL D 31 -7.76 -25.39 8.98
C VAL D 31 -8.01 -26.38 7.85
N ASP D 32 -7.47 -27.59 7.99
CA ASP D 32 -7.64 -28.62 6.98
C ASP D 32 -7.60 -30.01 7.61
N LEU D 33 -8.37 -30.94 7.04
CA LEU D 33 -8.39 -32.32 7.54
C LEU D 33 -6.94 -32.83 7.55
N ASP D 34 -6.17 -32.45 6.53
CA ASP D 34 -4.77 -32.83 6.43
C ASP D 34 -3.96 -31.74 7.12
N ARG D 35 -3.77 -31.90 8.42
CA ARG D 35 -3.03 -30.94 9.23
C ARG D 35 -1.60 -30.66 8.77
N LYS D 36 -0.95 -31.67 8.20
CA LYS D 36 0.41 -31.49 7.71
C LYS D 36 0.37 -30.46 6.59
N LEU D 37 -0.64 -30.59 5.74
CA LEU D 37 -0.81 -29.69 4.60
C LEU D 37 -1.02 -28.24 5.06
N ALA D 38 -2.01 -28.03 5.93
CA ALA D 38 -2.28 -26.70 6.44
C ALA D 38 -1.05 -26.10 7.11
N GLN D 39 -0.38 -26.89 7.94
CA GLN D 39 0.80 -26.43 8.64
C GLN D 39 1.92 -26.04 7.67
N ALA D 40 2.08 -26.81 6.60
CA ALA D 40 3.11 -26.52 5.60
C ALA D 40 2.83 -25.20 4.89
N HIS D 41 1.56 -24.99 4.53
CA HIS D 41 1.16 -23.76 3.87
C HIS D 41 1.32 -22.57 4.82
N ALA D 42 0.89 -22.75 6.06
CA ALA D 42 0.97 -21.69 7.06
C ALA D 42 2.42 -21.27 7.32
N GLU D 43 3.32 -22.23 7.39
CA GLU D 43 4.71 -21.89 7.63
C GLU D 43 5.33 -21.18 6.42
N ASP D 44 5.00 -21.67 5.23
CA ASP D 44 5.52 -21.09 4.00
C ASP D 44 5.06 -19.63 3.89
N ILE D 45 3.80 -19.37 4.23
CA ILE D 45 3.27 -18.02 4.16
C ILE D 45 3.82 -17.15 5.30
N LEU D 46 4.00 -17.76 6.48
CA LEU D 46 4.54 -17.02 7.62
C LEU D 46 5.93 -16.47 7.30
N HIS D 47 6.69 -17.23 6.51
CA HIS D 47 8.04 -16.86 6.11
C HIS D 47 8.06 -15.69 5.13
N ALA D 48 6.91 -15.39 4.53
CA ALA D 48 6.83 -14.28 3.60
C ALA D 48 6.57 -12.96 4.35
N THR D 49 5.96 -13.05 5.54
CA THR D 49 5.62 -11.83 6.29
C THR D 49 6.73 -10.80 6.57
N PRO D 50 7.97 -11.24 6.82
CA PRO D 50 8.99 -10.21 7.07
C PRO D 50 9.23 -9.29 5.87
N PHE D 51 8.78 -9.73 4.69
CA PHE D 51 8.94 -8.96 3.45
C PHE D 51 7.73 -8.06 3.22
N ALA D 52 6.66 -8.33 3.95
CA ALA D 52 5.42 -7.58 3.79
C ALA D 52 4.92 -6.90 5.06
N HIS D 53 3.96 -7.52 5.72
CA HIS D 53 3.39 -6.98 6.95
C HIS D 53 3.36 -8.03 8.05
N PRO D 54 3.34 -7.58 9.31
CA PRO D 54 3.31 -8.53 10.43
C PRO D 54 1.94 -9.23 10.47
N VAL D 55 1.98 -10.54 10.28
CA VAL D 55 0.77 -11.35 10.30
C VAL D 55 1.11 -12.65 11.01
N TRP D 56 0.27 -13.05 11.96
CA TRP D 56 0.46 -14.30 12.66
C TRP D 56 -0.24 -15.34 11.79
N VAL D 57 0.52 -16.00 10.94
CA VAL D 57 -0.05 -17.02 10.06
C VAL D 57 0.18 -18.38 10.72
N ARG D 58 -0.89 -19.15 10.88
CA ARG D 58 -0.79 -20.45 11.53
C ARG D 58 -1.89 -21.42 11.11
N ALA D 59 -1.65 -22.71 11.36
CA ALA D 59 -2.63 -23.75 11.06
C ALA D 59 -3.27 -24.11 12.40
N GLY D 60 -4.53 -24.55 12.36
CA GLY D 60 -5.22 -24.91 13.59
C GLY D 60 -6.51 -25.67 13.37
N SER D 61 -7.29 -25.80 14.43
CA SER D 61 -8.57 -26.50 14.38
C SER D 61 -9.69 -25.50 14.26
N TYR D 62 -10.93 -25.97 14.17
CA TYR D 62 -12.08 -25.08 14.06
C TYR D 62 -12.18 -24.17 15.28
N GLY D 63 -11.78 -24.68 16.43
CA GLY D 63 -11.83 -23.89 17.65
C GLY D 63 -10.90 -22.68 17.56
N ASP D 64 -9.84 -22.80 16.76
CA ASP D 64 -8.87 -21.72 16.59
C ASP D 64 -9.42 -20.59 15.71
N LEU D 65 -10.68 -20.72 15.30
CA LEU D 65 -11.31 -19.69 14.46
C LEU D 65 -12.02 -18.66 15.33
N GLU D 66 -12.06 -18.92 16.63
CA GLU D 66 -12.72 -18.03 17.58
C GLU D 66 -12.32 -16.58 17.35
N GLY D 67 -13.31 -15.70 17.24
CA GLY D 67 -13.06 -14.29 17.04
C GLY D 67 -12.88 -13.81 15.61
N ALA D 68 -12.81 -14.74 14.67
CA ALA D 68 -12.63 -14.37 13.27
C ALA D 68 -13.82 -13.57 12.73
N ARG D 69 -13.53 -12.46 12.06
CA ARG D 69 -14.58 -11.61 11.48
C ARG D 69 -15.11 -12.23 10.20
N ALA D 70 -14.25 -13.00 9.54
CA ALA D 70 -14.66 -13.67 8.30
C ALA D 70 -13.96 -15.01 8.19
N VAL D 71 -14.68 -15.99 7.66
CA VAL D 71 -14.11 -17.31 7.48
C VAL D 71 -14.40 -17.75 6.06
N VAL D 72 -13.34 -18.04 5.32
CA VAL D 72 -13.46 -18.48 3.94
C VAL D 72 -13.64 -19.99 3.89
N LEU D 73 -14.68 -20.43 3.17
CA LEU D 73 -14.96 -21.86 3.02
C LEU D 73 -14.44 -22.30 1.66
N ALA D 74 -13.22 -22.84 1.64
CA ALA D 74 -12.60 -23.31 0.41
C ALA D 74 -12.33 -24.80 0.53
N ALA D 75 -13.15 -25.48 1.33
CA ALA D 75 -13.00 -26.91 1.55
C ALA D 75 -13.88 -27.70 0.61
N GLY D 76 -13.29 -28.67 -0.06
CA GLY D 76 -14.02 -29.51 -0.98
C GLY D 76 -13.35 -30.86 -1.09
N VAL D 77 -14.00 -31.81 -1.76
CA VAL D 77 -13.43 -33.14 -1.91
C VAL D 77 -12.74 -33.27 -3.27
N ALA D 78 -11.78 -34.19 -3.34
CA ALA D 78 -11.04 -34.44 -4.57
C ALA D 78 -11.83 -35.39 -5.47
N GLN D 79 -11.92 -35.05 -6.75
CA GLN D 79 -12.64 -35.88 -7.71
C GLN D 79 -12.06 -37.29 -7.77
N ARG D 80 -12.94 -38.29 -7.85
CA ARG D 80 -12.53 -39.68 -7.92
C ARG D 80 -12.27 -40.14 -9.35
N PRO D 81 -11.57 -41.28 -9.52
CA PRO D 81 -11.26 -41.82 -10.84
C PRO D 81 -12.47 -42.44 -11.53
N GLY D 82 -13.29 -41.59 -12.15
CA GLY D 82 -14.47 -42.08 -12.84
C GLY D 82 -15.77 -41.68 -12.17
N GLU D 83 -15.82 -40.46 -11.67
CA GLU D 83 -17.00 -39.95 -10.99
C GLU D 83 -17.57 -38.76 -11.76
N THR D 84 -18.83 -38.42 -11.51
CA THR D 84 -19.45 -37.30 -12.20
C THR D 84 -19.43 -36.06 -11.31
N ARG D 85 -20.04 -34.98 -11.81
CA ARG D 85 -20.08 -33.72 -11.08
C ARG D 85 -21.19 -33.63 -10.03
N LEU D 86 -22.35 -34.20 -10.31
CA LEU D 86 -23.44 -34.16 -9.35
C LEU D 86 -23.08 -35.07 -8.18
N GLN D 87 -22.12 -35.96 -8.43
CA GLN D 87 -21.63 -36.87 -7.40
C GLN D 87 -20.88 -36.02 -6.39
N LEU D 88 -20.04 -35.11 -6.90
CA LEU D 88 -19.25 -34.22 -6.06
C LEU D 88 -20.14 -33.22 -5.34
N LEU D 89 -21.15 -32.71 -6.05
CA LEU D 89 -22.06 -31.74 -5.47
C LEU D 89 -22.68 -32.24 -4.17
N ASP D 90 -23.03 -33.53 -4.15
CA ASP D 90 -23.63 -34.12 -2.95
C ASP D 90 -22.55 -34.36 -1.91
N ARG D 91 -21.38 -34.79 -2.38
CA ARG D 91 -20.27 -35.06 -1.49
C ARG D 91 -19.83 -33.78 -0.76
N ASN D 92 -19.72 -32.68 -1.50
CA ASN D 92 -19.32 -31.41 -0.90
C ASN D 92 -20.36 -30.87 0.06
N ALA D 93 -21.64 -31.09 -0.26
CA ALA D 93 -22.71 -30.63 0.61
C ALA D 93 -22.57 -31.29 1.99
N GLN D 94 -22.02 -32.51 2.00
CA GLN D 94 -21.83 -33.24 3.24
C GLN D 94 -20.64 -32.68 4.00
N VAL D 95 -19.67 -32.14 3.27
CA VAL D 95 -18.51 -31.54 3.89
C VAL D 95 -18.99 -30.30 4.64
N PHE D 96 -19.83 -29.51 3.96
CA PHE D 96 -20.38 -28.29 4.52
C PHE D 96 -21.25 -28.55 5.74
N ALA D 97 -21.95 -29.69 5.75
CA ALA D 97 -22.80 -30.05 6.87
C ALA D 97 -21.94 -30.28 8.10
N GLN D 98 -20.67 -30.61 7.88
CA GLN D 98 -19.72 -30.84 8.96
C GLN D 98 -19.01 -29.54 9.32
N VAL D 99 -18.55 -28.82 8.30
CA VAL D 99 -17.82 -27.58 8.47
C VAL D 99 -18.61 -26.38 8.97
N VAL D 100 -19.72 -26.06 8.32
CA VAL D 100 -20.51 -24.90 8.72
C VAL D 100 -20.84 -24.82 10.21
N PRO D 101 -21.52 -25.84 10.77
CA PRO D 101 -21.85 -25.80 12.20
C PRO D 101 -20.62 -25.67 13.08
N ARG D 102 -19.53 -26.35 12.72
CA ARG D 102 -18.31 -26.29 13.50
C ARG D 102 -17.67 -24.90 13.44
N VAL D 103 -17.85 -24.22 12.31
CA VAL D 103 -17.30 -22.88 12.14
C VAL D 103 -18.06 -21.86 12.97
N LEU D 104 -19.37 -21.81 12.77
CA LEU D 104 -20.21 -20.86 13.48
C LEU D 104 -20.29 -21.13 14.98
N GLU D 105 -19.77 -22.30 15.39
CA GLU D 105 -19.77 -22.65 16.80
C GLU D 105 -18.58 -21.97 17.48
N ALA D 106 -17.51 -21.78 16.72
CA ALA D 106 -16.30 -21.14 17.23
C ALA D 106 -16.33 -19.63 16.95
N ALA D 107 -16.94 -19.25 15.84
CA ALA D 107 -17.03 -17.84 15.45
C ALA D 107 -18.46 -17.51 15.00
N PRO D 108 -19.40 -17.48 15.97
CA PRO D 108 -20.83 -17.19 15.78
C PRO D 108 -21.13 -15.91 15.00
N GLU D 109 -20.26 -14.92 15.08
CA GLU D 109 -20.48 -13.65 14.39
C GLU D 109 -19.72 -13.49 13.08
N ALA D 110 -18.96 -14.52 12.70
CA ALA D 110 -18.18 -14.45 11.46
C ALA D 110 -19.05 -14.39 10.22
N VAL D 111 -18.53 -13.76 9.17
CA VAL D 111 -19.24 -13.69 7.89
C VAL D 111 -18.62 -14.86 7.13
N LEU D 112 -19.46 -15.67 6.48
CA LEU D 112 -18.95 -16.81 5.72
C LEU D 112 -18.80 -16.46 4.25
N LEU D 113 -17.61 -16.70 3.72
CA LEU D 113 -17.31 -16.42 2.31
C LEU D 113 -17.06 -17.77 1.63
N VAL D 114 -17.99 -18.16 0.76
CA VAL D 114 -17.90 -19.43 0.06
C VAL D 114 -17.13 -19.43 -1.26
N ALA D 115 -16.17 -20.34 -1.36
CA ALA D 115 -15.35 -20.46 -2.57
C ALA D 115 -15.57 -21.81 -3.26
N THR D 116 -15.88 -22.83 -2.48
CA THR D 116 -16.08 -24.17 -3.02
C THR D 116 -17.07 -24.22 -4.18
N ASN D 117 -16.67 -24.92 -5.24
CA ASN D 117 -17.51 -25.06 -6.43
C ASN D 117 -18.37 -26.32 -6.33
N PRO D 118 -19.57 -26.28 -6.93
CA PRO D 118 -20.13 -25.14 -7.64
C PRO D 118 -20.46 -24.07 -6.60
N VAL D 119 -19.77 -22.93 -6.69
CA VAL D 119 -19.94 -21.85 -5.72
C VAL D 119 -21.36 -21.41 -5.42
N ASP D 120 -22.18 -21.22 -6.46
CA ASP D 120 -23.56 -20.77 -6.25
C ASP D 120 -24.38 -21.72 -5.39
N VAL D 121 -24.37 -23.01 -5.74
CA VAL D 121 -25.14 -23.99 -4.98
C VAL D 121 -24.54 -24.16 -3.58
N MET D 122 -23.21 -24.13 -3.50
CA MET D 122 -22.57 -24.28 -2.20
C MET D 122 -22.90 -23.11 -1.29
N THR D 123 -23.17 -21.94 -1.89
CA THR D 123 -23.53 -20.75 -1.13
C THR D 123 -24.92 -20.96 -0.55
N GLN D 124 -25.83 -21.46 -1.39
CA GLN D 124 -27.20 -21.70 -0.93
C GLN D 124 -27.20 -22.75 0.17
N VAL D 125 -26.32 -23.74 0.07
CA VAL D 125 -26.23 -24.80 1.07
C VAL D 125 -25.73 -24.19 2.37
N ALA D 126 -24.66 -23.39 2.27
CA ALA D 126 -24.09 -22.75 3.44
C ALA D 126 -25.18 -21.91 4.10
N TYR D 127 -25.95 -21.23 3.26
CA TYR D 127 -27.03 -20.37 3.73
C TYR D 127 -28.03 -21.18 4.55
N ARG D 128 -28.56 -22.25 3.95
CA ARG D 128 -29.53 -23.11 4.62
C ARG D 128 -29.03 -23.65 5.96
N LEU D 129 -27.81 -24.18 5.98
CA LEU D 129 -27.23 -24.76 7.17
C LEU D 129 -26.83 -23.79 8.29
N SER D 130 -26.46 -22.56 7.92
CA SER D 130 -26.02 -21.56 8.89
C SER D 130 -27.09 -21.01 9.81
N ALA D 131 -28.30 -20.82 9.27
CA ALA D 131 -29.40 -20.26 10.04
C ALA D 131 -29.08 -18.82 10.43
N LEU D 132 -28.30 -18.15 9.60
CA LEU D 132 -27.90 -16.76 9.82
C LEU D 132 -28.67 -15.92 8.80
N PRO D 133 -28.65 -14.59 8.95
CA PRO D 133 -29.37 -13.76 7.97
C PRO D 133 -28.75 -14.03 6.59
N PRO D 134 -29.49 -13.76 5.50
CA PRO D 134 -28.97 -14.00 4.15
C PRO D 134 -27.61 -13.35 3.87
N GLY D 135 -27.49 -12.06 4.17
CA GLY D 135 -26.26 -11.33 3.92
C GLY D 135 -25.00 -11.87 4.57
N ARG D 136 -25.16 -12.60 5.67
CA ARG D 136 -23.99 -13.15 6.38
C ARG D 136 -23.30 -14.27 5.63
N VAL D 137 -23.93 -14.76 4.57
CA VAL D 137 -23.35 -15.84 3.76
C VAL D 137 -23.12 -15.34 2.34
N VAL D 138 -21.85 -15.19 1.98
CA VAL D 138 -21.50 -14.69 0.65
C VAL D 138 -20.62 -15.65 -0.13
N GLY D 139 -20.90 -15.78 -1.43
CA GLY D 139 -20.11 -16.65 -2.27
C GLY D 139 -19.33 -15.79 -3.26
N SER D 140 -18.11 -16.21 -3.60
CA SER D 140 -17.30 -15.46 -4.55
C SER D 140 -18.14 -15.14 -5.79
N GLY D 141 -18.91 -16.13 -6.24
CA GLY D 141 -19.77 -15.93 -7.40
C GLY D 141 -19.01 -15.57 -8.68
N THR D 142 -19.53 -14.58 -9.40
CA THR D 142 -18.91 -14.12 -10.64
C THR D 142 -17.92 -12.99 -10.44
N ILE D 143 -17.38 -12.86 -9.23
CA ILE D 143 -16.42 -11.78 -8.97
C ILE D 143 -15.18 -11.98 -9.84
N LEU D 144 -14.78 -13.23 -10.05
CA LEU D 144 -13.62 -13.54 -10.87
C LEU D 144 -13.97 -13.38 -12.35
N ASP D 145 -15.20 -13.70 -12.72
CA ASP D 145 -15.64 -13.58 -14.11
C ASP D 145 -15.68 -12.11 -14.53
N THR D 146 -16.20 -11.28 -13.64
CA THR D 146 -16.27 -9.85 -13.91
C THR D 146 -14.84 -9.33 -14.10
N ALA D 147 -13.92 -9.86 -13.29
CA ALA D 147 -12.52 -9.48 -13.35
C ALA D 147 -11.88 -9.87 -14.69
N ARG D 148 -12.24 -11.06 -15.18
CA ARG D 148 -11.71 -11.54 -16.46
C ARG D 148 -12.26 -10.70 -17.62
N PHE D 149 -13.55 -10.38 -17.56
CA PHE D 149 -14.19 -9.55 -18.58
C PHE D 149 -13.46 -8.19 -18.67
N ARG D 150 -13.20 -7.57 -17.52
CA ARG D 150 -12.52 -6.28 -17.51
C ARG D 150 -11.06 -6.40 -17.97
N ALA D 151 -10.41 -7.49 -17.60
CA ALA D 151 -9.01 -7.71 -17.98
C ALA D 151 -8.89 -7.85 -19.49
N LEU D 152 -9.76 -8.67 -20.08
CA LEU D 152 -9.76 -8.88 -21.52
C LEU D 152 -10.08 -7.57 -22.24
N LEU D 153 -11.08 -6.84 -21.75
CA LEU D 153 -11.44 -5.56 -22.35
C LEU D 153 -10.29 -4.56 -22.19
N ALA D 154 -9.59 -4.64 -21.05
CA ALA D 154 -8.48 -3.74 -20.79
C ALA D 154 -7.35 -3.95 -21.80
N GLU D 155 -7.03 -5.21 -22.07
CA GLU D 155 -5.97 -5.53 -23.03
C GLU D 155 -6.32 -5.00 -24.41
N HIS D 156 -7.59 -5.13 -24.79
CA HIS D 156 -8.04 -4.68 -26.09
C HIS D 156 -8.03 -3.15 -26.21
N LEU D 157 -8.46 -2.46 -25.15
CA LEU D 157 -8.53 -0.99 -25.15
C LEU D 157 -7.26 -0.28 -24.71
N ARG D 158 -6.33 -1.03 -24.12
CA ARG D 158 -5.09 -0.45 -23.59
C ARG D 158 -5.42 0.60 -22.52
N VAL D 159 -6.28 0.20 -21.58
CA VAL D 159 -6.68 1.05 -20.45
C VAL D 159 -6.65 0.18 -19.19
N ALA D 160 -6.54 0.78 -18.02
CA ALA D 160 -6.51 0.02 -16.76
C ALA D 160 -7.86 -0.64 -16.55
N PRO D 161 -7.86 -1.93 -16.14
CA PRO D 161 -9.08 -2.70 -15.89
C PRO D 161 -10.03 -1.99 -14.93
N GLN D 162 -9.45 -1.27 -13.96
CA GLN D 162 -10.26 -0.57 -12.97
C GLN D 162 -11.07 0.58 -13.59
N SER D 163 -10.74 0.97 -14.81
CA SER D 163 -11.47 2.05 -15.48
C SER D 163 -12.58 1.47 -16.37
N VAL D 164 -12.63 0.16 -16.47
CA VAL D 164 -13.64 -0.51 -17.28
C VAL D 164 -14.78 -1.01 -16.42
N HIS D 165 -15.91 -0.33 -16.48
CA HIS D 165 -17.04 -0.71 -15.67
C HIS D 165 -17.99 -1.63 -16.42
N ALA D 166 -17.62 -2.91 -16.41
CA ALA D 166 -18.39 -3.97 -17.05
C ALA D 166 -18.59 -5.08 -16.01
N TYR D 167 -19.76 -5.72 -16.05
CA TYR D 167 -20.07 -6.79 -15.10
C TYR D 167 -20.51 -8.10 -15.74
N VAL D 168 -20.38 -9.16 -14.96
CA VAL D 168 -20.79 -10.49 -15.36
C VAL D 168 -21.72 -10.92 -14.21
N LEU D 169 -22.94 -11.31 -14.56
CA LEU D 169 -23.92 -11.71 -13.56
C LEU D 169 -24.37 -13.15 -13.69
N GLY D 170 -25.25 -13.56 -12.78
CA GLY D 170 -25.77 -14.90 -12.80
C GLY D 170 -24.91 -15.98 -12.18
N GLU D 171 -24.94 -17.15 -12.81
CA GLU D 171 -24.21 -18.32 -12.37
C GLU D 171 -22.72 -18.26 -12.69
N HIS D 172 -21.90 -18.71 -11.73
CA HIS D 172 -20.48 -18.76 -11.97
C HIS D 172 -20.30 -20.03 -12.79
N GLY D 173 -20.76 -19.99 -14.03
CA GLY D 173 -20.66 -21.13 -14.90
C GLY D 173 -20.94 -20.76 -16.35
N ASP D 174 -21.27 -21.75 -17.16
CA ASP D 174 -21.54 -21.55 -18.57
C ASP D 174 -22.75 -20.67 -18.87
N SER D 175 -23.70 -20.58 -17.94
CA SER D 175 -24.89 -19.77 -18.16
C SER D 175 -24.71 -18.33 -17.69
N GLU D 176 -23.47 -17.96 -17.33
CA GLU D 176 -23.21 -16.59 -16.87
C GLU D 176 -23.62 -15.57 -17.92
N VAL D 177 -23.88 -14.35 -17.48
CA VAL D 177 -24.31 -13.29 -18.39
C VAL D 177 -23.32 -12.12 -18.46
N LEU D 178 -22.79 -11.86 -19.64
CA LEU D 178 -21.88 -10.74 -19.83
C LEU D 178 -22.75 -9.54 -20.18
N VAL D 179 -22.73 -8.54 -19.32
CA VAL D 179 -23.56 -7.36 -19.52
C VAL D 179 -22.91 -6.33 -20.44
N TRP D 180 -22.98 -6.58 -21.74
CA TRP D 180 -22.41 -5.66 -22.72
C TRP D 180 -23.22 -4.37 -22.84
N SER D 181 -24.55 -4.50 -22.77
CA SER D 181 -25.44 -3.36 -22.92
C SER D 181 -25.12 -2.14 -22.06
N SER D 182 -24.83 -2.36 -20.78
CA SER D 182 -24.54 -1.25 -19.89
C SER D 182 -23.07 -1.00 -19.57
N ALA D 183 -22.16 -1.76 -20.19
CA ALA D 183 -20.74 -1.57 -19.93
C ALA D 183 -20.33 -0.16 -20.33
N GLN D 184 -19.56 0.50 -19.47
CA GLN D 184 -19.12 1.87 -19.75
C GLN D 184 -17.69 2.18 -19.31
N VAL D 185 -17.11 3.20 -19.95
CA VAL D 185 -15.77 3.67 -19.65
C VAL D 185 -15.86 5.19 -19.75
N GLY D 186 -15.41 5.88 -18.70
CA GLY D 186 -15.45 7.33 -18.72
C GLY D 186 -16.85 7.89 -18.95
N GLY D 187 -17.86 7.16 -18.49
CA GLY D 187 -19.24 7.59 -18.65
C GLY D 187 -19.73 7.48 -20.09
N VAL D 188 -19.10 6.60 -20.86
CA VAL D 188 -19.45 6.40 -22.26
C VAL D 188 -19.72 4.92 -22.54
N PRO D 189 -20.70 4.63 -23.41
CA PRO D 189 -21.00 3.22 -23.71
C PRO D 189 -19.70 2.56 -24.20
N LEU D 190 -19.47 1.31 -23.79
CA LEU D 190 -18.25 0.59 -24.17
C LEU D 190 -17.86 0.67 -25.64
N LEU D 191 -18.77 0.30 -26.51
CA LEU D 191 -18.50 0.32 -27.95
C LEU D 191 -18.07 1.70 -28.44
N GLU D 192 -18.76 2.74 -27.97
CA GLU D 192 -18.42 4.10 -28.37
C GLU D 192 -17.05 4.51 -27.85
N PHE D 193 -16.69 4.02 -26.66
CA PHE D 193 -15.39 4.35 -26.09
C PHE D 193 -14.33 3.71 -26.93
N ALA D 194 -14.48 2.41 -27.18
CA ALA D 194 -13.52 1.66 -27.98
C ALA D 194 -13.31 2.38 -29.30
N GLU D 195 -14.40 2.95 -29.82
CA GLU D 195 -14.37 3.69 -31.08
C GLU D 195 -13.38 4.84 -30.98
N ALA D 196 -13.69 5.80 -30.12
CA ALA D 196 -12.86 6.99 -29.93
C ALA D 196 -11.45 6.66 -29.47
N ARG D 197 -11.23 5.41 -29.04
CA ARG D 197 -9.91 4.98 -28.59
C ARG D 197 -9.08 4.48 -29.77
N GLY D 198 -9.74 4.34 -30.91
CA GLY D 198 -9.05 3.84 -32.09
C GLY D 198 -8.85 2.34 -31.98
N ARG D 199 -9.59 1.73 -31.07
CA ARG D 199 -9.52 0.29 -30.82
C ARG D 199 -10.92 -0.29 -30.76
N ALA D 200 -11.68 -0.06 -31.82
CA ALA D 200 -13.06 -0.53 -31.93
C ALA D 200 -13.22 -2.00 -31.57
N LEU D 201 -14.41 -2.34 -31.06
CA LEU D 201 -14.74 -3.71 -30.69
C LEU D 201 -15.65 -4.32 -31.75
N SER D 202 -15.06 -5.03 -32.71
CA SER D 202 -15.83 -5.65 -33.78
C SER D 202 -16.65 -6.83 -33.27
N PRO D 203 -17.68 -7.24 -34.03
CA PRO D 203 -18.51 -8.37 -33.62
C PRO D 203 -17.61 -9.58 -33.32
N GLU D 204 -16.56 -9.71 -34.12
CA GLU D 204 -15.60 -10.79 -33.94
C GLU D 204 -14.82 -10.61 -32.64
N ASP D 205 -14.40 -9.37 -32.37
CA ASP D 205 -13.66 -9.09 -31.15
C ASP D 205 -14.54 -9.48 -29.96
N ARG D 206 -15.77 -8.97 -29.95
CA ARG D 206 -16.72 -9.26 -28.88
C ARG D 206 -16.91 -10.75 -28.68
N ALA D 207 -16.98 -11.49 -29.77
CA ALA D 207 -17.17 -12.92 -29.72
C ALA D 207 -15.94 -13.59 -29.13
N ARG D 208 -14.77 -13.12 -29.52
CA ARG D 208 -13.51 -13.68 -29.04
C ARG D 208 -13.36 -13.40 -27.54
N ILE D 209 -13.77 -12.22 -27.11
CA ILE D 209 -13.69 -11.86 -25.70
C ILE D 209 -14.70 -12.65 -24.89
N ASP D 210 -15.92 -12.74 -25.41
CA ASP D 210 -16.98 -13.46 -24.72
C ASP D 210 -16.54 -14.87 -24.41
N GLU D 211 -15.82 -15.47 -25.37
CA GLU D 211 -15.33 -16.84 -25.20
C GLU D 211 -14.14 -16.89 -24.24
N GLY D 212 -13.33 -15.83 -24.25
CA GLY D 212 -12.17 -15.77 -23.36
C GLY D 212 -12.56 -15.77 -21.89
N VAL D 213 -13.74 -15.23 -21.60
CA VAL D 213 -14.25 -15.19 -20.23
C VAL D 213 -14.87 -16.54 -19.87
N ARG D 214 -15.80 -17.00 -20.71
CA ARG D 214 -16.48 -18.27 -20.50
C ARG D 214 -15.54 -19.48 -20.40
N ARG D 215 -14.47 -19.49 -21.19
CA ARG D 215 -13.52 -20.60 -21.18
C ARG D 215 -12.26 -20.31 -20.37
N ALA D 216 -12.24 -19.19 -19.66
CA ALA D 216 -11.07 -18.82 -18.86
C ALA D 216 -10.52 -19.95 -17.99
N ALA D 217 -11.36 -20.51 -17.13
CA ALA D 217 -10.93 -21.58 -16.23
C ALA D 217 -10.43 -22.80 -17.01
N TYR D 218 -11.18 -23.19 -18.03
CA TYR D 218 -10.81 -24.33 -18.86
C TYR D 218 -9.40 -24.18 -19.41
N ARG D 219 -9.12 -23.03 -20.01
CA ARG D 219 -7.80 -22.77 -20.59
C ARG D 219 -6.68 -22.83 -19.56
N ILE D 220 -6.92 -22.29 -18.37
CA ILE D 220 -5.90 -22.31 -17.32
C ILE D 220 -5.64 -23.71 -16.81
N ILE D 221 -6.71 -24.50 -16.65
CA ILE D 221 -6.57 -25.86 -16.15
C ILE D 221 -5.79 -26.70 -17.18
N GLU D 222 -6.01 -26.42 -18.46
CA GLU D 222 -5.31 -27.13 -19.52
C GLU D 222 -3.79 -26.95 -19.44
N GLY D 223 -3.36 -25.80 -18.94
CA GLY D 223 -1.93 -25.55 -18.83
C GLY D 223 -1.38 -25.69 -17.42
N LYS D 224 -2.23 -25.46 -16.43
CA LYS D 224 -1.85 -25.53 -15.02
C LYS D 224 -2.50 -26.66 -14.24
N GLY D 225 -3.67 -27.11 -14.67
CA GLY D 225 -4.35 -28.17 -13.97
C GLY D 225 -5.39 -27.61 -12.99
N ALA D 226 -5.24 -26.33 -12.65
CA ALA D 226 -6.16 -25.67 -11.73
C ALA D 226 -5.90 -24.16 -11.70
N THR D 227 -6.85 -23.41 -11.16
CA THR D 227 -6.72 -21.97 -11.04
C THR D 227 -6.78 -21.61 -9.56
N TYR D 228 -5.96 -20.66 -9.13
CA TYR D 228 -5.96 -20.24 -7.74
C TYR D 228 -5.56 -18.78 -7.50
N TYR D 229 -4.62 -18.28 -8.30
CA TYR D 229 -4.18 -16.89 -8.14
C TYR D 229 -5.31 -15.88 -8.31
N GLY D 230 -6.07 -16.02 -9.40
CA GLY D 230 -7.17 -15.11 -9.65
C GLY D 230 -8.19 -15.09 -8.52
N ILE D 231 -8.73 -16.26 -8.18
CA ILE D 231 -9.73 -16.36 -7.12
C ILE D 231 -9.14 -16.00 -5.75
N GLY D 232 -7.88 -16.37 -5.52
CA GLY D 232 -7.26 -16.06 -4.25
C GLY D 232 -7.23 -14.57 -3.98
N ALA D 233 -6.95 -13.79 -5.02
CA ALA D 233 -6.91 -12.34 -4.91
C ALA D 233 -8.32 -11.78 -4.75
N GLY D 234 -9.29 -12.38 -5.44
CA GLY D 234 -10.65 -11.92 -5.35
C GLY D 234 -11.22 -12.17 -3.96
N LEU D 235 -10.96 -13.34 -3.41
CA LEU D 235 -11.43 -13.69 -2.08
C LEU D 235 -10.80 -12.76 -1.05
N ALA D 236 -9.51 -12.47 -1.23
CA ALA D 236 -8.80 -11.59 -0.31
C ALA D 236 -9.40 -10.19 -0.38
N ARG D 237 -9.77 -9.76 -1.58
CA ARG D 237 -10.37 -8.45 -1.76
C ARG D 237 -11.70 -8.36 -1.02
N LEU D 238 -12.48 -9.44 -1.07
CA LEU D 238 -13.77 -9.48 -0.38
C LEU D 238 -13.60 -9.50 1.13
N VAL D 239 -12.61 -10.26 1.62
CA VAL D 239 -12.35 -10.32 3.05
C VAL D 239 -11.95 -8.92 3.54
N ARG D 240 -11.13 -8.23 2.76
CA ARG D 240 -10.71 -6.88 3.13
C ARG D 240 -11.91 -5.93 3.20
N ALA D 241 -12.81 -6.04 2.23
CA ALA D 241 -13.99 -5.18 2.21
C ALA D 241 -14.83 -5.42 3.47
N ILE D 242 -14.92 -6.68 3.87
CA ILE D 242 -15.69 -7.06 5.05
C ILE D 242 -15.06 -6.54 6.34
N LEU D 243 -13.77 -6.78 6.52
CA LEU D 243 -13.09 -6.33 7.74
C LEU D 243 -13.07 -4.82 7.90
N THR D 244 -12.95 -4.09 6.79
CA THR D 244 -12.91 -2.63 6.85
C THR D 244 -14.28 -1.97 6.73
N ASP D 245 -15.33 -2.77 6.60
CA ASP D 245 -16.69 -2.24 6.45
C ASP D 245 -16.64 -1.20 5.34
N GLU D 246 -16.07 -1.64 4.23
CA GLU D 246 -15.89 -0.82 3.04
C GLU D 246 -17.14 -0.22 2.40
N LYS D 247 -18.19 -1.00 2.27
CA LYS D 247 -19.43 -0.57 1.63
C LYS D 247 -19.16 -0.44 0.14
N GLY D 248 -18.32 -1.34 -0.38
CA GLY D 248 -18.00 -1.33 -1.80
C GLY D 248 -18.95 -2.22 -2.59
N VAL D 249 -19.11 -1.94 -3.87
CA VAL D 249 -20.00 -2.74 -4.72
C VAL D 249 -19.24 -3.79 -5.54
N TYR D 250 -19.68 -5.04 -5.44
CA TYR D 250 -19.07 -6.14 -6.18
C TYR D 250 -20.14 -7.14 -6.66
N THR D 251 -19.83 -7.89 -7.70
CA THR D 251 -20.76 -8.90 -8.20
C THR D 251 -20.45 -10.18 -7.45
N VAL D 252 -21.24 -10.46 -6.41
CA VAL D 252 -21.04 -11.65 -5.60
C VAL D 252 -22.33 -12.47 -5.48
N SER D 253 -22.20 -13.73 -5.09
CA SER D 253 -23.34 -14.62 -4.96
C SER D 253 -23.97 -14.55 -3.56
N ALA D 254 -25.29 -14.66 -3.50
CA ALA D 254 -26.01 -14.63 -2.22
C ALA D 254 -27.43 -15.13 -2.42
N PHE D 255 -28.03 -15.65 -1.35
CA PHE D 255 -29.40 -16.13 -1.42
C PHE D 255 -30.29 -14.98 -1.84
N THR D 256 -30.95 -15.13 -2.98
CA THR D 256 -31.83 -14.08 -3.48
C THR D 256 -33.28 -14.51 -3.45
N PRO D 257 -34.16 -13.65 -2.89
CA PRO D 257 -35.60 -13.94 -2.80
C PRO D 257 -36.29 -14.08 -4.15
N GLU D 258 -36.03 -13.16 -5.06
CA GLU D 258 -36.65 -13.19 -6.39
C GLU D 258 -35.77 -12.54 -7.47
N VAL D 259 -35.49 -13.31 -8.53
CA VAL D 259 -34.67 -12.84 -9.64
C VAL D 259 -35.30 -13.20 -10.97
N GLU D 260 -35.71 -12.19 -11.73
CA GLU D 260 -36.32 -12.41 -13.04
C GLU D 260 -37.40 -13.48 -12.99
N GLY D 261 -38.06 -13.60 -11.84
CA GLY D 261 -39.12 -14.59 -11.71
C GLY D 261 -38.76 -15.71 -10.75
N VAL D 262 -37.59 -16.32 -10.94
CA VAL D 262 -37.17 -17.41 -10.09
C VAL D 262 -37.14 -16.95 -8.64
N LEU D 263 -37.44 -17.85 -7.71
CA LEU D 263 -37.47 -17.50 -6.30
C LEU D 263 -36.49 -18.29 -5.44
N GLU D 264 -36.03 -17.65 -4.36
CA GLU D 264 -35.10 -18.28 -3.42
C GLU D 264 -33.99 -19.06 -4.13
N VAL D 265 -33.01 -18.34 -4.65
CA VAL D 265 -31.88 -18.96 -5.35
C VAL D 265 -30.65 -18.08 -5.16
N SER D 266 -29.47 -18.71 -5.16
CA SER D 266 -28.21 -17.99 -4.98
C SER D 266 -27.50 -17.78 -6.32
N LEU D 267 -27.33 -16.51 -6.69
CA LEU D 267 -26.63 -16.13 -7.93
C LEU D 267 -26.00 -14.75 -7.73
N SER D 268 -25.14 -14.35 -8.66
CA SER D 268 -24.47 -13.06 -8.55
C SER D 268 -25.22 -11.87 -9.11
N LEU D 269 -25.13 -10.78 -8.37
CA LEU D 269 -25.72 -9.49 -8.71
C LEU D 269 -24.81 -8.46 -8.05
N PRO D 270 -24.87 -7.19 -8.49
CA PRO D 270 -24.01 -6.18 -7.85
C PRO D 270 -24.55 -5.96 -6.44
N ARG D 271 -23.70 -6.11 -5.43
CA ARG D 271 -24.13 -5.93 -4.05
C ARG D 271 -23.19 -5.07 -3.20
N ILE D 272 -23.72 -4.43 -2.16
CA ILE D 272 -22.91 -3.62 -1.27
C ILE D 272 -22.30 -4.56 -0.23
N LEU D 273 -20.98 -4.54 -0.12
CA LEU D 273 -20.28 -5.41 0.79
C LEU D 273 -19.70 -4.64 1.97
N GLY D 274 -20.00 -5.10 3.19
CA GLY D 274 -19.52 -4.46 4.39
C GLY D 274 -19.30 -5.42 5.55
N ALA D 275 -19.25 -4.89 6.76
CA ALA D 275 -19.01 -5.67 7.96
C ALA D 275 -20.00 -6.81 8.16
N GLY D 276 -21.25 -6.62 7.73
CA GLY D 276 -22.24 -7.67 7.89
C GLY D 276 -22.35 -8.54 6.65
N GLY D 277 -21.39 -8.42 5.75
CA GLY D 277 -21.41 -9.18 4.52
C GLY D 277 -22.18 -8.38 3.50
N VAL D 278 -23.05 -9.02 2.73
CA VAL D 278 -23.84 -8.30 1.74
C VAL D 278 -24.93 -7.55 2.48
N GLU D 279 -25.08 -6.26 2.20
CA GLU D 279 -26.10 -5.44 2.85
C GLU D 279 -26.92 -4.66 1.85
N GLY D 280 -26.91 -5.11 0.60
CA GLY D 280 -27.67 -4.43 -0.43
C GLY D 280 -27.49 -5.11 -1.76
N THR D 281 -28.59 -5.24 -2.49
CA THR D 281 -28.58 -5.89 -3.79
C THR D 281 -29.26 -4.99 -4.82
N VAL D 282 -28.62 -4.86 -5.98
CA VAL D 282 -29.16 -4.04 -7.04
C VAL D 282 -29.22 -4.83 -8.35
N TYR D 283 -30.05 -4.37 -9.27
CA TYR D 283 -30.21 -5.01 -10.57
C TYR D 283 -29.84 -4.01 -11.66
N PRO D 284 -28.73 -4.26 -12.38
CA PRO D 284 -28.28 -3.36 -13.44
C PRO D 284 -29.21 -3.26 -14.62
N SER D 285 -28.95 -2.26 -15.46
CA SER D 285 -29.74 -2.05 -16.66
C SER D 285 -29.34 -3.13 -17.65
N LEU D 286 -30.29 -4.00 -17.98
CA LEU D 286 -30.02 -5.09 -18.91
C LEU D 286 -30.86 -4.97 -20.17
N SER D 287 -30.40 -5.62 -21.23
CA SER D 287 -31.12 -5.63 -22.49
C SER D 287 -32.06 -6.83 -22.43
N PRO D 288 -33.04 -6.89 -23.36
CA PRO D 288 -33.98 -8.02 -23.36
C PRO D 288 -33.23 -9.35 -23.37
N GLU D 289 -32.23 -9.43 -24.24
CA GLU D 289 -31.41 -10.64 -24.39
C GLU D 289 -30.75 -11.06 -23.07
N GLU D 290 -30.15 -10.10 -22.39
CA GLU D 290 -29.46 -10.39 -21.12
C GLU D 290 -30.43 -10.81 -20.03
N ARG D 291 -31.60 -10.18 -19.99
CA ARG D 291 -32.60 -10.53 -18.99
C ARG D 291 -32.93 -12.01 -19.13
N GLU D 292 -33.29 -12.41 -20.34
CA GLU D 292 -33.64 -13.79 -20.63
C GLU D 292 -32.52 -14.73 -20.21
N ALA D 293 -31.29 -14.35 -20.51
CA ALA D 293 -30.13 -15.15 -20.17
C ALA D 293 -30.00 -15.27 -18.66
N LEU D 294 -30.28 -14.18 -17.96
CA LEU D 294 -30.19 -14.19 -16.50
C LEU D 294 -31.27 -15.09 -15.92
N ARG D 295 -32.46 -15.03 -16.51
CA ARG D 295 -33.58 -15.86 -16.06
C ARG D 295 -33.20 -17.33 -16.24
N ARG D 296 -32.70 -17.67 -17.42
CA ARG D 296 -32.30 -19.04 -17.72
C ARG D 296 -31.31 -19.51 -16.67
N SER D 297 -30.32 -18.65 -16.39
CA SER D 297 -29.29 -18.97 -15.40
C SER D 297 -29.90 -19.23 -14.03
N ALA D 298 -30.80 -18.34 -13.61
CA ALA D 298 -31.47 -18.47 -12.32
C ALA D 298 -32.29 -19.76 -12.27
N GLU D 299 -33.09 -19.98 -13.31
CA GLU D 299 -33.93 -21.17 -13.39
C GLU D 299 -33.03 -22.39 -13.24
N ILE D 300 -31.96 -22.41 -14.04
CA ILE D 300 -30.99 -23.49 -14.01
C ILE D 300 -30.46 -23.70 -12.60
N LEU D 301 -30.12 -22.59 -11.92
CA LEU D 301 -29.61 -22.68 -10.57
C LEU D 301 -30.67 -23.13 -9.57
N LYS D 302 -31.90 -22.65 -9.75
CA LYS D 302 -32.98 -23.03 -8.85
C LYS D 302 -33.17 -24.55 -8.90
N GLU D 303 -33.28 -25.08 -10.12
CA GLU D 303 -33.45 -26.51 -10.32
C GLU D 303 -32.37 -27.31 -9.61
N ALA D 304 -31.12 -26.93 -9.81
CA ALA D 304 -29.98 -27.61 -9.20
C ALA D 304 -30.05 -27.63 -7.67
N ALA D 305 -30.43 -26.49 -7.09
CA ALA D 305 -30.51 -26.39 -5.64
C ALA D 305 -31.60 -27.32 -5.11
N PHE D 306 -32.79 -27.22 -5.68
CA PHE D 306 -33.91 -28.05 -5.28
C PHE D 306 -33.54 -29.53 -5.26
N ALA D 307 -32.94 -29.99 -6.36
CA ALA D 307 -32.51 -31.38 -6.48
C ALA D 307 -31.74 -31.86 -5.27
N LEU D 308 -30.82 -31.04 -4.77
CA LEU D 308 -30.03 -31.39 -3.60
C LEU D 308 -30.89 -31.29 -2.35
N GLY D 309 -31.98 -30.55 -2.44
CA GLY D 309 -32.85 -30.38 -1.30
C GLY D 309 -32.69 -29.04 -0.59
N PHE D 310 -32.05 -28.08 -1.26
CA PHE D 310 -31.87 -26.76 -0.65
C PHE D 310 -32.51 -25.67 -1.50
C1 OXM E . -9.64 25.54 -5.40
N1 OXM E . -9.31 26.57 -4.58
O1 OXM E . -9.26 25.56 -6.60
C2 OXM E . -10.43 24.43 -4.89
O2 OXM E . -11.51 24.16 -5.44
O3 OXM E . -10.03 23.75 -3.91
P1 FBP F . -14.06 5.66 -12.66
O1P FBP F . -13.46 4.98 -13.81
O2P FBP F . -13.28 6.88 -12.33
O3P FBP F . -15.57 6.10 -12.95
O1 FBP F . -14.08 4.68 -11.38
C1 FBP F . -12.77 4.19 -11.05
C2 FBP F . -13.02 3.30 -9.83
O2 FBP F . -13.56 4.12 -8.80
C3 FBP F . -11.75 2.58 -9.29
O3 FBP F . -11.03 3.34 -8.32
C4 FBP F . -12.38 1.25 -8.77
O4 FBP F . -11.41 0.22 -8.61
C5 FBP F . -13.44 0.99 -9.86
O5 FBP F . -13.95 2.29 -10.17
C6 FBP F . -14.63 0.15 -9.42
O6 FBP F . -15.46 0.07 -10.58
P2 FBP F . -16.82 -0.75 -10.29
O4P FBP F . -17.60 -0.06 -9.23
O5P FBP F . -17.69 -0.80 -11.63
O6P FBP F . -16.47 -2.24 -9.82
PA NAD G . 1.00 29.74 -1.58
O1A NAD G . 0.43 31.02 -1.97
O2A NAD G . 0.57 28.91 -0.42
O5B NAD G . 1.74 28.96 -2.78
C5B NAD G . 2.32 29.72 -3.83
C4B NAD G . 3.80 29.55 -3.82
O4B NAD G . 4.34 29.68 -5.20
C3B NAD G . 4.47 30.62 -3.00
O3B NAD G . 5.21 30.00 -1.88
C2B NAD G . 5.40 31.36 -3.99
O2B NAD G . 6.59 31.83 -3.40
C1B NAD G . 5.63 30.34 -5.05
N9A NAD G . 6.11 30.96 -6.37
C8A NAD G . 5.62 32.09 -7.01
N7A NAD G . 6.37 32.27 -8.16
C5A NAD G . 7.23 31.27 -8.17
C6A NAD G . 8.18 31.12 -9.20
N6A NAD G . 8.26 31.96 -10.23
N1A NAD G . 9.04 30.06 -9.10
C2A NAD G . 8.96 29.19 -8.02
N3A NAD G . 8.01 29.40 -7.04
C4A NAD G . 7.13 30.47 -7.13
O3 NAD G . -0.38 29.14 -2.22
PN NAD G . -1.11 27.74 -2.43
O1N NAD G . -2.17 27.68 -1.43
O2N NAD G . -0.07 26.65 -2.39
O5D NAD G . -1.82 27.79 -3.85
C5D NAD G . -1.06 27.84 -5.08
C4D NAD G . -1.98 27.87 -6.29
O4D NAD G . -2.74 26.60 -6.45
C3D NAD G . -3.02 28.95 -6.21
O3D NAD G . -3.21 29.57 -7.54
C2D NAD G . -4.26 28.26 -5.76
O2D NAD G . -5.44 29.05 -6.06
C1D NAD G . -4.13 26.97 -6.51
N1N NAD G . -5.01 25.88 -6.01
C2N NAD G . -5.57 25.02 -6.99
C3N NAD G . -6.40 23.98 -6.64
C7N NAD G . -6.96 23.09 -7.73
O7N NAD G . -7.93 22.35 -7.52
N7N NAD G . -6.34 23.18 -8.92
C4N NAD G . -6.69 23.73 -5.27
C5N NAD G . -6.15 24.58 -4.26
C6N NAD G . -5.29 25.65 -4.63
C1 GOL H . -12.13 11.88 -8.75
O1 GOL H . -11.38 12.53 -9.79
C2 GOL H . -11.62 10.45 -8.47
O2 GOL H . -12.75 9.63 -8.21
C3 GOL H . -10.81 9.88 -9.65
O3 GOL H . -10.88 8.46 -9.67
C1 OXM I . 8.62 20.02 17.55
N1 OXM I . 8.70 21.37 17.66
O1 OXM I . 7.96 19.35 18.41
C2 OXM I . 9.31 19.33 16.47
O2 OXM I . 10.32 18.64 16.74
O3 OXM I . 8.93 19.44 15.26
P1 FBP J . 17.06 -4.78 8.74
O1P FBP J . 17.81 -3.60 8.30
O2P FBP J . 16.84 -5.69 7.61
O3P FBP J . 17.90 -5.55 9.88
O1 FBP J . 15.65 -4.38 9.38
C1 FBP J . 14.85 -3.65 8.43
C2 FBP J . 13.55 -3.35 9.16
O2 FBP J . 12.94 -4.59 9.56
C3 FBP J . 12.54 -2.54 8.32
O3 FBP J . 11.61 -3.36 7.60
C4 FBP J . 11.88 -1.65 9.42
O4 FBP J . 11.23 -0.50 8.87
C5 FBP J . 13.12 -1.34 10.30
O5 FBP J . 13.85 -2.57 10.31
C6 FBP J . 12.81 -1.01 11.76
O6 FBP J . 14.09 -0.77 12.38
P2 FBP J . 13.95 -0.43 13.95
O4P FBP J . 13.33 -1.56 14.66
O5P FBP J . 15.41 -0.17 14.55
O6P FBP J . 13.05 0.89 14.15
PA NAD K . -2.62 25.00 16.06
O1A NAD K . -2.02 25.91 17.04
O2A NAD K . -2.26 24.93 14.61
O5B NAD K . -3.28 23.65 16.72
C5B NAD K . -3.96 23.74 17.98
C4B NAD K . -5.43 23.62 17.78
O4B NAD K . -6.11 22.96 18.94
C3B NAD K . -6.05 24.96 17.61
O3B NAD K . -6.61 25.08 16.26
C2B NAD K . -7.13 25.07 18.72
O2B NAD K . -8.32 25.73 18.27
C1B NAD K . -7.37 23.66 19.17
N9A NAD K . -7.83 23.57 20.65
C8A NAD K . -7.33 24.30 21.73
N7A NAD K . -8.02 23.91 22.86
C5A NAD K . -8.88 23.00 22.44
C6A NAD K . -9.77 22.35 23.33
N6A NAD K . -9.80 22.63 24.64
N1A NAD K . -10.61 21.41 22.80
C2A NAD K . -10.56 21.13 21.44
N3A NAD K . -9.67 21.80 20.61
C4A NAD K . -8.80 22.75 21.15
O3 NAD K . -1.23 24.21 16.23
PN NAD K . -0.48 22.92 15.67
O1N NAD K . 0.52 23.39 14.72
O2N NAD K . -1.53 21.96 15.14
O5D NAD K . 0.25 22.30 16.95
C5D NAD K . -0.53 21.76 18.05
C4D NAD K . 0.32 21.20 19.16
O4D NAD K . 1.15 20.05 18.70
C3D NAD K . 1.29 22.20 19.73
O3D NAD K . 1.41 22.05 21.20
C2D NAD K . 2.59 21.87 19.06
O2D NAD K . 3.71 22.44 19.80
C1D NAD K . 2.51 20.39 19.06
N1N NAD K . 3.50 19.73 18.19
C2N NAD K . 3.97 18.49 18.62
C3N NAD K . 4.92 17.77 17.91
C7N NAD K . 5.38 16.43 18.44
O7N NAD K . 6.54 16.04 18.29
N7N NAD K . 4.42 15.72 19.09
C4N NAD K . 5.43 18.31 16.69
C5N NAD K . 4.98 19.58 16.21
C6N NAD K . 4.01 20.30 16.97
C1 GOL L . 11.62 6.70 13.65
O1 GOL L . 10.88 6.69 14.86
C2 GOL L . 11.15 5.60 12.67
O2 GOL L . 12.32 4.99 12.10
C3 GOL L . 10.29 4.53 13.37
O3 GOL L . 10.51 3.24 12.79
C1 OXM M . 14.34 -23.52 -0.81
N1 OXM M . 13.58 -24.23 -1.67
O1 OXM M . 15.54 -23.22 -1.15
C2 OXM M . 13.82 -23.10 0.50
O2 OXM M . 14.63 -22.80 1.43
O3 OXM M . 12.55 -23.06 0.72
C1 GOL N . 14.24 -11.25 5.40
O1 GOL N . 15.44 -11.20 4.61
C2 GOL N . 13.75 -9.84 5.79
O2 GOL N . 14.12 -9.59 7.15
C3 GOL N . 14.34 -8.74 4.88
O3 GOL N . 14.17 -7.44 5.48
C1 OXM O . -13.28 -21.86 -11.48
N1 OXM O . -12.93 -23.07 -11.92
O1 OXM O . -14.11 -21.74 -10.52
C2 OXM O . -12.72 -20.66 -12.07
O2 OXM O . -13.48 -19.88 -12.71
O3 OXM O . -11.48 -20.40 -11.96
PA NAD P . -7.89 -28.93 -3.04
O1A NAD P . -8.81 -29.86 -3.70
O2A NAD P . -6.67 -28.35 -3.65
O5B NAD P . -8.57 -28.08 -1.84
C5B NAD P . -9.60 -28.68 -1.06
C4B NAD P . -9.16 -28.85 0.35
O4B NAD P . -10.31 -28.85 1.29
C3B NAD P . -8.44 -30.14 0.55
O3B NAD P . -7.07 -29.88 0.98
C2B NAD P . -9.24 -30.88 1.64
O2B NAD P . -8.41 -31.65 2.49
C1B NAD P . -9.94 -29.77 2.36
N9A NAD P . -11.16 -30.21 3.18
C8A NAD P . -12.23 -31.02 2.78
N7A NAD P . -13.09 -31.14 3.84
C5A NAD P . -12.54 -30.44 4.82
C6A NAD P . -13.13 -30.32 6.09
N6A NAD P . -14.28 -30.90 6.40
N1A NAD P . -12.46 -29.55 7.02
C2A NAD P . -11.26 -28.94 6.68
N3A NAD P . -10.73 -29.10 5.41
C4A NAD P . -11.40 -29.87 4.47
O3 NAD P . -8.61 -27.87 -4.03
PN NAD P . -8.51 -26.33 -4.39
O1N NAD P . -7.77 -26.22 -5.64
O2N NAD P . -7.96 -25.60 -3.18
O5D NAD P . -10.02 -25.90 -4.69
C5D NAD P . -11.00 -25.91 -3.60
C4D NAD P . -12.38 -25.50 -4.06
O4D NAD P . -12.42 -24.10 -4.55
C3D NAD P . -12.91 -26.34 -5.17
O3D NAD P . -14.35 -26.59 -4.99
C2D NAD P . -12.67 -25.51 -6.39
O2D NAD P . -13.48 -25.98 -7.50
C1D NAD P . -13.01 -24.16 -5.87
N1N NAD P . -12.57 -23.03 -6.74
C2N NAD P . -13.46 -21.95 -6.85
C3N NAD P . -13.16 -20.84 -7.62
C7N NAD P . -14.18 -19.70 -7.71
O7N NAD P . -14.19 -18.93 -8.69
N7N NAD P . -15.01 -19.59 -6.68
C4N NAD P . -11.92 -20.78 -8.31
C5N NAD P . -10.98 -21.86 -8.22
C6N NAD P . -11.31 -23.01 -7.42
C1 GOL Q . -14.02 -7.72 -10.58
O1 GOL Q . -14.92 -8.33 -9.65
C2 GOL Q . -13.36 -6.45 -9.99
O2 GOL Q . -13.05 -5.58 -11.07
C3 GOL Q . -14.31 -5.75 -8.99
O3 GOL Q . -13.70 -4.54 -8.51
#